data_8K4M
# 
_entry.id   8K4M 
# 
_audit_conform.dict_name       mmcif_pdbx.dic 
_audit_conform.dict_version    5.395 
_audit_conform.dict_location   http://mmcif.pdb.org/dictionaries/ascii/mmcif_pdbx.dic 
# 
loop_
_database_2.database_id 
_database_2.database_code 
_database_2.pdbx_database_accession 
_database_2.pdbx_DOI 
PDB   8K4M         pdb_00008k4m 10.2210/pdb8k4m/pdb 
WWPDB D_1300039235 ?            ?                   
# 
_pdbx_audit_revision_history.ordinal             1 
_pdbx_audit_revision_history.data_content_type   'Structure model' 
_pdbx_audit_revision_history.major_revision      1 
_pdbx_audit_revision_history.minor_revision      0 
_pdbx_audit_revision_history.revision_date       2024-07-24 
# 
_pdbx_audit_revision_details.ordinal             1 
_pdbx_audit_revision_details.revision_ordinal    1 
_pdbx_audit_revision_details.data_content_type   'Structure model' 
_pdbx_audit_revision_details.provider            repository 
_pdbx_audit_revision_details.type                'Initial release' 
_pdbx_audit_revision_details.description         ? 
_pdbx_audit_revision_details.details             ? 
# 
_pdbx_database_status.status_code                     REL 
_pdbx_database_status.status_code_sf                  REL 
_pdbx_database_status.status_code_mr                  ? 
_pdbx_database_status.entry_id                        8K4M 
_pdbx_database_status.recvd_initial_deposition_date   2023-07-19 
_pdbx_database_status.SG_entry                        N 
_pdbx_database_status.deposit_site                    PDBJ 
_pdbx_database_status.process_site                    PDBJ 
_pdbx_database_status.status_code_cs                  ? 
_pdbx_database_status.status_code_nmr_data            ? 
_pdbx_database_status.methods_development_category    ? 
_pdbx_database_status.pdb_format_compatible           Y 
# 
_pdbx_contact_author.id                 2 
_pdbx_contact_author.email              xrayleox@cau.ac.kr 
_pdbx_contact_author.name_first         'Hyun ho' 
_pdbx_contact_author.name_last          Park 
_pdbx_contact_author.name_mi            ? 
_pdbx_contact_author.role               'principal investigator/group leader' 
_pdbx_contact_author.identifier_ORCID   0000-0001-9928-0847 
# 
loop_
_audit_author.name 
_audit_author.pdbx_ordinal 
_audit_author.identifier_ORCID 
'Lee, S.Y.'  1 ? 
'Park, H.H.' 2 ? 
# 
_citation.abstract                  ? 
_citation.abstract_id_CAS           ? 
_citation.book_id_ISBN              ? 
_citation.book_publisher            ? 
_citation.book_publisher_city       ? 
_citation.book_title                ? 
_citation.coordinate_linkage        ? 
_citation.country                   ? 
_citation.database_id_Medline       ? 
_citation.details                   ? 
_citation.id                        primary 
_citation.journal_abbrev            'To Be Published' 
_citation.journal_id_ASTM           ? 
_citation.journal_id_CSD            0353 
_citation.journal_id_ISSN           ? 
_citation.journal_full              ? 
_citation.journal_issue             ? 
_citation.journal_volume            ? 
_citation.language                  ? 
_citation.page_first                ? 
_citation.page_last                 ? 
_citation.title                     'Structure of AcrIIA13b at 1.53 Angstroms resolution.' 
_citation.year                      ? 
_citation.database_id_CSD           ? 
_citation.pdbx_database_id_DOI      ? 
_citation.pdbx_database_id_PubMed   ? 
_citation.pdbx_database_id_patent   ? 
_citation.unpublished_flag          ? 
# 
loop_
_citation_author.citation_id 
_citation_author.name 
_citation_author.ordinal 
_citation_author.identifier_ORCID 
primary 'Lee, S.Y.'  1 ? 
primary 'Park, H.H.' 2 ? 
# 
loop_
_entity.id 
_entity.type 
_entity.src_method 
_entity.pdbx_description 
_entity.formula_weight 
_entity.pdbx_number_of_molecules 
_entity.pdbx_ec 
_entity.pdbx_mutation 
_entity.pdbx_fragment 
_entity.details 
1 polymer man 'Anti CRISPR protein' 16333.028 1  ? ? ? ? 
2 water   nat water                 18.015    91 ? ? ? ? 
# 
_entity_poly.entity_id                      1 
_entity_poly.type                           'polypeptide(L)' 
_entity_poly.nstd_linkage                   no 
_entity_poly.nstd_monomer                   no 
_entity_poly.pdbx_seq_one_letter_code       
;MNELNNKMIEDVVLGEVELIEDLGQYFIDIEGDYEYNVEFATLSEVDYKVCALYEVATSKTYEVPYHDKLEKEDMKLFYD
KWLEKDQQEETYIESVFFVNREDAESYIKDVLKGKESLTEVAAEIGYFELEHHHHHH
;
_entity_poly.pdbx_seq_one_letter_code_can   
;MNELNNKMIEDVVLGEVELIEDLGQYFIDIEGDYEYNVEFATLSEVDYKVCALYEVATSKTYEVPYHDKLEKEDMKLFYD
KWLEKDQQEETYIESVFFVNREDAESYIKDVLKGKESLTEVAAEIGYFELEHHHHHH
;
_entity_poly.pdbx_strand_id                 A 
_entity_poly.pdbx_target_identifier         ? 
# 
_pdbx_entity_nonpoly.entity_id   2 
_pdbx_entity_nonpoly.name        water 
_pdbx_entity_nonpoly.comp_id     HOH 
# 
loop_
_entity_poly_seq.entity_id 
_entity_poly_seq.num 
_entity_poly_seq.mon_id 
_entity_poly_seq.hetero 
1 1   MET n 
1 2   ASN n 
1 3   GLU n 
1 4   LEU n 
1 5   ASN n 
1 6   ASN n 
1 7   LYS n 
1 8   MET n 
1 9   ILE n 
1 10  GLU n 
1 11  ASP n 
1 12  VAL n 
1 13  VAL n 
1 14  LEU n 
1 15  GLY n 
1 16  GLU n 
1 17  VAL n 
1 18  GLU n 
1 19  LEU n 
1 20  ILE n 
1 21  GLU n 
1 22  ASP n 
1 23  LEU n 
1 24  GLY n 
1 25  GLN n 
1 26  TYR n 
1 27  PHE n 
1 28  ILE n 
1 29  ASP n 
1 30  ILE n 
1 31  GLU n 
1 32  GLY n 
1 33  ASP n 
1 34  TYR n 
1 35  GLU n 
1 36  TYR n 
1 37  ASN n 
1 38  VAL n 
1 39  GLU n 
1 40  PHE n 
1 41  ALA n 
1 42  THR n 
1 43  LEU n 
1 44  SER n 
1 45  GLU n 
1 46  VAL n 
1 47  ASP n 
1 48  TYR n 
1 49  LYS n 
1 50  VAL n 
1 51  CYS n 
1 52  ALA n 
1 53  LEU n 
1 54  TYR n 
1 55  GLU n 
1 56  VAL n 
1 57  ALA n 
1 58  THR n 
1 59  SER n 
1 60  LYS n 
1 61  THR n 
1 62  TYR n 
1 63  GLU n 
1 64  VAL n 
1 65  PRO n 
1 66  TYR n 
1 67  HIS n 
1 68  ASP n 
1 69  LYS n 
1 70  LEU n 
1 71  GLU n 
1 72  LYS n 
1 73  GLU n 
1 74  ASP n 
1 75  MET n 
1 76  LYS n 
1 77  LEU n 
1 78  PHE n 
1 79  TYR n 
1 80  ASP n 
1 81  LYS n 
1 82  TRP n 
1 83  LEU n 
1 84  GLU n 
1 85  LYS n 
1 86  ASP n 
1 87  GLN n 
1 88  GLN n 
1 89  GLU n 
1 90  GLU n 
1 91  THR n 
1 92  TYR n 
1 93  ILE n 
1 94  GLU n 
1 95  SER n 
1 96  VAL n 
1 97  PHE n 
1 98  PHE n 
1 99  VAL n 
1 100 ASN n 
1 101 ARG n 
1 102 GLU n 
1 103 ASP n 
1 104 ALA n 
1 105 GLU n 
1 106 SER n 
1 107 TYR n 
1 108 ILE n 
1 109 LYS n 
1 110 ASP n 
1 111 VAL n 
1 112 LEU n 
1 113 LYS n 
1 114 GLY n 
1 115 LYS n 
1 116 GLU n 
1 117 SER n 
1 118 LEU n 
1 119 THR n 
1 120 GLU n 
1 121 VAL n 
1 122 ALA n 
1 123 ALA n 
1 124 GLU n 
1 125 ILE n 
1 126 GLY n 
1 127 TYR n 
1 128 PHE n 
1 129 GLU n 
1 130 LEU n 
1 131 GLU n 
1 132 HIS n 
1 133 HIS n 
1 134 HIS n 
1 135 HIS n 
1 136 HIS n 
1 137 HIS n 
# 
_entity_src_gen.entity_id                          1 
_entity_src_gen.pdbx_src_id                        1 
_entity_src_gen.pdbx_alt_source_flag               sample 
_entity_src_gen.pdbx_seq_type                      'Biological sequence' 
_entity_src_gen.pdbx_beg_seq_num                   1 
_entity_src_gen.pdbx_end_seq_num                   137 
_entity_src_gen.gene_src_common_name               ? 
_entity_src_gen.gene_src_genus                     ? 
_entity_src_gen.pdbx_gene_src_gene                 ? 
_entity_src_gen.gene_src_species                   ? 
_entity_src_gen.gene_src_strain                    ? 
_entity_src_gen.gene_src_tissue                    ? 
_entity_src_gen.gene_src_tissue_fraction           ? 
_entity_src_gen.gene_src_details                   ? 
_entity_src_gen.pdbx_gene_src_fragment             ? 
_entity_src_gen.pdbx_gene_src_scientific_name      'Staphylococcus haemolyticus' 
_entity_src_gen.pdbx_gene_src_ncbi_taxonomy_id     1283 
_entity_src_gen.pdbx_gene_src_variant              ? 
_entity_src_gen.pdbx_gene_src_cell_line            ? 
_entity_src_gen.pdbx_gene_src_atcc                 ? 
_entity_src_gen.pdbx_gene_src_organ                ? 
_entity_src_gen.pdbx_gene_src_organelle            ? 
_entity_src_gen.pdbx_gene_src_cell                 ? 
_entity_src_gen.pdbx_gene_src_cellular_location    ? 
_entity_src_gen.host_org_common_name               ? 
_entity_src_gen.pdbx_host_org_scientific_name      'Escherichia coli BL21(DE3)' 
_entity_src_gen.pdbx_host_org_ncbi_taxonomy_id     469008 
_entity_src_gen.host_org_genus                     ? 
_entity_src_gen.pdbx_host_org_gene                 ? 
_entity_src_gen.pdbx_host_org_organ                ? 
_entity_src_gen.host_org_species                   ? 
_entity_src_gen.pdbx_host_org_tissue               ? 
_entity_src_gen.pdbx_host_org_tissue_fraction      ? 
_entity_src_gen.pdbx_host_org_strain               ? 
_entity_src_gen.pdbx_host_org_variant              ? 
_entity_src_gen.pdbx_host_org_cell_line            ? 
_entity_src_gen.pdbx_host_org_atcc                 ? 
_entity_src_gen.pdbx_host_org_culture_collection   ? 
_entity_src_gen.pdbx_host_org_cell                 ? 
_entity_src_gen.pdbx_host_org_organelle            ? 
_entity_src_gen.pdbx_host_org_cellular_location    ? 
_entity_src_gen.pdbx_host_org_vector_type          ? 
_entity_src_gen.pdbx_host_org_vector               ? 
_entity_src_gen.host_org_details                   ? 
_entity_src_gen.expression_system_id               ? 
_entity_src_gen.plasmid_name                       ? 
_entity_src_gen.plasmid_details                    ? 
_entity_src_gen.pdbx_description                   ? 
# 
loop_
_chem_comp.id 
_chem_comp.type 
_chem_comp.mon_nstd_flag 
_chem_comp.name 
_chem_comp.pdbx_synonyms 
_chem_comp.formula 
_chem_comp.formula_weight 
ALA 'L-peptide linking' y ALANINE         ? 'C3 H7 N O2'     89.093  
ARG 'L-peptide linking' y ARGININE        ? 'C6 H15 N4 O2 1' 175.209 
ASN 'L-peptide linking' y ASPARAGINE      ? 'C4 H8 N2 O3'    132.118 
ASP 'L-peptide linking' y 'ASPARTIC ACID' ? 'C4 H7 N O4'     133.103 
CYS 'L-peptide linking' y CYSTEINE        ? 'C3 H7 N O2 S'   121.158 
GLN 'L-peptide linking' y GLUTAMINE       ? 'C5 H10 N2 O3'   146.144 
GLU 'L-peptide linking' y 'GLUTAMIC ACID' ? 'C5 H9 N O4'     147.129 
GLY 'peptide linking'   y GLYCINE         ? 'C2 H5 N O2'     75.067  
HIS 'L-peptide linking' y HISTIDINE       ? 'C6 H10 N3 O2 1' 156.162 
HOH non-polymer         . WATER           ? 'H2 O'           18.015  
ILE 'L-peptide linking' y ISOLEUCINE      ? 'C6 H13 N O2'    131.173 
LEU 'L-peptide linking' y LEUCINE         ? 'C6 H13 N O2'    131.173 
LYS 'L-peptide linking' y LYSINE          ? 'C6 H15 N2 O2 1' 147.195 
MET 'L-peptide linking' y METHIONINE      ? 'C5 H11 N O2 S'  149.211 
PHE 'L-peptide linking' y PHENYLALANINE   ? 'C9 H11 N O2'    165.189 
PRO 'L-peptide linking' y PROLINE         ? 'C5 H9 N O2'     115.130 
SER 'L-peptide linking' y SERINE          ? 'C3 H7 N O3'     105.093 
THR 'L-peptide linking' y THREONINE       ? 'C4 H9 N O3'     119.119 
TRP 'L-peptide linking' y TRYPTOPHAN      ? 'C11 H12 N2 O2'  204.225 
TYR 'L-peptide linking' y TYROSINE        ? 'C9 H11 N O3'    181.189 
VAL 'L-peptide linking' y VALINE          ? 'C5 H11 N O2'    117.146 
# 
loop_
_pdbx_poly_seq_scheme.asym_id 
_pdbx_poly_seq_scheme.entity_id 
_pdbx_poly_seq_scheme.seq_id 
_pdbx_poly_seq_scheme.mon_id 
_pdbx_poly_seq_scheme.ndb_seq_num 
_pdbx_poly_seq_scheme.pdb_seq_num 
_pdbx_poly_seq_scheme.auth_seq_num 
_pdbx_poly_seq_scheme.pdb_mon_id 
_pdbx_poly_seq_scheme.auth_mon_id 
_pdbx_poly_seq_scheme.pdb_strand_id 
_pdbx_poly_seq_scheme.pdb_ins_code 
_pdbx_poly_seq_scheme.hetero 
A 1 1   MET 1   1   ?   ?   ?   A . n 
A 1 2   ASN 2   2   ?   ?   ?   A . n 
A 1 3   GLU 3   3   ?   ?   ?   A . n 
A 1 4   LEU 4   4   ?   ?   ?   A . n 
A 1 5   ASN 5   5   ?   ?   ?   A . n 
A 1 6   ASN 6   6   ?   ?   ?   A . n 
A 1 7   LYS 7   7   7   LYS LYS A . n 
A 1 8   MET 8   8   8   MET MET A . n 
A 1 9   ILE 9   9   9   ILE ILE A . n 
A 1 10  GLU 10  10  10  GLU GLU A . n 
A 1 11  ASP 11  11  11  ASP ASP A . n 
A 1 12  VAL 12  12  12  VAL VAL A . n 
A 1 13  VAL 13  13  13  VAL VAL A . n 
A 1 14  LEU 14  14  14  LEU LEU A . n 
A 1 15  GLY 15  15  15  GLY GLY A . n 
A 1 16  GLU 16  16  16  GLU GLU A . n 
A 1 17  VAL 17  17  17  VAL VAL A . n 
A 1 18  GLU 18  18  18  GLU GLU A . n 
A 1 19  LEU 19  19  19  LEU LEU A . n 
A 1 20  ILE 20  20  20  ILE ILE A . n 
A 1 21  GLU 21  21  21  GLU GLU A . n 
A 1 22  ASP 22  22  22  ASP ASP A . n 
A 1 23  LEU 23  23  23  LEU LEU A . n 
A 1 24  GLY 24  24  24  GLY GLY A . n 
A 1 25  GLN 25  25  25  GLN GLN A . n 
A 1 26  TYR 26  26  26  TYR TYR A . n 
A 1 27  PHE 27  27  27  PHE PHE A . n 
A 1 28  ILE 28  28  28  ILE ILE A . n 
A 1 29  ASP 29  29  29  ASP ASP A . n 
A 1 30  ILE 30  30  30  ILE ILE A . n 
A 1 31  GLU 31  31  31  GLU GLU A . n 
A 1 32  GLY 32  32  32  GLY GLY A . n 
A 1 33  ASP 33  33  33  ASP ASP A . n 
A 1 34  TYR 34  34  34  TYR TYR A . n 
A 1 35  GLU 35  35  35  GLU GLU A . n 
A 1 36  TYR 36  36  36  TYR TYR A . n 
A 1 37  ASN 37  37  37  ASN ASN A . n 
A 1 38  VAL 38  38  38  VAL VAL A . n 
A 1 39  GLU 39  39  39  GLU GLU A . n 
A 1 40  PHE 40  40  40  PHE PHE A . n 
A 1 41  ALA 41  41  41  ALA ALA A . n 
A 1 42  THR 42  42  42  THR THR A . n 
A 1 43  LEU 43  43  43  LEU LEU A . n 
A 1 44  SER 44  44  44  SER SER A . n 
A 1 45  GLU 45  45  45  GLU GLU A . n 
A 1 46  VAL 46  46  46  VAL VAL A . n 
A 1 47  ASP 47  47  47  ASP ASP A . n 
A 1 48  TYR 48  48  48  TYR TYR A . n 
A 1 49  LYS 49  49  49  LYS LYS A . n 
A 1 50  VAL 50  50  50  VAL VAL A . n 
A 1 51  CYS 51  51  51  CYS CYS A . n 
A 1 52  ALA 52  52  52  ALA ALA A . n 
A 1 53  LEU 53  53  53  LEU LEU A . n 
A 1 54  TYR 54  54  54  TYR TYR A . n 
A 1 55  GLU 55  55  55  GLU GLU A . n 
A 1 56  VAL 56  56  56  VAL VAL A . n 
A 1 57  ALA 57  57  57  ALA ALA A . n 
A 1 58  THR 58  58  58  THR THR A . n 
A 1 59  SER 59  59  59  SER SER A . n 
A 1 60  LYS 60  60  60  LYS LYS A . n 
A 1 61  THR 61  61  61  THR THR A . n 
A 1 62  TYR 62  62  62  TYR TYR A . n 
A 1 63  GLU 63  63  63  GLU GLU A . n 
A 1 64  VAL 64  64  64  VAL VAL A . n 
A 1 65  PRO 65  65  65  PRO PRO A . n 
A 1 66  TYR 66  66  66  TYR TYR A . n 
A 1 67  HIS 67  67  67  HIS HIS A . n 
A 1 68  ASP 68  68  68  ASP ASP A . n 
A 1 69  LYS 69  69  69  LYS LYS A . n 
A 1 70  LEU 70  70  70  LEU LEU A . n 
A 1 71  GLU 71  71  71  GLU GLU A . n 
A 1 72  LYS 72  72  72  LYS LYS A . n 
A 1 73  GLU 73  73  73  GLU GLU A . n 
A 1 74  ASP 74  74  74  ASP ASP A . n 
A 1 75  MET 75  75  75  MET MET A . n 
A 1 76  LYS 76  76  76  LYS LYS A . n 
A 1 77  LEU 77  77  77  LEU LEU A . n 
A 1 78  PHE 78  78  78  PHE PHE A . n 
A 1 79  TYR 79  79  79  TYR TYR A . n 
A 1 80  ASP 80  80  80  ASP ASP A . n 
A 1 81  LYS 81  81  81  LYS LYS A . n 
A 1 82  TRP 82  82  82  TRP TRP A . n 
A 1 83  LEU 83  83  83  LEU LEU A . n 
A 1 84  GLU 84  84  84  GLU GLU A . n 
A 1 85  LYS 85  85  85  LYS LYS A . n 
A 1 86  ASP 86  86  86  ASP ASP A . n 
A 1 87  GLN 87  87  87  GLN GLN A . n 
A 1 88  GLN 88  88  88  GLN GLN A . n 
A 1 89  GLU 89  89  89  GLU GLU A . n 
A 1 90  GLU 90  90  90  GLU GLU A . n 
A 1 91  THR 91  91  91  THR THR A . n 
A 1 92  TYR 92  92  92  TYR TYR A . n 
A 1 93  ILE 93  93  93  ILE ILE A . n 
A 1 94  GLU 94  94  94  GLU GLU A . n 
A 1 95  SER 95  95  95  SER SER A . n 
A 1 96  VAL 96  96  96  VAL VAL A . n 
A 1 97  PHE 97  97  97  PHE PHE A . n 
A 1 98  PHE 98  98  98  PHE PHE A . n 
A 1 99  VAL 99  99  99  VAL VAL A . n 
A 1 100 ASN 100 100 100 ASN ASN A . n 
A 1 101 ARG 101 101 101 ARG ARG A . n 
A 1 102 GLU 102 102 102 GLU GLU A . n 
A 1 103 ASP 103 103 103 ASP ASP A . n 
A 1 104 ALA 104 104 104 ALA ALA A . n 
A 1 105 GLU 105 105 105 GLU GLU A . n 
A 1 106 SER 106 106 106 SER SER A . n 
A 1 107 TYR 107 107 107 TYR TYR A . n 
A 1 108 ILE 108 108 108 ILE ILE A . n 
A 1 109 LYS 109 109 109 LYS LYS A . n 
A 1 110 ASP 110 110 110 ASP ASP A . n 
A 1 111 VAL 111 111 111 VAL VAL A . n 
A 1 112 LEU 112 112 112 LEU LEU A . n 
A 1 113 LYS 113 113 113 LYS LYS A . n 
A 1 114 GLY 114 114 114 GLY GLY A . n 
A 1 115 LYS 115 115 115 LYS LYS A . n 
A 1 116 GLU 116 116 116 GLU GLU A . n 
A 1 117 SER 117 117 117 SER SER A . n 
A 1 118 LEU 118 118 118 LEU LEU A . n 
A 1 119 THR 119 119 119 THR THR A . n 
A 1 120 GLU 120 120 120 GLU GLU A . n 
A 1 121 VAL 121 121 121 VAL VAL A . n 
A 1 122 ALA 122 122 122 ALA ALA A . n 
A 1 123 ALA 123 123 123 ALA ALA A . n 
A 1 124 GLU 124 124 124 GLU GLU A . n 
A 1 125 ILE 125 125 125 ILE ILE A . n 
A 1 126 GLY 126 126 126 GLY GLY A . n 
A 1 127 TYR 127 127 127 TYR TYR A . n 
A 1 128 PHE 128 128 128 PHE PHE A . n 
A 1 129 GLU 129 129 129 GLU GLU A . n 
A 1 130 LEU 130 130 130 LEU LEU A . n 
A 1 131 GLU 131 131 ?   ?   ?   A . n 
A 1 132 HIS 132 132 ?   ?   ?   A . n 
A 1 133 HIS 133 133 ?   ?   ?   A . n 
A 1 134 HIS 134 134 ?   ?   ?   A . n 
A 1 135 HIS 135 135 ?   ?   ?   A . n 
A 1 136 HIS 136 136 ?   ?   ?   A . n 
A 1 137 HIS 137 137 ?   ?   ?   A . n 
# 
loop_
_pdbx_nonpoly_scheme.asym_id 
_pdbx_nonpoly_scheme.entity_id 
_pdbx_nonpoly_scheme.mon_id 
_pdbx_nonpoly_scheme.ndb_seq_num 
_pdbx_nonpoly_scheme.pdb_seq_num 
_pdbx_nonpoly_scheme.auth_seq_num 
_pdbx_nonpoly_scheme.pdb_mon_id 
_pdbx_nonpoly_scheme.auth_mon_id 
_pdbx_nonpoly_scheme.pdb_strand_id 
_pdbx_nonpoly_scheme.pdb_ins_code 
B 2 HOH 1  201 79 HOH HOH A . 
B 2 HOH 2  202 64 HOH HOH A . 
B 2 HOH 3  203 85 HOH HOH A . 
B 2 HOH 4  204 71 HOH HOH A . 
B 2 HOH 5  205 65 HOH HOH A . 
B 2 HOH 6  206 32 HOH HOH A . 
B 2 HOH 7  207 84 HOH HOH A . 
B 2 HOH 8  208 36 HOH HOH A . 
B 2 HOH 9  209 4  HOH HOH A . 
B 2 HOH 10 210 30 HOH HOH A . 
B 2 HOH 11 211 72 HOH HOH A . 
B 2 HOH 12 212 7  HOH HOH A . 
B 2 HOH 13 213 89 HOH HOH A . 
B 2 HOH 14 214 9  HOH HOH A . 
B 2 HOH 15 215 27 HOH HOH A . 
B 2 HOH 16 216 28 HOH HOH A . 
B 2 HOH 17 217 3  HOH HOH A . 
B 2 HOH 18 218 23 HOH HOH A . 
B 2 HOH 19 219 8  HOH HOH A . 
B 2 HOH 20 220 20 HOH HOH A . 
B 2 HOH 21 221 29 HOH HOH A . 
B 2 HOH 22 222 81 HOH HOH A . 
B 2 HOH 23 223 15 HOH HOH A . 
B 2 HOH 24 224 47 HOH HOH A . 
B 2 HOH 25 225 11 HOH HOH A . 
B 2 HOH 26 226 16 HOH HOH A . 
B 2 HOH 27 227 13 HOH HOH A . 
B 2 HOH 28 228 1  HOH HOH A . 
B 2 HOH 29 229 69 HOH HOH A . 
B 2 HOH 30 230 21 HOH HOH A . 
B 2 HOH 31 231 12 HOH HOH A . 
B 2 HOH 32 232 39 HOH HOH A . 
B 2 HOH 33 233 56 HOH HOH A . 
B 2 HOH 34 234 5  HOH HOH A . 
B 2 HOH 35 235 75 HOH HOH A . 
B 2 HOH 36 236 52 HOH HOH A . 
B 2 HOH 37 237 38 HOH HOH A . 
B 2 HOH 38 238 22 HOH HOH A . 
B 2 HOH 39 239 26 HOH HOH A . 
B 2 HOH 40 240 24 HOH HOH A . 
B 2 HOH 41 241 67 HOH HOH A . 
B 2 HOH 42 242 17 HOH HOH A . 
B 2 HOH 43 243 41 HOH HOH A . 
B 2 HOH 44 244 53 HOH HOH A . 
B 2 HOH 45 245 14 HOH HOH A . 
B 2 HOH 46 246 33 HOH HOH A . 
B 2 HOH 47 247 6  HOH HOH A . 
B 2 HOH 48 248 19 HOH HOH A . 
B 2 HOH 49 249 70 HOH HOH A . 
B 2 HOH 50 250 42 HOH HOH A . 
B 2 HOH 51 251 87 HOH HOH A . 
B 2 HOH 52 252 2  HOH HOH A . 
B 2 HOH 53 253 45 HOH HOH A . 
B 2 HOH 54 254 18 HOH HOH A . 
B 2 HOH 55 255 49 HOH HOH A . 
B 2 HOH 56 256 66 HOH HOH A . 
B 2 HOH 57 257 43 HOH HOH A . 
B 2 HOH 58 258 54 HOH HOH A . 
B 2 HOH 59 259 44 HOH HOH A . 
B 2 HOH 60 260 83 HOH HOH A . 
B 2 HOH 61 261 90 HOH HOH A . 
B 2 HOH 62 262 82 HOH HOH A . 
B 2 HOH 63 263 63 HOH HOH A . 
B 2 HOH 64 264 10 HOH HOH A . 
B 2 HOH 65 265 40 HOH HOH A . 
B 2 HOH 66 266 58 HOH HOH A . 
B 2 HOH 67 267 60 HOH HOH A . 
B 2 HOH 68 268 86 HOH HOH A . 
B 2 HOH 69 269 80 HOH HOH A . 
B 2 HOH 70 270 77 HOH HOH A . 
B 2 HOH 71 271 51 HOH HOH A . 
B 2 HOH 72 272 34 HOH HOH A . 
B 2 HOH 73 273 62 HOH HOH A . 
B 2 HOH 74 274 35 HOH HOH A . 
B 2 HOH 75 275 59 HOH HOH A . 
B 2 HOH 76 276 73 HOH HOH A . 
B 2 HOH 77 277 91 HOH HOH A . 
B 2 HOH 78 278 25 HOH HOH A . 
B 2 HOH 79 279 78 HOH HOH A . 
B 2 HOH 80 280 31 HOH HOH A . 
B 2 HOH 81 281 68 HOH HOH A . 
B 2 HOH 82 282 57 HOH HOH A . 
B 2 HOH 83 283 37 HOH HOH A . 
B 2 HOH 84 284 76 HOH HOH A . 
B 2 HOH 85 285 74 HOH HOH A . 
B 2 HOH 86 286 61 HOH HOH A . 
B 2 HOH 87 287 88 HOH HOH A . 
B 2 HOH 88 288 46 HOH HOH A . 
B 2 HOH 89 289 50 HOH HOH A . 
B 2 HOH 90 290 55 HOH HOH A . 
B 2 HOH 91 291 48 HOH HOH A . 
# 
loop_
_software.citation_id 
_software.classification 
_software.compiler_name 
_software.compiler_version 
_software.contact_author 
_software.contact_author_email 
_software.date 
_software.description 
_software.dependencies 
_software.hardware 
_software.language 
_software.location 
_software.mods 
_software.name 
_software.os 
_software.os_version 
_software.type 
_software.version 
_software.pdbx_ordinal 
? refinement       ? ? ? ? ? ? ? ? ? ? ? PHENIX ? ? ? '(1.19.1_4122: ???)' 1 
? 'data reduction' ? ? ? ? ? ? ? ? ? ? ? XDS    ? ? ? .                    2 
? 'data scaling'   ? ? ? ? ? ? ? ? ? ? ? XDS    ? ? ? .                    3 
? phasing          ? ? ? ? ? ? ? ? ? ? ? PHENIX ? ? ? .                    4 
# 
_cell.angle_alpha                  90.00 
_cell.angle_alpha_esd              ? 
_cell.angle_beta                   103.29 
_cell.angle_beta_esd               ? 
_cell.angle_gamma                  90.00 
_cell.angle_gamma_esd              ? 
_cell.entry_id                     8K4M 
_cell.details                      ? 
_cell.formula_units_Z              ? 
_cell.length_a                     102.510 
_cell.length_a_esd                 ? 
_cell.length_b                     37.470 
_cell.length_b_esd                 ? 
_cell.length_c                     37.090 
_cell.length_c_esd                 ? 
_cell.volume                       ? 
_cell.volume_esd                   ? 
_cell.Z_PDB                        4 
_cell.reciprocal_angle_alpha       ? 
_cell.reciprocal_angle_beta        ? 
_cell.reciprocal_angle_gamma       ? 
_cell.reciprocal_angle_alpha_esd   ? 
_cell.reciprocal_angle_beta_esd    ? 
_cell.reciprocal_angle_gamma_esd   ? 
_cell.reciprocal_length_a          ? 
_cell.reciprocal_length_b          ? 
_cell.reciprocal_length_c          ? 
_cell.reciprocal_length_a_esd      ? 
_cell.reciprocal_length_b_esd      ? 
_cell.reciprocal_length_c_esd      ? 
_cell.pdbx_unique_axis             ? 
_cell.pdbx_esd_method              ? 
# 
_symmetry.entry_id                         8K4M 
_symmetry.cell_setting                     ? 
_symmetry.Int_Tables_number                5 
_symmetry.space_group_name_Hall            ? 
_symmetry.space_group_name_H-M             'C 1 2 1' 
_symmetry.pdbx_full_space_group_name_H-M   ? 
# 
_exptl.absorpt_coefficient_mu     ? 
_exptl.absorpt_correction_T_max   ? 
_exptl.absorpt_correction_T_min   ? 
_exptl.absorpt_correction_type    ? 
_exptl.absorpt_process_details    ? 
_exptl.entry_id                   8K4M 
_exptl.crystals_number            1 
_exptl.details                    ? 
_exptl.method                     'X-RAY DIFFRACTION' 
_exptl.method_details             ? 
# 
_exptl_crystal.colour                       ? 
_exptl_crystal.density_diffrn               ? 
_exptl_crystal.density_Matthews             2.12 
_exptl_crystal.density_method               ? 
_exptl_crystal.density_percent_sol          42.04 
_exptl_crystal.description                  ? 
_exptl_crystal.F_000                        ? 
_exptl_crystal.id                           1 
_exptl_crystal.preparation                  ? 
_exptl_crystal.size_max                     ? 
_exptl_crystal.size_mid                     ? 
_exptl_crystal.size_min                     ? 
_exptl_crystal.size_rad                     ? 
_exptl_crystal.colour_lustre                ? 
_exptl_crystal.colour_modifier              ? 
_exptl_crystal.colour_primary               ? 
_exptl_crystal.density_meas                 ? 
_exptl_crystal.density_meas_esd             ? 
_exptl_crystal.density_meas_gt              ? 
_exptl_crystal.density_meas_lt              ? 
_exptl_crystal.density_meas_temp            ? 
_exptl_crystal.density_meas_temp_esd        ? 
_exptl_crystal.density_meas_temp_gt         ? 
_exptl_crystal.density_meas_temp_lt         ? 
_exptl_crystal.pdbx_crystal_image_url       ? 
_exptl_crystal.pdbx_crystal_image_format    ? 
_exptl_crystal.pdbx_mosaicity               ? 
_exptl_crystal.pdbx_mosaicity_esd           ? 
_exptl_crystal.pdbx_mosaic_method           ? 
_exptl_crystal.pdbx_mosaic_block_size       ? 
_exptl_crystal.pdbx_mosaic_block_size_esd   ? 
# 
_exptl_crystal_grow.apparatus       ? 
_exptl_crystal_grow.atmosphere      ? 
_exptl_crystal_grow.crystal_id      1 
_exptl_crystal_grow.details         ? 
_exptl_crystal_grow.method          'VAPOR DIFFUSION, HANGING DROP' 
_exptl_crystal_grow.method_ref      ? 
_exptl_crystal_grow.pH              ? 
_exptl_crystal_grow.pressure        ? 
_exptl_crystal_grow.pressure_esd    ? 
_exptl_crystal_grow.seeding         ? 
_exptl_crystal_grow.seeding_ref     ? 
_exptl_crystal_grow.temp_details    ? 
_exptl_crystal_grow.temp_esd        ? 
_exptl_crystal_grow.time            ? 
_exptl_crystal_grow.pdbx_details    '1.2M Sodium Citrate pH6.1' 
_exptl_crystal_grow.pdbx_pH_range   ? 
_exptl_crystal_grow.temp            293.15 
# 
_diffrn.ambient_environment              ? 
_diffrn.ambient_temp                     125 
_diffrn.ambient_temp_details             ? 
_diffrn.ambient_temp_esd                 ? 
_diffrn.crystal_id                       1 
_diffrn.crystal_support                  ? 
_diffrn.crystal_treatment                ? 
_diffrn.details                          ? 
_diffrn.id                               1 
_diffrn.ambient_pressure                 ? 
_diffrn.ambient_pressure_esd             ? 
_diffrn.ambient_pressure_gt              ? 
_diffrn.ambient_pressure_lt              ? 
_diffrn.ambient_temp_gt                  ? 
_diffrn.ambient_temp_lt                  ? 
_diffrn.pdbx_serial_crystal_experiment   N 
# 
_diffrn_detector.details                      ? 
_diffrn_detector.detector                     PIXEL 
_diffrn_detector.diffrn_id                    1 
_diffrn_detector.type                         'DECTRIS EIGER X 9M' 
_diffrn_detector.area_resol_mean              ? 
_diffrn_detector.dtime                        ? 
_diffrn_detector.pdbx_frames_total            ? 
_diffrn_detector.pdbx_collection_time_total   ? 
_diffrn_detector.pdbx_collection_date         2022-03-01 
_diffrn_detector.pdbx_frequency               ? 
_diffrn_detector.id                           ? 
_diffrn_detector.number_of_axes               ? 
# 
_diffrn_radiation.collimation                      ? 
_diffrn_radiation.diffrn_id                        1 
_diffrn_radiation.filter_edge                      ? 
_diffrn_radiation.inhomogeneity                    ? 
_diffrn_radiation.monochromator                    ? 
_diffrn_radiation.polarisn_norm                    ? 
_diffrn_radiation.polarisn_ratio                   ? 
_diffrn_radiation.probe                            ? 
_diffrn_radiation.type                             ? 
_diffrn_radiation.xray_symbol                      ? 
_diffrn_radiation.wavelength_id                    1 
_diffrn_radiation.pdbx_monochromatic_or_laue_m_l   M 
_diffrn_radiation.pdbx_wavelength_list             ? 
_diffrn_radiation.pdbx_wavelength                  ? 
_diffrn_radiation.pdbx_diffrn_protocol             'SINGLE WAVELENGTH' 
_diffrn_radiation.pdbx_analyzer                    ? 
_diffrn_radiation.pdbx_scattering_type             x-ray 
# 
_diffrn_radiation_wavelength.id           1 
_diffrn_radiation_wavelength.wavelength   1.000 
_diffrn_radiation_wavelength.wt           1.0 
# 
_diffrn_source.current                     ? 
_diffrn_source.details                     ? 
_diffrn_source.diffrn_id                   1 
_diffrn_source.power                       ? 
_diffrn_source.size                        ? 
_diffrn_source.source                      SYNCHROTRON 
_diffrn_source.target                      ? 
_diffrn_source.type                        'PAL/PLS BEAMLINE 5C (4A)' 
_diffrn_source.voltage                     ? 
_diffrn_source.take-off_angle              ? 
_diffrn_source.pdbx_wavelength_list        1.000 
_diffrn_source.pdbx_wavelength             ? 
_diffrn_source.pdbx_synchrotron_beamline   '5C (4A)' 
_diffrn_source.pdbx_synchrotron_site       PAL/PLS 
# 
_reflns.B_iso_Wilson_estimate                          ? 
_reflns.entry_id                                       8K4M 
_reflns.data_reduction_details                         ? 
_reflns.data_reduction_method                          ? 
_reflns.d_resolution_high                              1.53 
_reflns.d_resolution_low                               26.49 
_reflns.details                                        ? 
_reflns.limit_h_max                                    ? 
_reflns.limit_h_min                                    ? 
_reflns.limit_k_max                                    ? 
_reflns.limit_k_min                                    ? 
_reflns.limit_l_max                                    ? 
_reflns.limit_l_min                                    ? 
_reflns.number_all                                     ? 
_reflns.number_obs                                     19723 
_reflns.observed_criterion                             ? 
_reflns.observed_criterion_F_max                       ? 
_reflns.observed_criterion_F_min                       ? 
_reflns.observed_criterion_I_max                       ? 
_reflns.observed_criterion_I_min                       ? 
_reflns.observed_criterion_sigma_F                     ? 
_reflns.observed_criterion_sigma_I                     ? 
_reflns.percent_possible_obs                           94.19 
_reflns.R_free_details                                 ? 
_reflns.Rmerge_F_all                                   ? 
_reflns.Rmerge_F_obs                                   ? 
_reflns.Friedel_coverage                               ? 
_reflns.number_gt                                      ? 
_reflns.threshold_expression                           ? 
_reflns.pdbx_redundancy                                7.2 
_reflns.pdbx_netI_over_av_sigmaI                       ? 
_reflns.pdbx_netI_over_sigmaI                          18.82 
_reflns.pdbx_res_netI_over_av_sigmaI_2                 ? 
_reflns.pdbx_res_netI_over_sigmaI_2                    ? 
_reflns.pdbx_chi_squared                               ? 
_reflns.pdbx_scaling_rejects                           ? 
_reflns.pdbx_d_res_high_opt                            ? 
_reflns.pdbx_d_res_low_opt                             ? 
_reflns.pdbx_d_res_opt_method                          ? 
_reflns.phase_calculation_details                      ? 
_reflns.pdbx_Rrim_I_all                                ? 
_reflns.pdbx_Rpim_I_all                                ? 
_reflns.pdbx_d_opt                                     ? 
_reflns.pdbx_number_measured_all                       ? 
_reflns.pdbx_diffrn_id                                 1 
_reflns.pdbx_ordinal                                   1 
_reflns.pdbx_CC_half                                   1 
_reflns.pdbx_CC_star                                   ? 
_reflns.pdbx_R_split                                   ? 
_reflns.pdbx_Rmerge_I_obs                              ? 
_reflns.pdbx_Rmerge_I_all                              ? 
_reflns.pdbx_Rsym_value                                ? 
_reflns.pdbx_CC_split_method                           ? 
_reflns.pdbx_aniso_diffraction_limit_axis_1_ortho[1]   ? 
_reflns.pdbx_aniso_diffraction_limit_axis_1_ortho[2]   ? 
_reflns.pdbx_aniso_diffraction_limit_axis_1_ortho[3]   ? 
_reflns.pdbx_aniso_diffraction_limit_axis_2_ortho[1]   ? 
_reflns.pdbx_aniso_diffraction_limit_axis_2_ortho[2]   ? 
_reflns.pdbx_aniso_diffraction_limit_axis_2_ortho[3]   ? 
_reflns.pdbx_aniso_diffraction_limit_axis_3_ortho[1]   ? 
_reflns.pdbx_aniso_diffraction_limit_axis_3_ortho[2]   ? 
_reflns.pdbx_aniso_diffraction_limit_axis_3_ortho[3]   ? 
_reflns.pdbx_aniso_diffraction_limit_1                 ? 
_reflns.pdbx_aniso_diffraction_limit_2                 ? 
_reflns.pdbx_aniso_diffraction_limit_3                 ? 
_reflns.pdbx_aniso_B_tensor_eigenvector_1_ortho[1]     ? 
_reflns.pdbx_aniso_B_tensor_eigenvector_1_ortho[2]     ? 
_reflns.pdbx_aniso_B_tensor_eigenvector_1_ortho[3]     ? 
_reflns.pdbx_aniso_B_tensor_eigenvector_2_ortho[1]     ? 
_reflns.pdbx_aniso_B_tensor_eigenvector_2_ortho[2]     ? 
_reflns.pdbx_aniso_B_tensor_eigenvector_2_ortho[3]     ? 
_reflns.pdbx_aniso_B_tensor_eigenvector_3_ortho[1]     ? 
_reflns.pdbx_aniso_B_tensor_eigenvector_3_ortho[2]     ? 
_reflns.pdbx_aniso_B_tensor_eigenvector_3_ortho[3]     ? 
_reflns.pdbx_aniso_B_tensor_eigenvalue_1               ? 
_reflns.pdbx_aniso_B_tensor_eigenvalue_2               ? 
_reflns.pdbx_aniso_B_tensor_eigenvalue_3               ? 
_reflns.pdbx_orthogonalization_convention              ? 
_reflns.pdbx_percent_possible_ellipsoidal              ? 
_reflns.pdbx_percent_possible_spherical                ? 
_reflns.pdbx_percent_possible_ellipsoidal_anomalous    ? 
_reflns.pdbx_percent_possible_spherical_anomalous      ? 
_reflns.pdbx_redundancy_anomalous                      ? 
_reflns.pdbx_CC_half_anomalous                         ? 
_reflns.pdbx_absDiff_over_sigma_anomalous              ? 
_reflns.pdbx_percent_possible_anomalous                ? 
_reflns.pdbx_observed_signal_threshold                 ? 
_reflns.pdbx_signal_type                               ? 
_reflns.pdbx_signal_details                            ? 
_reflns.pdbx_signal_software_id                        ? 
# 
_reflns_shell.d_res_high                                    1.53 
_reflns_shell.d_res_low                                     1.585 
_reflns_shell.meanI_over_sigI_all                           ? 
_reflns_shell.meanI_over_sigI_obs                           ? 
_reflns_shell.number_measured_all                           ? 
_reflns_shell.number_measured_obs                           ? 
_reflns_shell.number_possible                               ? 
_reflns_shell.number_unique_all                             ? 
_reflns_shell.number_unique_obs                             1949 
_reflns_shell.percent_possible_obs                          ? 
_reflns_shell.Rmerge_F_all                                  ? 
_reflns_shell.Rmerge_F_obs                                  ? 
_reflns_shell.meanI_over_sigI_gt                            ? 
_reflns_shell.meanI_over_uI_all                             ? 
_reflns_shell.meanI_over_uI_gt                              ? 
_reflns_shell.number_measured_gt                            ? 
_reflns_shell.number_unique_gt                              ? 
_reflns_shell.percent_possible_gt                           ? 
_reflns_shell.Rmerge_F_gt                                   ? 
_reflns_shell.Rmerge_I_gt                                   ? 
_reflns_shell.pdbx_redundancy                               ? 
_reflns_shell.pdbx_chi_squared                              ? 
_reflns_shell.pdbx_netI_over_sigmaI_all                     ? 
_reflns_shell.pdbx_netI_over_sigmaI_obs                     ? 
_reflns_shell.pdbx_Rrim_I_all                               ? 
_reflns_shell.pdbx_Rpim_I_all                               ? 
_reflns_shell.pdbx_rejects                                  ? 
_reflns_shell.pdbx_ordinal                                  1 
_reflns_shell.pdbx_diffrn_id                                1 
_reflns_shell.pdbx_CC_half                                  0.73 
_reflns_shell.pdbx_CC_star                                  ? 
_reflns_shell.pdbx_R_split                                  ? 
_reflns_shell.percent_possible_all                          ? 
_reflns_shell.Rmerge_I_all                                  ? 
_reflns_shell.Rmerge_I_obs                                  ? 
_reflns_shell.pdbx_Rsym_value                               ? 
_reflns_shell.pdbx_percent_possible_ellipsoidal             ? 
_reflns_shell.pdbx_percent_possible_spherical               ? 
_reflns_shell.pdbx_percent_possible_ellipsoidal_anomalous   ? 
_reflns_shell.pdbx_percent_possible_spherical_anomalous     ? 
_reflns_shell.pdbx_redundancy_anomalous                     ? 
_reflns_shell.pdbx_CC_half_anomalous                        ? 
_reflns_shell.pdbx_absDiff_over_sigma_anomalous             ? 
_reflns_shell.pdbx_percent_possible_anomalous               ? 
# 
_refine.aniso_B[1][1]                            ? 
_refine.aniso_B[1][2]                            ? 
_refine.aniso_B[1][3]                            ? 
_refine.aniso_B[2][2]                            ? 
_refine.aniso_B[2][3]                            ? 
_refine.aniso_B[3][3]                            ? 
_refine.B_iso_max                                ? 
_refine.B_iso_mean                               ? 
_refine.B_iso_min                                ? 
_refine.correlation_coeff_Fo_to_Fc               ? 
_refine.correlation_coeff_Fo_to_Fc_free          ? 
_refine.details                                  ? 
_refine.diff_density_max                         ? 
_refine.diff_density_max_esd                     ? 
_refine.diff_density_min                         ? 
_refine.diff_density_min_esd                     ? 
_refine.diff_density_rms                         ? 
_refine.diff_density_rms_esd                     ? 
_refine.entry_id                                 8K4M 
_refine.pdbx_refine_id                           'X-RAY DIFFRACTION' 
_refine.ls_abs_structure_details                 ? 
_refine.ls_abs_structure_Flack                   ? 
_refine.ls_abs_structure_Flack_esd               ? 
_refine.ls_abs_structure_Rogers                  ? 
_refine.ls_abs_structure_Rogers_esd              ? 
_refine.ls_d_res_high                            1.53 
_refine.ls_d_res_low                             26.49 
_refine.ls_extinction_coef                       ? 
_refine.ls_extinction_coef_esd                   ? 
_refine.ls_extinction_expression                 ? 
_refine.ls_extinction_method                     ? 
_refine.ls_goodness_of_fit_all                   ? 
_refine.ls_goodness_of_fit_all_esd               ? 
_refine.ls_goodness_of_fit_obs                   ? 
_refine.ls_goodness_of_fit_obs_esd               ? 
_refine.ls_hydrogen_treatment                    ? 
_refine.ls_matrix_type                           ? 
_refine.ls_number_constraints                    ? 
_refine.ls_number_parameters                     ? 
_refine.ls_number_reflns_all                     ? 
_refine.ls_number_reflns_obs                     19704 
_refine.ls_number_reflns_R_free                  987 
_refine.ls_number_reflns_R_work                  ? 
_refine.ls_number_restraints                     ? 
_refine.ls_percent_reflns_obs                    94.21 
_refine.ls_percent_reflns_R_free                 5.01 
_refine.ls_R_factor_all                          ? 
_refine.ls_R_factor_obs                          0.2154 
_refine.ls_R_factor_R_free                       0.2372 
_refine.ls_R_factor_R_free_error                 ? 
_refine.ls_R_factor_R_free_error_details         ? 
_refine.ls_R_factor_R_work                       0.2143 
_refine.ls_R_Fsqd_factor_obs                     ? 
_refine.ls_R_I_factor_obs                        ? 
_refine.ls_redundancy_reflns_all                 ? 
_refine.ls_redundancy_reflns_obs                 ? 
_refine.ls_restrained_S_all                      ? 
_refine.ls_restrained_S_obs                      ? 
_refine.ls_shift_over_esd_max                    ? 
_refine.ls_shift_over_esd_mean                   ? 
_refine.ls_structure_factor_coef                 ? 
_refine.ls_weighting_details                     ? 
_refine.ls_weighting_scheme                      ? 
_refine.ls_wR_factor_all                         ? 
_refine.ls_wR_factor_obs                         ? 
_refine.ls_wR_factor_R_free                      ? 
_refine.ls_wR_factor_R_work                      ? 
_refine.occupancy_max                            ? 
_refine.occupancy_min                            ? 
_refine.solvent_model_details                    'FLAT BULK SOLVENT MODEL' 
_refine.solvent_model_param_bsol                 ? 
_refine.solvent_model_param_ksol                 ? 
_refine.pdbx_R_complete                          ? 
_refine.ls_R_factor_gt                           ? 
_refine.ls_goodness_of_fit_gt                    ? 
_refine.ls_goodness_of_fit_ref                   ? 
_refine.ls_shift_over_su_max                     ? 
_refine.ls_shift_over_su_max_lt                  ? 
_refine.ls_shift_over_su_mean                    ? 
_refine.ls_shift_over_su_mean_lt                 ? 
_refine.pdbx_ls_sigma_I                          ? 
_refine.pdbx_ls_sigma_F                          1.35 
_refine.pdbx_ls_sigma_Fsqd                       ? 
_refine.pdbx_data_cutoff_high_absF               ? 
_refine.pdbx_data_cutoff_high_rms_absF           ? 
_refine.pdbx_data_cutoff_low_absF                ? 
_refine.pdbx_isotropic_thermal_model             ? 
_refine.pdbx_ls_cross_valid_method               'FREE R-VALUE' 
_refine.pdbx_method_to_determine_struct          'MOLECULAR REPLACEMENT' 
_refine.pdbx_starting_model                      ? 
_refine.pdbx_stereochemistry_target_values       ML 
_refine.pdbx_R_Free_selection_details            ? 
_refine.pdbx_stereochem_target_val_spec_case     ? 
_refine.pdbx_overall_ESU_R                       ? 
_refine.pdbx_overall_ESU_R_Free                  ? 
_refine.pdbx_solvent_vdw_probe_radii             1.11 
_refine.pdbx_solvent_ion_probe_radii             ? 
_refine.pdbx_solvent_shrinkage_radii             0.90 
_refine.pdbx_real_space_R                        ? 
_refine.pdbx_density_correlation                 ? 
_refine.pdbx_pd_number_of_powder_patterns        ? 
_refine.pdbx_pd_number_of_points                 ? 
_refine.pdbx_pd_meas_number_of_points            ? 
_refine.pdbx_pd_proc_ls_prof_R_factor            ? 
_refine.pdbx_pd_proc_ls_prof_wR_factor           ? 
_refine.pdbx_pd_Marquardt_correlation_coeff      ? 
_refine.pdbx_pd_Fsqrd_R_factor                   ? 
_refine.pdbx_pd_ls_matrix_band_width             ? 
_refine.pdbx_overall_phase_error                 31.85 
_refine.pdbx_overall_SU_R_free_Cruickshank_DPI   ? 
_refine.pdbx_overall_SU_R_free_Blow_DPI          ? 
_refine.pdbx_overall_SU_R_Blow_DPI               ? 
_refine.pdbx_TLS_residual_ADP_flag               ? 
_refine.pdbx_diffrn_id                           1 
_refine.overall_SU_B                             ? 
_refine.overall_SU_ML                            0.26 
_refine.overall_SU_R_Cruickshank_DPI             ? 
_refine.overall_SU_R_free                        ? 
_refine.overall_FOM_free_R_set                   ? 
_refine.overall_FOM_work_R_set                   ? 
_refine.pdbx_average_fsc_overall                 ? 
_refine.pdbx_average_fsc_work                    ? 
_refine.pdbx_average_fsc_free                    ? 
# 
_refine_hist.pdbx_refine_id                   'X-RAY DIFFRACTION' 
_refine_hist.cycle_id                         LAST 
_refine_hist.pdbx_number_atoms_protein        1033 
_refine_hist.pdbx_number_atoms_nucleic_acid   0 
_refine_hist.pdbx_number_atoms_ligand         0 
_refine_hist.number_atoms_solvent             91 
_refine_hist.number_atoms_total               1124 
_refine_hist.d_res_high                       1.53 
_refine_hist.d_res_low                        26.49 
# 
loop_
_refine_ls_restr.pdbx_refine_id 
_refine_ls_restr.criterion 
_refine_ls_restr.dev_ideal 
_refine_ls_restr.dev_ideal_target 
_refine_ls_restr.number 
_refine_ls_restr.rejects 
_refine_ls_restr.type 
_refine_ls_restr.weight 
_refine_ls_restr.pdbx_restraint_function 
'X-RAY DIFFRACTION' ? 0.008 ? 1053 ? f_bond_d           ? ? 
'X-RAY DIFFRACTION' ? 0.994 ? 1422 ? f_angle_d          ? ? 
'X-RAY DIFFRACTION' ? 6.038 ? 135  ? f_dihedral_angle_d ? ? 
'X-RAY DIFFRACTION' ? 0.061 ? 154  ? f_chiral_restr     ? ? 
'X-RAY DIFFRACTION' ? 0.006 ? 182  ? f_plane_restr      ? ? 
# 
loop_
_refine_ls_shell.pdbx_refine_id 
_refine_ls_shell.d_res_high 
_refine_ls_shell.d_res_low 
_refine_ls_shell.number_reflns_all 
_refine_ls_shell.number_reflns_obs 
_refine_ls_shell.number_reflns_R_free 
_refine_ls_shell.number_reflns_R_work 
_refine_ls_shell.percent_reflns_obs 
_refine_ls_shell.percent_reflns_R_free 
_refine_ls_shell.R_factor_all 
_refine_ls_shell.R_factor_obs 
_refine_ls_shell.R_factor_R_free_error 
_refine_ls_shell.R_factor_R_work 
_refine_ls_shell.redundancy_reflns_all 
_refine_ls_shell.redundancy_reflns_obs 
_refine_ls_shell.wR_factor_all 
_refine_ls_shell.wR_factor_obs 
_refine_ls_shell.wR_factor_R_free 
_refine_ls_shell.wR_factor_R_work 
_refine_ls_shell.pdbx_R_complete 
_refine_ls_shell.pdbx_total_number_of_bins_used 
_refine_ls_shell.pdbx_phase_error 
_refine_ls_shell.pdbx_fsc_work 
_refine_ls_shell.pdbx_fsc_free 
_refine_ls_shell.R_factor_R_free 
'X-RAY DIFFRACTION' 1.53 1.61  . . 140 2646 93.00 . . . . 0.4141 . . . . . . . . . . . 0.4508 
'X-RAY DIFFRACTION' 1.61 1.71  . . 139 2632 94.00 . . . . 0.3061 . . . . . . . . . . . 0.3689 
'X-RAY DIFFRACTION' 1.71 1.84  . . 139 2642 94.00 . . . . 0.2745 . . . . . . . . . . . 0.3121 
'X-RAY DIFFRACTION' 1.84 2.03  . . 137 2603 92.00 . . . . 0.2502 . . . . . . . . . . . 0.2993 
'X-RAY DIFFRACTION' 2.03 2.32  . . 144 2723 96.00 . . . . 0.2190 . . . . . . . . . . . 0.2422 
'X-RAY DIFFRACTION' 2.32 2.93  . . 143 2724 96.00 . . . . 0.2322 . . . . . . . . . . . 0.2604 
'X-RAY DIFFRACTION' 2.93 26.49 . . 145 2747 94.00 . . . . 0.1798 . . . . . . . . . . . 0.1930 
# 
_struct.entry_id                     8K4M 
_struct.title                        'Anti CRISPR protein, AcrIIA13b' 
_struct.pdbx_model_details           ? 
_struct.pdbx_formula_weight          ? 
_struct.pdbx_formula_weight_method   ? 
_struct.pdbx_model_type_details      ? 
_struct.pdbx_CASP_flag               N 
# 
_struct_keywords.entry_id        8K4M 
_struct_keywords.text            'AcrIIA13, AcrIIA13b, IMMUNE SYSTEM, CRISPR-Cas system, Cas9, Inhibitor' 
_struct_keywords.pdbx_keywords   'IMMUNE SYSTEM' 
# 
loop_
_struct_asym.id 
_struct_asym.pdbx_blank_PDB_chainid_flag 
_struct_asym.pdbx_modified 
_struct_asym.entity_id 
_struct_asym.details 
A N N 1 ? 
B N N 2 ? 
# 
_struct_ref.id                         1 
_struct_ref.db_name                    PDB 
_struct_ref.db_code                    8K4M 
_struct_ref.pdbx_db_accession          8K4M 
_struct_ref.pdbx_db_isoform            ? 
_struct_ref.entity_id                  1 
_struct_ref.pdbx_seq_one_letter_code   ? 
_struct_ref.pdbx_align_begin           1 
# 
_struct_ref_seq.align_id                      1 
_struct_ref_seq.ref_id                        1 
_struct_ref_seq.pdbx_PDB_id_code              8K4M 
_struct_ref_seq.pdbx_strand_id                A 
_struct_ref_seq.seq_align_beg                 1 
_struct_ref_seq.pdbx_seq_align_beg_ins_code   ? 
_struct_ref_seq.seq_align_end                 137 
_struct_ref_seq.pdbx_seq_align_end_ins_code   ? 
_struct_ref_seq.pdbx_db_accession             8K4M 
_struct_ref_seq.db_align_beg                  1 
_struct_ref_seq.pdbx_db_align_beg_ins_code    ? 
_struct_ref_seq.db_align_end                  137 
_struct_ref_seq.pdbx_db_align_end_ins_code    ? 
_struct_ref_seq.pdbx_auth_seq_align_beg       1 
_struct_ref_seq.pdbx_auth_seq_align_end       137 
# 
_pdbx_struct_assembly.id                   1 
_pdbx_struct_assembly.details              author_defined_assembly 
_pdbx_struct_assembly.method_details       ? 
_pdbx_struct_assembly.oligomeric_details   monomeric 
_pdbx_struct_assembly.oligomeric_count     1 
# 
_pdbx_struct_assembly_gen.assembly_id       1 
_pdbx_struct_assembly_gen.oper_expression   1 
_pdbx_struct_assembly_gen.asym_id_list      A,B 
# 
_pdbx_struct_assembly_auth_evidence.id                     1 
_pdbx_struct_assembly_auth_evidence.assembly_id            1 
_pdbx_struct_assembly_auth_evidence.experimental_support   'light scattering' 
_pdbx_struct_assembly_auth_evidence.details                ? 
# 
_pdbx_struct_oper_list.id                   1 
_pdbx_struct_oper_list.type                 'identity operation' 
_pdbx_struct_oper_list.name                 1_555 
_pdbx_struct_oper_list.symmetry_operation   x,y,z 
_pdbx_struct_oper_list.matrix[1][1]         1.0000000000 
_pdbx_struct_oper_list.matrix[1][2]         0.0000000000 
_pdbx_struct_oper_list.matrix[1][3]         0.0000000000 
_pdbx_struct_oper_list.vector[1]            0.0000000000 
_pdbx_struct_oper_list.matrix[2][1]         0.0000000000 
_pdbx_struct_oper_list.matrix[2][2]         1.0000000000 
_pdbx_struct_oper_list.matrix[2][3]         0.0000000000 
_pdbx_struct_oper_list.vector[2]            0.0000000000 
_pdbx_struct_oper_list.matrix[3][1]         0.0000000000 
_pdbx_struct_oper_list.matrix[3][2]         0.0000000000 
_pdbx_struct_oper_list.matrix[3][3]         1.0000000000 
_pdbx_struct_oper_list.vector[3]            0.0000000000 
# 
loop_
_struct_conf.conf_type_id 
_struct_conf.id 
_struct_conf.pdbx_PDB_helix_id 
_struct_conf.beg_label_comp_id 
_struct_conf.beg_label_asym_id 
_struct_conf.beg_label_seq_id 
_struct_conf.pdbx_beg_PDB_ins_code 
_struct_conf.end_label_comp_id 
_struct_conf.end_label_asym_id 
_struct_conf.end_label_seq_id 
_struct_conf.pdbx_end_PDB_ins_code 
_struct_conf.beg_auth_comp_id 
_struct_conf.beg_auth_asym_id 
_struct_conf.beg_auth_seq_id 
_struct_conf.end_auth_comp_id 
_struct_conf.end_auth_asym_id 
_struct_conf.end_auth_seq_id 
_struct_conf.pdbx_PDB_helix_class 
_struct_conf.details 
_struct_conf.pdbx_PDB_helix_length 
HELX_P HELX_P1 AA1 GLU A 71  ? GLU A 73  ? GLU A 71  GLU A 73  5 ? 3  
HELX_P HELX_P2 AA2 ASP A 74  ? GLU A 89  ? ASP A 74  GLU A 89  1 ? 16 
HELX_P HELX_P3 AA3 ASN A 100 ? VAL A 111 ? ASN A 100 VAL A 111 1 ? 12 
HELX_P HELX_P4 AA4 SER A 117 ? GLY A 126 ? SER A 117 GLY A 126 1 ? 10 
# 
_struct_conf_type.id          HELX_P 
_struct_conf_type.criteria    ? 
_struct_conf_type.reference   ? 
# 
_struct_sheet.id               AA1 
_struct_sheet.type             ? 
_struct_sheet.number_strands   4 
_struct_sheet.details          ? 
# 
loop_
_struct_sheet_order.sheet_id 
_struct_sheet_order.range_id_1 
_struct_sheet_order.range_id_2 
_struct_sheet_order.offset 
_struct_sheet_order.sense 
AA1 1 2 ? anti-parallel 
AA1 2 3 ? anti-parallel 
AA1 3 4 ? anti-parallel 
# 
loop_
_struct_sheet_range.sheet_id 
_struct_sheet_range.id 
_struct_sheet_range.beg_label_comp_id 
_struct_sheet_range.beg_label_asym_id 
_struct_sheet_range.beg_label_seq_id 
_struct_sheet_range.pdbx_beg_PDB_ins_code 
_struct_sheet_range.end_label_comp_id 
_struct_sheet_range.end_label_asym_id 
_struct_sheet_range.end_label_seq_id 
_struct_sheet_range.pdbx_end_PDB_ins_code 
_struct_sheet_range.beg_auth_comp_id 
_struct_sheet_range.beg_auth_asym_id 
_struct_sheet_range.beg_auth_seq_id 
_struct_sheet_range.end_auth_comp_id 
_struct_sheet_range.end_auth_asym_id 
_struct_sheet_range.end_auth_seq_id 
AA1 1 VAL A 17 ? GLY A 32 ? VAL A 17 GLY A 32 
AA1 2 TYR A 36 ? TYR A 48 ? TYR A 36 TYR A 48 
AA1 3 ALA A 52 ? VAL A 64 ? ALA A 52 VAL A 64 
AA1 4 TYR A 92 ? PHE A 98 ? TYR A 92 PHE A 98 
# 
loop_
_pdbx_struct_sheet_hbond.sheet_id 
_pdbx_struct_sheet_hbond.range_id_1 
_pdbx_struct_sheet_hbond.range_id_2 
_pdbx_struct_sheet_hbond.range_1_label_atom_id 
_pdbx_struct_sheet_hbond.range_1_label_comp_id 
_pdbx_struct_sheet_hbond.range_1_label_asym_id 
_pdbx_struct_sheet_hbond.range_1_label_seq_id 
_pdbx_struct_sheet_hbond.range_1_PDB_ins_code 
_pdbx_struct_sheet_hbond.range_1_auth_atom_id 
_pdbx_struct_sheet_hbond.range_1_auth_comp_id 
_pdbx_struct_sheet_hbond.range_1_auth_asym_id 
_pdbx_struct_sheet_hbond.range_1_auth_seq_id 
_pdbx_struct_sheet_hbond.range_2_label_atom_id 
_pdbx_struct_sheet_hbond.range_2_label_comp_id 
_pdbx_struct_sheet_hbond.range_2_label_asym_id 
_pdbx_struct_sheet_hbond.range_2_label_seq_id 
_pdbx_struct_sheet_hbond.range_2_PDB_ins_code 
_pdbx_struct_sheet_hbond.range_2_auth_atom_id 
_pdbx_struct_sheet_hbond.range_2_auth_comp_id 
_pdbx_struct_sheet_hbond.range_2_auth_asym_id 
_pdbx_struct_sheet_hbond.range_2_auth_seq_id 
AA1 1 2 N LEU A 23 ? N LEU A 23 O LEU A 43 ? O LEU A 43 
AA1 2 3 N TYR A 36 ? N TYR A 36 O VAL A 64 ? O VAL A 64 
AA1 3 4 N THR A 58 ? N THR A 58 O GLU A 94 ? O GLU A 94 
# 
loop_
_pdbx_validate_close_contact.id 
_pdbx_validate_close_contact.PDB_model_num 
_pdbx_validate_close_contact.auth_atom_id_1 
_pdbx_validate_close_contact.auth_asym_id_1 
_pdbx_validate_close_contact.auth_comp_id_1 
_pdbx_validate_close_contact.auth_seq_id_1 
_pdbx_validate_close_contact.PDB_ins_code_1 
_pdbx_validate_close_contact.label_alt_id_1 
_pdbx_validate_close_contact.auth_atom_id_2 
_pdbx_validate_close_contact.auth_asym_id_2 
_pdbx_validate_close_contact.auth_comp_id_2 
_pdbx_validate_close_contact.auth_seq_id_2 
_pdbx_validate_close_contact.PDB_ins_code_2 
_pdbx_validate_close_contact.label_alt_id_2 
_pdbx_validate_close_contact.dist 
1 1 OE2 A GLU 94  ? ? O A HOH 201 ? ? 2.00 
2 1 O   A HOH 249 ? ? O A HOH 260 ? ? 2.18 
3 1 O   A HOH 245 ? ? O A HOH 256 ? ? 2.18 
# 
_pdbx_validate_torsion.id              1 
_pdbx_validate_torsion.PDB_model_num   1 
_pdbx_validate_torsion.auth_comp_id    TYR 
_pdbx_validate_torsion.auth_asym_id    A 
_pdbx_validate_torsion.auth_seq_id     34 
_pdbx_validate_torsion.PDB_ins_code    ? 
_pdbx_validate_torsion.label_alt_id    ? 
_pdbx_validate_torsion.phi             -140.00 
_pdbx_validate_torsion.psi             -55.88 
# 
loop_
_pdbx_unobs_or_zero_occ_residues.id 
_pdbx_unobs_or_zero_occ_residues.PDB_model_num 
_pdbx_unobs_or_zero_occ_residues.polymer_flag 
_pdbx_unobs_or_zero_occ_residues.occupancy_flag 
_pdbx_unobs_or_zero_occ_residues.auth_asym_id 
_pdbx_unobs_or_zero_occ_residues.auth_comp_id 
_pdbx_unobs_or_zero_occ_residues.auth_seq_id 
_pdbx_unobs_or_zero_occ_residues.PDB_ins_code 
_pdbx_unobs_or_zero_occ_residues.label_asym_id 
_pdbx_unobs_or_zero_occ_residues.label_comp_id 
_pdbx_unobs_or_zero_occ_residues.label_seq_id 
1  1 Y 1 A MET 1   ? A MET 1   
2  1 Y 1 A ASN 2   ? A ASN 2   
3  1 Y 1 A GLU 3   ? A GLU 3   
4  1 Y 1 A LEU 4   ? A LEU 4   
5  1 Y 1 A ASN 5   ? A ASN 5   
6  1 Y 1 A ASN 6   ? A ASN 6   
7  1 Y 1 A GLU 131 ? A GLU 131 
8  1 Y 1 A HIS 132 ? A HIS 132 
9  1 Y 1 A HIS 133 ? A HIS 133 
10 1 Y 1 A HIS 134 ? A HIS 134 
11 1 Y 1 A HIS 135 ? A HIS 135 
12 1 Y 1 A HIS 136 ? A HIS 136 
13 1 Y 1 A HIS 137 ? A HIS 137 
# 
loop_
_chem_comp_atom.comp_id 
_chem_comp_atom.atom_id 
_chem_comp_atom.type_symbol 
_chem_comp_atom.pdbx_aromatic_flag 
_chem_comp_atom.pdbx_stereo_config 
_chem_comp_atom.pdbx_ordinal 
ALA N    N N N 1   
ALA CA   C N S 2   
ALA C    C N N 3   
ALA O    O N N 4   
ALA CB   C N N 5   
ALA OXT  O N N 6   
ALA H    H N N 7   
ALA H2   H N N 8   
ALA HA   H N N 9   
ALA HB1  H N N 10  
ALA HB2  H N N 11  
ALA HB3  H N N 12  
ALA HXT  H N N 13  
ARG N    N N N 14  
ARG CA   C N S 15  
ARG C    C N N 16  
ARG O    O N N 17  
ARG CB   C N N 18  
ARG CG   C N N 19  
ARG CD   C N N 20  
ARG NE   N N N 21  
ARG CZ   C N N 22  
ARG NH1  N N N 23  
ARG NH2  N N N 24  
ARG OXT  O N N 25  
ARG H    H N N 26  
ARG H2   H N N 27  
ARG HA   H N N 28  
ARG HB2  H N N 29  
ARG HB3  H N N 30  
ARG HG2  H N N 31  
ARG HG3  H N N 32  
ARG HD2  H N N 33  
ARG HD3  H N N 34  
ARG HE   H N N 35  
ARG HH11 H N N 36  
ARG HH12 H N N 37  
ARG HH21 H N N 38  
ARG HH22 H N N 39  
ARG HXT  H N N 40  
ASN N    N N N 41  
ASN CA   C N S 42  
ASN C    C N N 43  
ASN O    O N N 44  
ASN CB   C N N 45  
ASN CG   C N N 46  
ASN OD1  O N N 47  
ASN ND2  N N N 48  
ASN OXT  O N N 49  
ASN H    H N N 50  
ASN H2   H N N 51  
ASN HA   H N N 52  
ASN HB2  H N N 53  
ASN HB3  H N N 54  
ASN HD21 H N N 55  
ASN HD22 H N N 56  
ASN HXT  H N N 57  
ASP N    N N N 58  
ASP CA   C N S 59  
ASP C    C N N 60  
ASP O    O N N 61  
ASP CB   C N N 62  
ASP CG   C N N 63  
ASP OD1  O N N 64  
ASP OD2  O N N 65  
ASP OXT  O N N 66  
ASP H    H N N 67  
ASP H2   H N N 68  
ASP HA   H N N 69  
ASP HB2  H N N 70  
ASP HB3  H N N 71  
ASP HD2  H N N 72  
ASP HXT  H N N 73  
CYS N    N N N 74  
CYS CA   C N R 75  
CYS C    C N N 76  
CYS O    O N N 77  
CYS CB   C N N 78  
CYS SG   S N N 79  
CYS OXT  O N N 80  
CYS H    H N N 81  
CYS H2   H N N 82  
CYS HA   H N N 83  
CYS HB2  H N N 84  
CYS HB3  H N N 85  
CYS HG   H N N 86  
CYS HXT  H N N 87  
GLN N    N N N 88  
GLN CA   C N S 89  
GLN C    C N N 90  
GLN O    O N N 91  
GLN CB   C N N 92  
GLN CG   C N N 93  
GLN CD   C N N 94  
GLN OE1  O N N 95  
GLN NE2  N N N 96  
GLN OXT  O N N 97  
GLN H    H N N 98  
GLN H2   H N N 99  
GLN HA   H N N 100 
GLN HB2  H N N 101 
GLN HB3  H N N 102 
GLN HG2  H N N 103 
GLN HG3  H N N 104 
GLN HE21 H N N 105 
GLN HE22 H N N 106 
GLN HXT  H N N 107 
GLU N    N N N 108 
GLU CA   C N S 109 
GLU C    C N N 110 
GLU O    O N N 111 
GLU CB   C N N 112 
GLU CG   C N N 113 
GLU CD   C N N 114 
GLU OE1  O N N 115 
GLU OE2  O N N 116 
GLU OXT  O N N 117 
GLU H    H N N 118 
GLU H2   H N N 119 
GLU HA   H N N 120 
GLU HB2  H N N 121 
GLU HB3  H N N 122 
GLU HG2  H N N 123 
GLU HG3  H N N 124 
GLU HE2  H N N 125 
GLU HXT  H N N 126 
GLY N    N N N 127 
GLY CA   C N N 128 
GLY C    C N N 129 
GLY O    O N N 130 
GLY OXT  O N N 131 
GLY H    H N N 132 
GLY H2   H N N 133 
GLY HA2  H N N 134 
GLY HA3  H N N 135 
GLY HXT  H N N 136 
HIS N    N N N 137 
HIS CA   C N S 138 
HIS C    C N N 139 
HIS O    O N N 140 
HIS CB   C N N 141 
HIS CG   C Y N 142 
HIS ND1  N Y N 143 
HIS CD2  C Y N 144 
HIS CE1  C Y N 145 
HIS NE2  N Y N 146 
HIS OXT  O N N 147 
HIS H    H N N 148 
HIS H2   H N N 149 
HIS HA   H N N 150 
HIS HB2  H N N 151 
HIS HB3  H N N 152 
HIS HD1  H N N 153 
HIS HD2  H N N 154 
HIS HE1  H N N 155 
HIS HE2  H N N 156 
HIS HXT  H N N 157 
HOH O    O N N 158 
HOH H1   H N N 159 
HOH H2   H N N 160 
ILE N    N N N 161 
ILE CA   C N S 162 
ILE C    C N N 163 
ILE O    O N N 164 
ILE CB   C N S 165 
ILE CG1  C N N 166 
ILE CG2  C N N 167 
ILE CD1  C N N 168 
ILE OXT  O N N 169 
ILE H    H N N 170 
ILE H2   H N N 171 
ILE HA   H N N 172 
ILE HB   H N N 173 
ILE HG12 H N N 174 
ILE HG13 H N N 175 
ILE HG21 H N N 176 
ILE HG22 H N N 177 
ILE HG23 H N N 178 
ILE HD11 H N N 179 
ILE HD12 H N N 180 
ILE HD13 H N N 181 
ILE HXT  H N N 182 
LEU N    N N N 183 
LEU CA   C N S 184 
LEU C    C N N 185 
LEU O    O N N 186 
LEU CB   C N N 187 
LEU CG   C N N 188 
LEU CD1  C N N 189 
LEU CD2  C N N 190 
LEU OXT  O N N 191 
LEU H    H N N 192 
LEU H2   H N N 193 
LEU HA   H N N 194 
LEU HB2  H N N 195 
LEU HB3  H N N 196 
LEU HG   H N N 197 
LEU HD11 H N N 198 
LEU HD12 H N N 199 
LEU HD13 H N N 200 
LEU HD21 H N N 201 
LEU HD22 H N N 202 
LEU HD23 H N N 203 
LEU HXT  H N N 204 
LYS N    N N N 205 
LYS CA   C N S 206 
LYS C    C N N 207 
LYS O    O N N 208 
LYS CB   C N N 209 
LYS CG   C N N 210 
LYS CD   C N N 211 
LYS CE   C N N 212 
LYS NZ   N N N 213 
LYS OXT  O N N 214 
LYS H    H N N 215 
LYS H2   H N N 216 
LYS HA   H N N 217 
LYS HB2  H N N 218 
LYS HB3  H N N 219 
LYS HG2  H N N 220 
LYS HG3  H N N 221 
LYS HD2  H N N 222 
LYS HD3  H N N 223 
LYS HE2  H N N 224 
LYS HE3  H N N 225 
LYS HZ1  H N N 226 
LYS HZ2  H N N 227 
LYS HZ3  H N N 228 
LYS HXT  H N N 229 
MET N    N N N 230 
MET CA   C N S 231 
MET C    C N N 232 
MET O    O N N 233 
MET CB   C N N 234 
MET CG   C N N 235 
MET SD   S N N 236 
MET CE   C N N 237 
MET OXT  O N N 238 
MET H    H N N 239 
MET H2   H N N 240 
MET HA   H N N 241 
MET HB2  H N N 242 
MET HB3  H N N 243 
MET HG2  H N N 244 
MET HG3  H N N 245 
MET HE1  H N N 246 
MET HE2  H N N 247 
MET HE3  H N N 248 
MET HXT  H N N 249 
PHE N    N N N 250 
PHE CA   C N S 251 
PHE C    C N N 252 
PHE O    O N N 253 
PHE CB   C N N 254 
PHE CG   C Y N 255 
PHE CD1  C Y N 256 
PHE CD2  C Y N 257 
PHE CE1  C Y N 258 
PHE CE2  C Y N 259 
PHE CZ   C Y N 260 
PHE OXT  O N N 261 
PHE H    H N N 262 
PHE H2   H N N 263 
PHE HA   H N N 264 
PHE HB2  H N N 265 
PHE HB3  H N N 266 
PHE HD1  H N N 267 
PHE HD2  H N N 268 
PHE HE1  H N N 269 
PHE HE2  H N N 270 
PHE HZ   H N N 271 
PHE HXT  H N N 272 
PRO N    N N N 273 
PRO CA   C N S 274 
PRO C    C N N 275 
PRO O    O N N 276 
PRO CB   C N N 277 
PRO CG   C N N 278 
PRO CD   C N N 279 
PRO OXT  O N N 280 
PRO H    H N N 281 
PRO HA   H N N 282 
PRO HB2  H N N 283 
PRO HB3  H N N 284 
PRO HG2  H N N 285 
PRO HG3  H N N 286 
PRO HD2  H N N 287 
PRO HD3  H N N 288 
PRO HXT  H N N 289 
SER N    N N N 290 
SER CA   C N S 291 
SER C    C N N 292 
SER O    O N N 293 
SER CB   C N N 294 
SER OG   O N N 295 
SER OXT  O N N 296 
SER H    H N N 297 
SER H2   H N N 298 
SER HA   H N N 299 
SER HB2  H N N 300 
SER HB3  H N N 301 
SER HG   H N N 302 
SER HXT  H N N 303 
THR N    N N N 304 
THR CA   C N S 305 
THR C    C N N 306 
THR O    O N N 307 
THR CB   C N R 308 
THR OG1  O N N 309 
THR CG2  C N N 310 
THR OXT  O N N 311 
THR H    H N N 312 
THR H2   H N N 313 
THR HA   H N N 314 
THR HB   H N N 315 
THR HG1  H N N 316 
THR HG21 H N N 317 
THR HG22 H N N 318 
THR HG23 H N N 319 
THR HXT  H N N 320 
TRP N    N N N 321 
TRP CA   C N S 322 
TRP C    C N N 323 
TRP O    O N N 324 
TRP CB   C N N 325 
TRP CG   C Y N 326 
TRP CD1  C Y N 327 
TRP CD2  C Y N 328 
TRP NE1  N Y N 329 
TRP CE2  C Y N 330 
TRP CE3  C Y N 331 
TRP CZ2  C Y N 332 
TRP CZ3  C Y N 333 
TRP CH2  C Y N 334 
TRP OXT  O N N 335 
TRP H    H N N 336 
TRP H2   H N N 337 
TRP HA   H N N 338 
TRP HB2  H N N 339 
TRP HB3  H N N 340 
TRP HD1  H N N 341 
TRP HE1  H N N 342 
TRP HE3  H N N 343 
TRP HZ2  H N N 344 
TRP HZ3  H N N 345 
TRP HH2  H N N 346 
TRP HXT  H N N 347 
TYR N    N N N 348 
TYR CA   C N S 349 
TYR C    C N N 350 
TYR O    O N N 351 
TYR CB   C N N 352 
TYR CG   C Y N 353 
TYR CD1  C Y N 354 
TYR CD2  C Y N 355 
TYR CE1  C Y N 356 
TYR CE2  C Y N 357 
TYR CZ   C Y N 358 
TYR OH   O N N 359 
TYR OXT  O N N 360 
TYR H    H N N 361 
TYR H2   H N N 362 
TYR HA   H N N 363 
TYR HB2  H N N 364 
TYR HB3  H N N 365 
TYR HD1  H N N 366 
TYR HD2  H N N 367 
TYR HE1  H N N 368 
TYR HE2  H N N 369 
TYR HH   H N N 370 
TYR HXT  H N N 371 
VAL N    N N N 372 
VAL CA   C N S 373 
VAL C    C N N 374 
VAL O    O N N 375 
VAL CB   C N N 376 
VAL CG1  C N N 377 
VAL CG2  C N N 378 
VAL OXT  O N N 379 
VAL H    H N N 380 
VAL H2   H N N 381 
VAL HA   H N N 382 
VAL HB   H N N 383 
VAL HG11 H N N 384 
VAL HG12 H N N 385 
VAL HG13 H N N 386 
VAL HG21 H N N 387 
VAL HG22 H N N 388 
VAL HG23 H N N 389 
VAL HXT  H N N 390 
# 
loop_
_chem_comp_bond.comp_id 
_chem_comp_bond.atom_id_1 
_chem_comp_bond.atom_id_2 
_chem_comp_bond.value_order 
_chem_comp_bond.pdbx_aromatic_flag 
_chem_comp_bond.pdbx_stereo_config 
_chem_comp_bond.pdbx_ordinal 
ALA N   CA   sing N N 1   
ALA N   H    sing N N 2   
ALA N   H2   sing N N 3   
ALA CA  C    sing N N 4   
ALA CA  CB   sing N N 5   
ALA CA  HA   sing N N 6   
ALA C   O    doub N N 7   
ALA C   OXT  sing N N 8   
ALA CB  HB1  sing N N 9   
ALA CB  HB2  sing N N 10  
ALA CB  HB3  sing N N 11  
ALA OXT HXT  sing N N 12  
ARG N   CA   sing N N 13  
ARG N   H    sing N N 14  
ARG N   H2   sing N N 15  
ARG CA  C    sing N N 16  
ARG CA  CB   sing N N 17  
ARG CA  HA   sing N N 18  
ARG C   O    doub N N 19  
ARG C   OXT  sing N N 20  
ARG CB  CG   sing N N 21  
ARG CB  HB2  sing N N 22  
ARG CB  HB3  sing N N 23  
ARG CG  CD   sing N N 24  
ARG CG  HG2  sing N N 25  
ARG CG  HG3  sing N N 26  
ARG CD  NE   sing N N 27  
ARG CD  HD2  sing N N 28  
ARG CD  HD3  sing N N 29  
ARG NE  CZ   sing N N 30  
ARG NE  HE   sing N N 31  
ARG CZ  NH1  sing N N 32  
ARG CZ  NH2  doub N N 33  
ARG NH1 HH11 sing N N 34  
ARG NH1 HH12 sing N N 35  
ARG NH2 HH21 sing N N 36  
ARG NH2 HH22 sing N N 37  
ARG OXT HXT  sing N N 38  
ASN N   CA   sing N N 39  
ASN N   H    sing N N 40  
ASN N   H2   sing N N 41  
ASN CA  C    sing N N 42  
ASN CA  CB   sing N N 43  
ASN CA  HA   sing N N 44  
ASN C   O    doub N N 45  
ASN C   OXT  sing N N 46  
ASN CB  CG   sing N N 47  
ASN CB  HB2  sing N N 48  
ASN CB  HB3  sing N N 49  
ASN CG  OD1  doub N N 50  
ASN CG  ND2  sing N N 51  
ASN ND2 HD21 sing N N 52  
ASN ND2 HD22 sing N N 53  
ASN OXT HXT  sing N N 54  
ASP N   CA   sing N N 55  
ASP N   H    sing N N 56  
ASP N   H2   sing N N 57  
ASP CA  C    sing N N 58  
ASP CA  CB   sing N N 59  
ASP CA  HA   sing N N 60  
ASP C   O    doub N N 61  
ASP C   OXT  sing N N 62  
ASP CB  CG   sing N N 63  
ASP CB  HB2  sing N N 64  
ASP CB  HB3  sing N N 65  
ASP CG  OD1  doub N N 66  
ASP CG  OD2  sing N N 67  
ASP OD2 HD2  sing N N 68  
ASP OXT HXT  sing N N 69  
CYS N   CA   sing N N 70  
CYS N   H    sing N N 71  
CYS N   H2   sing N N 72  
CYS CA  C    sing N N 73  
CYS CA  CB   sing N N 74  
CYS CA  HA   sing N N 75  
CYS C   O    doub N N 76  
CYS C   OXT  sing N N 77  
CYS CB  SG   sing N N 78  
CYS CB  HB2  sing N N 79  
CYS CB  HB3  sing N N 80  
CYS SG  HG   sing N N 81  
CYS OXT HXT  sing N N 82  
GLN N   CA   sing N N 83  
GLN N   H    sing N N 84  
GLN N   H2   sing N N 85  
GLN CA  C    sing N N 86  
GLN CA  CB   sing N N 87  
GLN CA  HA   sing N N 88  
GLN C   O    doub N N 89  
GLN C   OXT  sing N N 90  
GLN CB  CG   sing N N 91  
GLN CB  HB2  sing N N 92  
GLN CB  HB3  sing N N 93  
GLN CG  CD   sing N N 94  
GLN CG  HG2  sing N N 95  
GLN CG  HG3  sing N N 96  
GLN CD  OE1  doub N N 97  
GLN CD  NE2  sing N N 98  
GLN NE2 HE21 sing N N 99  
GLN NE2 HE22 sing N N 100 
GLN OXT HXT  sing N N 101 
GLU N   CA   sing N N 102 
GLU N   H    sing N N 103 
GLU N   H2   sing N N 104 
GLU CA  C    sing N N 105 
GLU CA  CB   sing N N 106 
GLU CA  HA   sing N N 107 
GLU C   O    doub N N 108 
GLU C   OXT  sing N N 109 
GLU CB  CG   sing N N 110 
GLU CB  HB2  sing N N 111 
GLU CB  HB3  sing N N 112 
GLU CG  CD   sing N N 113 
GLU CG  HG2  sing N N 114 
GLU CG  HG3  sing N N 115 
GLU CD  OE1  doub N N 116 
GLU CD  OE2  sing N N 117 
GLU OE2 HE2  sing N N 118 
GLU OXT HXT  sing N N 119 
GLY N   CA   sing N N 120 
GLY N   H    sing N N 121 
GLY N   H2   sing N N 122 
GLY CA  C    sing N N 123 
GLY CA  HA2  sing N N 124 
GLY CA  HA3  sing N N 125 
GLY C   O    doub N N 126 
GLY C   OXT  sing N N 127 
GLY OXT HXT  sing N N 128 
HIS N   CA   sing N N 129 
HIS N   H    sing N N 130 
HIS N   H2   sing N N 131 
HIS CA  C    sing N N 132 
HIS CA  CB   sing N N 133 
HIS CA  HA   sing N N 134 
HIS C   O    doub N N 135 
HIS C   OXT  sing N N 136 
HIS CB  CG   sing N N 137 
HIS CB  HB2  sing N N 138 
HIS CB  HB3  sing N N 139 
HIS CG  ND1  sing Y N 140 
HIS CG  CD2  doub Y N 141 
HIS ND1 CE1  doub Y N 142 
HIS ND1 HD1  sing N N 143 
HIS CD2 NE2  sing Y N 144 
HIS CD2 HD2  sing N N 145 
HIS CE1 NE2  sing Y N 146 
HIS CE1 HE1  sing N N 147 
HIS NE2 HE2  sing N N 148 
HIS OXT HXT  sing N N 149 
HOH O   H1   sing N N 150 
HOH O   H2   sing N N 151 
ILE N   CA   sing N N 152 
ILE N   H    sing N N 153 
ILE N   H2   sing N N 154 
ILE CA  C    sing N N 155 
ILE CA  CB   sing N N 156 
ILE CA  HA   sing N N 157 
ILE C   O    doub N N 158 
ILE C   OXT  sing N N 159 
ILE CB  CG1  sing N N 160 
ILE CB  CG2  sing N N 161 
ILE CB  HB   sing N N 162 
ILE CG1 CD1  sing N N 163 
ILE CG1 HG12 sing N N 164 
ILE CG1 HG13 sing N N 165 
ILE CG2 HG21 sing N N 166 
ILE CG2 HG22 sing N N 167 
ILE CG2 HG23 sing N N 168 
ILE CD1 HD11 sing N N 169 
ILE CD1 HD12 sing N N 170 
ILE CD1 HD13 sing N N 171 
ILE OXT HXT  sing N N 172 
LEU N   CA   sing N N 173 
LEU N   H    sing N N 174 
LEU N   H2   sing N N 175 
LEU CA  C    sing N N 176 
LEU CA  CB   sing N N 177 
LEU CA  HA   sing N N 178 
LEU C   O    doub N N 179 
LEU C   OXT  sing N N 180 
LEU CB  CG   sing N N 181 
LEU CB  HB2  sing N N 182 
LEU CB  HB3  sing N N 183 
LEU CG  CD1  sing N N 184 
LEU CG  CD2  sing N N 185 
LEU CG  HG   sing N N 186 
LEU CD1 HD11 sing N N 187 
LEU CD1 HD12 sing N N 188 
LEU CD1 HD13 sing N N 189 
LEU CD2 HD21 sing N N 190 
LEU CD2 HD22 sing N N 191 
LEU CD2 HD23 sing N N 192 
LEU OXT HXT  sing N N 193 
LYS N   CA   sing N N 194 
LYS N   H    sing N N 195 
LYS N   H2   sing N N 196 
LYS CA  C    sing N N 197 
LYS CA  CB   sing N N 198 
LYS CA  HA   sing N N 199 
LYS C   O    doub N N 200 
LYS C   OXT  sing N N 201 
LYS CB  CG   sing N N 202 
LYS CB  HB2  sing N N 203 
LYS CB  HB3  sing N N 204 
LYS CG  CD   sing N N 205 
LYS CG  HG2  sing N N 206 
LYS CG  HG3  sing N N 207 
LYS CD  CE   sing N N 208 
LYS CD  HD2  sing N N 209 
LYS CD  HD3  sing N N 210 
LYS CE  NZ   sing N N 211 
LYS CE  HE2  sing N N 212 
LYS CE  HE3  sing N N 213 
LYS NZ  HZ1  sing N N 214 
LYS NZ  HZ2  sing N N 215 
LYS NZ  HZ3  sing N N 216 
LYS OXT HXT  sing N N 217 
MET N   CA   sing N N 218 
MET N   H    sing N N 219 
MET N   H2   sing N N 220 
MET CA  C    sing N N 221 
MET CA  CB   sing N N 222 
MET CA  HA   sing N N 223 
MET C   O    doub N N 224 
MET C   OXT  sing N N 225 
MET CB  CG   sing N N 226 
MET CB  HB2  sing N N 227 
MET CB  HB3  sing N N 228 
MET CG  SD   sing N N 229 
MET CG  HG2  sing N N 230 
MET CG  HG3  sing N N 231 
MET SD  CE   sing N N 232 
MET CE  HE1  sing N N 233 
MET CE  HE2  sing N N 234 
MET CE  HE3  sing N N 235 
MET OXT HXT  sing N N 236 
PHE N   CA   sing N N 237 
PHE N   H    sing N N 238 
PHE N   H2   sing N N 239 
PHE CA  C    sing N N 240 
PHE CA  CB   sing N N 241 
PHE CA  HA   sing N N 242 
PHE C   O    doub N N 243 
PHE C   OXT  sing N N 244 
PHE CB  CG   sing N N 245 
PHE CB  HB2  sing N N 246 
PHE CB  HB3  sing N N 247 
PHE CG  CD1  doub Y N 248 
PHE CG  CD2  sing Y N 249 
PHE CD1 CE1  sing Y N 250 
PHE CD1 HD1  sing N N 251 
PHE CD2 CE2  doub Y N 252 
PHE CD2 HD2  sing N N 253 
PHE CE1 CZ   doub Y N 254 
PHE CE1 HE1  sing N N 255 
PHE CE2 CZ   sing Y N 256 
PHE CE2 HE2  sing N N 257 
PHE CZ  HZ   sing N N 258 
PHE OXT HXT  sing N N 259 
PRO N   CA   sing N N 260 
PRO N   CD   sing N N 261 
PRO N   H    sing N N 262 
PRO CA  C    sing N N 263 
PRO CA  CB   sing N N 264 
PRO CA  HA   sing N N 265 
PRO C   O    doub N N 266 
PRO C   OXT  sing N N 267 
PRO CB  CG   sing N N 268 
PRO CB  HB2  sing N N 269 
PRO CB  HB3  sing N N 270 
PRO CG  CD   sing N N 271 
PRO CG  HG2  sing N N 272 
PRO CG  HG3  sing N N 273 
PRO CD  HD2  sing N N 274 
PRO CD  HD3  sing N N 275 
PRO OXT HXT  sing N N 276 
SER N   CA   sing N N 277 
SER N   H    sing N N 278 
SER N   H2   sing N N 279 
SER CA  C    sing N N 280 
SER CA  CB   sing N N 281 
SER CA  HA   sing N N 282 
SER C   O    doub N N 283 
SER C   OXT  sing N N 284 
SER CB  OG   sing N N 285 
SER CB  HB2  sing N N 286 
SER CB  HB3  sing N N 287 
SER OG  HG   sing N N 288 
SER OXT HXT  sing N N 289 
THR N   CA   sing N N 290 
THR N   H    sing N N 291 
THR N   H2   sing N N 292 
THR CA  C    sing N N 293 
THR CA  CB   sing N N 294 
THR CA  HA   sing N N 295 
THR C   O    doub N N 296 
THR C   OXT  sing N N 297 
THR CB  OG1  sing N N 298 
THR CB  CG2  sing N N 299 
THR CB  HB   sing N N 300 
THR OG1 HG1  sing N N 301 
THR CG2 HG21 sing N N 302 
THR CG2 HG22 sing N N 303 
THR CG2 HG23 sing N N 304 
THR OXT HXT  sing N N 305 
TRP N   CA   sing N N 306 
TRP N   H    sing N N 307 
TRP N   H2   sing N N 308 
TRP CA  C    sing N N 309 
TRP CA  CB   sing N N 310 
TRP CA  HA   sing N N 311 
TRP C   O    doub N N 312 
TRP C   OXT  sing N N 313 
TRP CB  CG   sing N N 314 
TRP CB  HB2  sing N N 315 
TRP CB  HB3  sing N N 316 
TRP CG  CD1  doub Y N 317 
TRP CG  CD2  sing Y N 318 
TRP CD1 NE1  sing Y N 319 
TRP CD1 HD1  sing N N 320 
TRP CD2 CE2  doub Y N 321 
TRP CD2 CE3  sing Y N 322 
TRP NE1 CE2  sing Y N 323 
TRP NE1 HE1  sing N N 324 
TRP CE2 CZ2  sing Y N 325 
TRP CE3 CZ3  doub Y N 326 
TRP CE3 HE3  sing N N 327 
TRP CZ2 CH2  doub Y N 328 
TRP CZ2 HZ2  sing N N 329 
TRP CZ3 CH2  sing Y N 330 
TRP CZ3 HZ3  sing N N 331 
TRP CH2 HH2  sing N N 332 
TRP OXT HXT  sing N N 333 
TYR N   CA   sing N N 334 
TYR N   H    sing N N 335 
TYR N   H2   sing N N 336 
TYR CA  C    sing N N 337 
TYR CA  CB   sing N N 338 
TYR CA  HA   sing N N 339 
TYR C   O    doub N N 340 
TYR C   OXT  sing N N 341 
TYR CB  CG   sing N N 342 
TYR CB  HB2  sing N N 343 
TYR CB  HB3  sing N N 344 
TYR CG  CD1  doub Y N 345 
TYR CG  CD2  sing Y N 346 
TYR CD1 CE1  sing Y N 347 
TYR CD1 HD1  sing N N 348 
TYR CD2 CE2  doub Y N 349 
TYR CD2 HD2  sing N N 350 
TYR CE1 CZ   doub Y N 351 
TYR CE1 HE1  sing N N 352 
TYR CE2 CZ   sing Y N 353 
TYR CE2 HE2  sing N N 354 
TYR CZ  OH   sing N N 355 
TYR OH  HH   sing N N 356 
TYR OXT HXT  sing N N 357 
VAL N   CA   sing N N 358 
VAL N   H    sing N N 359 
VAL N   H2   sing N N 360 
VAL CA  C    sing N N 361 
VAL CA  CB   sing N N 362 
VAL CA  HA   sing N N 363 
VAL C   O    doub N N 364 
VAL C   OXT  sing N N 365 
VAL CB  CG1  sing N N 366 
VAL CB  CG2  sing N N 367 
VAL CB  HB   sing N N 368 
VAL CG1 HG11 sing N N 369 
VAL CG1 HG12 sing N N 370 
VAL CG1 HG13 sing N N 371 
VAL CG2 HG21 sing N N 372 
VAL CG2 HG22 sing N N 373 
VAL CG2 HG23 sing N N 374 
VAL OXT HXT  sing N N 375 
# 
_pdbx_audit_support.funding_organization   'National Research Foundation (NRF, Korea)' 
_pdbx_audit_support.country                'Korea, Republic Of' 
_pdbx_audit_support.grant_number           ? 
_pdbx_audit_support.ordinal                1 
# 
_pdbx_initial_refinement_model.id               1 
_pdbx_initial_refinement_model.entity_id_list   ? 
_pdbx_initial_refinement_model.type             'in silico model' 
_pdbx_initial_refinement_model.source_name      AlphaFold 
_pdbx_initial_refinement_model.accession_code   ? 
_pdbx_initial_refinement_model.details          ? 
# 
_atom_sites.entry_id                    8K4M 
_atom_sites.Cartn_transf_matrix[1][1]   ? 
_atom_sites.Cartn_transf_matrix[1][2]   ? 
_atom_sites.Cartn_transf_matrix[1][3]   ? 
_atom_sites.Cartn_transf_matrix[2][1]   ? 
_atom_sites.Cartn_transf_matrix[2][2]   ? 
_atom_sites.Cartn_transf_matrix[2][3]   ? 
_atom_sites.Cartn_transf_matrix[3][1]   ? 
_atom_sites.Cartn_transf_matrix[3][2]   ? 
_atom_sites.Cartn_transf_matrix[3][3]   ? 
_atom_sites.Cartn_transf_vector[1]      ? 
_atom_sites.Cartn_transf_vector[2]      ? 
_atom_sites.Cartn_transf_vector[3]      ? 
_atom_sites.fract_transf_matrix[1][1]   0.00711787 
_atom_sites.fract_transf_matrix[1][2]   0.00508567 
_atom_sites.fract_transf_matrix[1][3]   -0.00489289 
_atom_sites.fract_transf_matrix[2][1]   -0.01844556 
_atom_sites.fract_transf_matrix[2][2]   0.00987834 
_atom_sites.fract_transf_matrix[2][3]   -0.01656590 
_atom_sites.fract_transf_matrix[3][1]   0.00090218 
_atom_sites.fract_transf_matrix[3][2]   0.02421154 
_atom_sites.fract_transf_matrix[3][3]   0.01343293 
_atom_sites.fract_transf_vector[1]      0.150914 
_atom_sites.fract_transf_vector[2]      0.076619 
_atom_sites.fract_transf_vector[3]      0.237517 
_atom_sites.solution_primary            ? 
_atom_sites.solution_secondary          ? 
_atom_sites.solution_hydrogens          ? 
_atom_sites.special_details             ? 
# 
loop_
_atom_type.symbol 
C 
N 
O 
S 
# 
loop_
_atom_site.group_PDB 
_atom_site.id 
_atom_site.type_symbol 
_atom_site.label_atom_id 
_atom_site.label_alt_id 
_atom_site.label_comp_id 
_atom_site.label_asym_id 
_atom_site.label_entity_id 
_atom_site.label_seq_id 
_atom_site.pdbx_PDB_ins_code 
_atom_site.Cartn_x 
_atom_site.Cartn_y 
_atom_site.Cartn_z 
_atom_site.occupancy 
_atom_site.B_iso_or_equiv 
_atom_site.pdbx_formal_charge 
_atom_site.auth_seq_id 
_atom_site.auth_comp_id 
_atom_site.auth_asym_id 
_atom_site.auth_atom_id 
_atom_site.pdbx_PDB_model_num 
ATOM   1    N N   . LYS A 1 7   ? -22.212 -4.878  11.271  1.00 59.98 ?  7   LYS A N   1 
ATOM   2    C CA  . LYS A 1 7   ? -20.989 -4.528  10.552  1.00 56.54 ?  7   LYS A CA  1 
ATOM   3    C C   . LYS A 1 7   ? -19.778 -4.562  11.478  1.00 52.87 ?  7   LYS A C   1 
ATOM   4    O O   . LYS A 1 7   ? -19.906 -4.423  12.698  1.00 53.73 ?  7   LYS A O   1 
ATOM   5    C CB  . LYS A 1 7   ? -21.119 -3.151  9.903   1.00 54.10 ?  7   LYS A CB  1 
ATOM   6    C CG  . LYS A 1 7   ? -20.282 -2.964  8.651   1.00 56.89 ?  7   LYS A CG  1 
ATOM   7    C CD  . LYS A 1 7   ? -20.450 -1.552  8.131   1.00 59.22 ?  7   LYS A CD  1 
ATOM   8    C CE  . LYS A 1 7   ? -19.529 -1.264  6.967   1.00 56.96 ?  7   LYS A CE  1 
ATOM   9    N NZ  . LYS A 1 7   ? -19.609 0.175   6.576   1.00 56.30 ?  7   LYS A NZ  1 
ATOM   10   N N   . MET A 1 8   ? -18.604 -4.735  10.880  1.00 52.18 ?  8   MET A N   1 
ATOM   11   C CA  . MET A 1 8   ? -17.382 -5.076  11.598  1.00 52.47 ?  8   MET A CA  1 
ATOM   12   C C   . MET A 1 8   ? -16.538 -3.866  11.969  1.00 45.90 ?  8   MET A C   1 
ATOM   13   O O   . MET A 1 8   ? -15.456 -4.042  12.539  1.00 43.73 ?  8   MET A O   1 
ATOM   14   C CB  . MET A 1 8   ? -16.543 -6.027  10.739  1.00 55.32 ?  8   MET A CB  1 
ATOM   15   C CG  . MET A 1 8   ? -16.854 -7.517  10.901  1.00 58.23 ?  8   MET A CG  1 
ATOM   16   S SD  . MET A 1 8   ? -16.766 -8.360  9.295   1.00 70.14 ?  8   MET A SD  1 
ATOM   17   C CE  . MET A 1 8   ? -15.092 -9.023  9.281   1.00 51.75 ?  8   MET A CE  1 
ATOM   18   N N   . ILE A 1 9   ? -16.985 -2.656  11.645  1.00 40.31 ?  9   ILE A N   1 
ATOM   19   C CA  . ILE A 1 9   ? -16.211 -1.443  11.869  1.00 41.66 ?  9   ILE A CA  1 
ATOM   20   C C   . ILE A 1 9   ? -16.843 -0.652  13.011  1.00 38.76 ?  9   ILE A C   1 
ATOM   21   O O   . ILE A 1 9   ? -18.067 -0.473  13.061  1.00 40.39 ?  9   ILE A O   1 
ATOM   22   C CB  . ILE A 1 9   ? -16.086 -0.609  10.577  1.00 42.36 ?  9   ILE A CB  1 
ATOM   23   C CG1 . ILE A 1 9   ? -17.397 0.085   10.216  1.00 47.04 ?  9   ILE A CG1 1 
ATOM   24   C CG2 . ILE A 1 9   ? -15.620 -1.477  9.425   1.00 45.77 ?  9   ILE A CG2 1 
ATOM   25   C CD1 . ILE A 1 9   ? -17.268 1.110   9.107   1.00 49.84 ?  9   ILE A CD1 1 
ATOM   26   N N   . GLU A 1 10  ? -16.010 -0.209  13.947  1.00 35.59 ?  10  GLU A N   1 
ATOM   27   C CA  . GLU A 1 10  ? -16.476 0.577   15.078  1.00 33.90 ?  10  GLU A CA  1 
ATOM   28   C C   . GLU A 1 10  ? -15.751 1.916   15.099  1.00 33.97 ?  10  GLU A C   1 
ATOM   29   O O   . GLU A 1 10  ? -14.693 2.079   14.488  1.00 32.79 ?  10  GLU A O   1 
ATOM   30   C CB  . GLU A 1 10  ? -16.245 -0.166  16.403  1.00 32.58 ?  10  GLU A CB  1 
ATOM   31   C CG  . GLU A 1 10  ? -16.875 -1.551  16.425  1.00 38.66 ?  10  GLU A CG  1 
ATOM   32   C CD  . GLU A 1 10  ? -18.363 -1.512  16.705  1.00 42.00 ?  10  GLU A CD  1 
ATOM   33   O OE1 . GLU A 1 10  ? -18.868 -0.429  17.072  1.00 40.76 ?  10  GLU A OE1 1 
ATOM   34   O OE2 . GLU A 1 10  ? -19.033 -2.556  16.507  1.00 44.95 -1 10  GLU A OE2 1 
ATOM   35   N N   . ASP A 1 11  ? -16.334 2.882   15.801  1.00 29.58 ?  11  ASP A N   1 
ATOM   36   C CA  . ASP A 1 11  ? -15.717 4.194   15.964  1.00 27.45 ?  11  ASP A CA  1 
ATOM   37   C C   . ASP A 1 11  ? -14.713 4.148   17.108  1.00 28.84 ?  11  ASP A C   1 
ATOM   38   O O   . ASP A 1 11  ? -15.037 3.673   18.202  1.00 29.84 ?  11  ASP A O   1 
ATOM   39   C CB  . ASP A 1 11  ? -16.778 5.252   16.273  1.00 31.95 ?  11  ASP A CB  1 
ATOM   40   C CG  . ASP A 1 11  ? -17.713 5.516   15.111  1.00 35.35 ?  11  ASP A CG  1 
ATOM   41   O OD1 . ASP A 1 11  ? -17.409 5.106   13.974  1.00 35.63 ?  11  ASP A OD1 1 
ATOM   42   O OD2 . ASP A 1 11  ? -18.779 6.120   15.363  1.00 38.86 -1 11  ASP A OD2 1 
ATOM   43   N N   . VAL A 1 12  ? -13.494 4.644   16.864  1.00 31.01 ?  12  VAL A N   1 
ATOM   44   C CA  . VAL A 1 12  ? -12.495 4.758   17.927  1.00 25.83 ?  12  VAL A CA  1 
ATOM   45   C C   . VAL A 1 12  ? -11.884 6.151   17.896  1.00 27.86 ?  12  VAL A C   1 
ATOM   46   O O   . VAL A 1 12  ? -11.719 6.757   16.831  1.00 31.87 ?  12  VAL A O   1 
ATOM   47   C CB  . VAL A 1 12  ? -11.385 3.685   17.822  1.00 27.84 ?  12  VAL A CB  1 
ATOM   48   C CG1 . VAL A 1 12  ? -10.635 3.797   16.486  1.00 30.16 ?  12  VAL A CG1 1 
ATOM   49   C CG2 . VAL A 1 12  ? -10.427 3.759   19.026  1.00 29.56 ?  12  VAL A CG2 1 
ATOM   50   N N   . VAL A 1 13  ? -11.558 6.653   19.084  1.00 29.13 ?  13  VAL A N   1 
ATOM   51   C CA  . VAL A 1 13  ? -10.816 7.893   19.277  1.00 30.63 ?  13  VAL A CA  1 
ATOM   52   C C   . VAL A 1 13  ? -9.399  7.493   19.697  1.00 31.50 ?  13  VAL A C   1 
ATOM   53   O O   . VAL A 1 13  ? -9.201  6.865   20.750  1.00 29.18 ?  13  VAL A O   1 
ATOM   54   C CB  . VAL A 1 13  ? -11.500 8.793   20.329  1.00 28.60 ?  13  VAL A CB  1 
ATOM   55   C CG1 . VAL A 1 13  ? -10.641 10.006  20.656  1.00 31.82 ?  13  VAL A CG1 1 
ATOM   56   C CG2 . VAL A 1 13  ? -12.905 9.202   19.858  1.00 31.56 ?  13  VAL A CG2 1 
ATOM   57   N N   . LEU A 1 14  ? -8.412  7.816   18.865  1.00 29.86 ?  14  LEU A N   1 
ATOM   58   C CA  . LEU A 1 14  ? -7.061  7.347   19.130  1.00 31.01 ?  14  LEU A CA  1 
ATOM   59   C C   . LEU A 1 14  ? -6.355  8.218   20.159  1.00 34.24 ?  14  LEU A C   1 
ATOM   60   O O   . LEU A 1 14  ? -6.797  9.320   20.500  1.00 34.03 ?  14  LEU A O   1 
ATOM   61   C CB  . LEU A 1 14  ? -6.227  7.266   17.850  1.00 34.12 ?  14  LEU A CB  1 
ATOM   62   C CG  . LEU A 1 14  ? -6.949  6.666   16.659  1.00 33.43 ?  14  LEU A CG  1 
ATOM   63   C CD1 . LEU A 1 14  ? -6.175  6.963   15.392  1.00 35.40 ?  14  LEU A CD1 1 
ATOM   64   C CD2 . LEU A 1 14  ? -7.077  5.171   16.920  1.00 31.56 ?  14  LEU A CD2 1 
ATOM   65   N N   . GLY A 1 15  ? -5.240  7.687   20.658  1.00 31.92 ?  15  GLY A N   1 
ATOM   66   C CA  . GLY A 1 15  ? -4.470  8.306   21.711  1.00 38.66 ?  15  GLY A CA  1 
ATOM   67   C C   . GLY A 1 15  ? -3.309  9.122   21.181  1.00 40.16 ?  15  GLY A C   1 
ATOM   68   O O   . GLY A 1 15  ? -3.285  9.549   20.020  1.00 41.93 ?  15  GLY A O   1 
ATOM   69   N N   . GLU A 1 16  ? -2.345  9.366   22.061  1.00 41.60 ?  16  GLU A N   1 
ATOM   70   C CA  . GLU A 1 16  ? -1.136  10.093  21.699  1.00 45.78 ?  16  GLU A CA  1 
ATOM   71   C C   . GLU A 1 16  ? -0.129  9.090   21.157  1.00 40.33 ?  16  GLU A C   1 
ATOM   72   O O   . GLU A 1 16  ? 0.253   8.148   21.861  1.00 42.18 ?  16  GLU A O   1 
ATOM   73   C CB  . GLU A 1 16  ? -0.558  10.852  22.894  1.00 46.60 ?  16  GLU A CB  1 
ATOM   74   C CG  . GLU A 1 16  ? -1.353  12.098  23.284  1.00 53.11 ?  16  GLU A CG  1 
ATOM   75   C CD  . GLU A 1 16  ? -1.017  12.604  24.680  1.00 62.47 ?  16  GLU A CD  1 
ATOM   76   O OE1 . GLU A 1 16  ? -0.025  12.117  25.274  1.00 62.37 ?  16  GLU A OE1 1 
ATOM   77   O OE2 . GLU A 1 16  ? -1.755  13.479  25.188  1.00 61.67 -1 16  GLU A OE2 1 
ATOM   78   N N   . VAL A 1 17  ? 0.283   9.288   19.907  1.00 40.56 ?  17  VAL A N   1 
ATOM   79   C CA  . VAL A 1 17  ? 1.198   8.362   19.253  1.00 38.15 ?  17  VAL A CA  1 
ATOM   80   C C   . VAL A 1 17  ? 2.567   8.497   19.905  1.00 40.48 ?  17  VAL A C   1 
ATOM   81   O O   . VAL A 1 17  ? 3.120   9.600   19.993  1.00 42.03 ?  17  VAL A O   1 
ATOM   82   C CB  . VAL A 1 17  ? 1.258   8.633   17.743  1.00 38.17 ?  17  VAL A CB  1 
ATOM   83   C CG1 . VAL A 1 17  ? 2.428   7.906   17.101  1.00 36.72 ?  17  VAL A CG1 1 
ATOM   84   C CG2 . VAL A 1 17  ? -0.066  8.239   17.079  1.00 40.88 ?  17  VAL A CG2 1 
ATOM   85   N N   . GLU A 1 18  ? 3.094   7.382   20.416  1.00 36.33 ?  18  GLU A N   1 
ATOM   86   C CA  . GLU A 1 18  ? 4.471   7.294   20.877  1.00 39.92 ?  18  GLU A CA  1 
ATOM   87   C C   . GLU A 1 18  ? 5.409   6.988   19.721  1.00 42.48 ?  18  GLU A C   1 
ATOM   88   O O   . GLU A 1 18  ? 6.427   7.666   19.532  1.00 43.29 ?  18  GLU A O   1 
ATOM   89   C CB  . GLU A 1 18  ? 4.604   6.187   21.923  1.00 41.54 ?  18  GLU A CB  1 
ATOM   90   C CG  . GLU A 1 18  ? 4.025   6.508   23.268  1.00 47.69 ?  18  GLU A CG  1 
ATOM   91   C CD  . GLU A 1 18  ? 4.879   7.488   24.005  1.00 52.38 ?  18  GLU A CD  1 
ATOM   92   O OE1 . GLU A 1 18  ? 6.038   7.137   24.323  1.00 55.00 ?  18  GLU A OE1 1 
ATOM   93   O OE2 . GLU A 1 18  ? 4.383   8.604   24.268  1.00 55.97 -1 18  GLU A OE2 1 
ATOM   94   N N   . LEU A 1 19  ? 5.080   5.955   18.952  1.00 38.11 ?  19  LEU A N   1 
ATOM   95   C CA  . LEU A 1 19  ? 5.949   5.452   17.904  1.00 37.69 ?  19  LEU A CA  1 
ATOM   96   C C   . LEU A 1 19  ? 5.088   4.851   16.802  1.00 41.38 ?  19  LEU A C   1 
ATOM   97   O O   . LEU A 1 19  ? 3.986   4.357   17.055  1.00 37.61 ?  19  LEU A O   1 
ATOM   98   C CB  . LEU A 1 19  ? 6.922   4.412   18.478  1.00 38.18 ?  19  LEU A CB  1 
ATOM   99   C CG  . LEU A 1 19  ? 7.809   3.639   17.518  1.00 44.50 ?  19  LEU A CG  1 
ATOM   100  C CD1 . LEU A 1 19  ? 8.611   4.634   16.700  1.00 44.28 ?  19  LEU A CD1 1 
ATOM   101  C CD2 . LEU A 1 19  ? 8.718   2.705   18.287  1.00 46.80 ?  19  LEU A CD2 1 
ATOM   102  N N   . ILE A 1 20  ? 5.587   4.925   15.570  1.00 36.86 ?  20  ILE A N   1 
ATOM   103  C CA  . ILE A 1 20  ? 4.974   4.257   14.431  1.00 37.60 ?  20  ILE A CA  1 
ATOM   104  C C   . ILE A 1 20  ? 6.050   3.403   13.795  1.00 38.54 ?  20  ILE A C   1 
ATOM   105  O O   . ILE A 1 20  ? 7.165   3.883   13.571  1.00 42.93 ?  20  ILE A O   1 
ATOM   106  C CB  . ILE A 1 20  ? 4.405   5.251   13.406  1.00 36.54 ?  20  ILE A CB  1 
ATOM   107  C CG1 . ILE A 1 20  ? 3.427   6.211   14.074  1.00 34.92 ?  20  ILE A CG1 1 
ATOM   108  C CG2 . ILE A 1 20  ? 3.701   4.493   12.294  1.00 37.14 ?  20  ILE A CG2 1 
ATOM   109  C CD1 . ILE A 1 20  ? 2.654   7.079   13.079  1.00 41.76 ?  20  ILE A CD1 1 
ATOM   110  N N   . GLU A 1 21  ? 5.735   2.135   13.542  1.00 37.66 ?  21  GLU A N   1 
ATOM   111  C CA  . GLU A 1 21  ? 6.646   1.210   12.878  1.00 41.41 ?  21  GLU A CA  1 
ATOM   112  C C   . GLU A 1 21  ? 5.978   0.675   11.618  1.00 38.67 ?  21  GLU A C   1 
ATOM   113  O O   . GLU A 1 21  ? 4.929   0.026   11.700  1.00 34.74 ?  21  GLU A O   1 
ATOM   114  C CB  . GLU A 1 21  ? 7.014   0.059   13.803  1.00 41.63 ?  21  GLU A CB  1 
ATOM   115  C CG  . GLU A 1 21  ? 8.261   -0.684  13.418  1.00 47.38 ?  21  GLU A CG  1 
ATOM   116  C CD  . GLU A 1 21  ? 8.598   -1.732  14.455  1.00 61.06 ?  21  GLU A CD  1 
ATOM   117  O OE1 . GLU A 1 21  ? 8.201   -2.905  14.267  1.00 64.97 ?  21  GLU A OE1 1 
ATOM   118  O OE2 . GLU A 1 21  ? 9.214   -1.366  15.487  1.00 66.18 -1 21  GLU A OE2 1 
ATOM   119  N N   . ASP A 1 22  ? 6.594   0.925   10.465  1.00 40.78 ?  22  ASP A N   1 
ATOM   120  C CA  . ASP A 1 22  ? 6.088   0.393   9.204   1.00 37.56 ?  22  ASP A CA  1 
ATOM   121  C C   . ASP A 1 22  ? 6.379   -1.099  9.114   1.00 38.16 ?  22  ASP A C   1 
ATOM   122  O O   . ASP A 1 22  ? 7.538   -1.523  9.199   1.00 37.40 ?  22  ASP A O   1 
ATOM   123  C CB  . ASP A 1 22  ? 6.700   1.142   8.026   1.00 40.50 ?  22  ASP A CB  1 
ATOM   124  C CG  . ASP A 1 22  ? 5.801   2.236   7.501   1.00 44.44 ?  22  ASP A CG  1 
ATOM   125  O OD1 . ASP A 1 22  ? 4.931   2.730   8.267   1.00 44.47 ?  22  ASP A OD1 1 
ATOM   126  O OD2 . ASP A 1 22  ? 5.969   2.597   6.310   1.00 50.92 -1 22  ASP A OD2 1 
ATOM   127  N N   . LEU A 1 23  ? 5.324   -1.894  8.949   1.00 32.28 ?  23  LEU A N   1 
ATOM   128  C CA  . LEU A 1 23  ? 5.448   -3.336  8.827   1.00 32.80 ?  23  LEU A CA  1 
ATOM   129  C C   . LEU A 1 23  ? 5.460   -3.810  7.384   1.00 33.91 ?  23  LEU A C   1 
ATOM   130  O O   . LEU A 1 23  ? 5.891   -4.938  7.123   1.00 38.45 ?  23  LEU A O   1 
ATOM   131  C CB  . LEU A 1 23  ? 4.314   -4.037  9.579   1.00 31.71 ?  23  LEU A CB  1 
ATOM   132  C CG  . LEU A 1 23  ? 4.289   -3.765  11.086  1.00 34.49 ?  23  LEU A CG  1 
ATOM   133  C CD1 . LEU A 1 23  ? 3.153   -4.529  11.745  1.00 31.92 ?  23  LEU A CD1 1 
ATOM   134  C CD2 . LEU A 1 23  ? 5.628   -4.177  11.694  1.00 37.52 ?  23  LEU A CD2 1 
ATOM   135  N N   . GLY A 1 24  ? 5.000   -2.998  6.454   1.00 30.65 ?  24  GLY A N   1 
ATOM   136  C CA  . GLY A 1 24  ? 5.167   -3.379  5.067   1.00 33.25 ?  24  GLY A CA  1 
ATOM   137  C C   . GLY A 1 24  ? 4.238   -2.626  4.151   1.00 31.57 ?  24  GLY A C   1 
ATOM   138  O O   . GLY A 1 24  ? 3.264   -2.000  4.569   1.00 28.06 ?  24  GLY A O   1 
ATOM   139  N N   . GLN A 1 25  ? 4.554   -2.709  2.867   1.00 31.08 ?  25  GLN A N   1 
ATOM   140  C CA  . GLN A 1 25  ? 3.736   -2.102  1.835   1.00 30.63 ?  25  GLN A CA  1 
ATOM   141  C C   . GLN A 1 25  ? 3.159   -3.191  0.948   1.00 26.38 ?  25  GLN A C   1 
ATOM   142  O O   . GLN A 1 25  ? 3.824   -4.188  0.640   1.00 30.38 ?  25  GLN A O   1 
ATOM   143  C CB  . GLN A 1 25  ? 4.533   -1.077  1.026   1.00 36.41 ?  25  GLN A CB  1 
ATOM   144  C CG  . GLN A 1 25  ? 4.813   0.194   1.820   1.00 37.93 ?  25  GLN A CG  1 
ATOM   145  C CD  . GLN A 1 25  ? 6.075   0.894   1.375   1.00 44.47 ?  25  GLN A CD  1 
ATOM   146  O OE1 . GLN A 1 25  ? 6.078   1.660   0.415   1.00 43.00 ?  25  GLN A OE1 1 
ATOM   147  N NE2 . GLN A 1 25  ? 7.168   0.635   2.085   1.00 49.45 ?  25  GLN A NE2 1 
ATOM   148  N N   . TYR A 1 26  ? 1.910   -2.991  0.551   1.00 27.31 ?  26  TYR A N   1 
ATOM   149  C CA  . TYR A 1 26  ? 1.133   -3.967  -0.193  1.00 26.37 ?  26  TYR A CA  1 
ATOM   150  C C   . TYR A 1 26  ? 0.514   -3.263  -1.381  1.00 26.07 ?  26  TYR A C   1 
ATOM   151  O O   . TYR A 1 26  ? -0.108  -2.219  -1.223  1.00 30.67 ?  26  TYR A O   1 
ATOM   152  C CB  . TYR A 1 26  ? 0.040   -4.565  0.688   1.00 27.25 ?  26  TYR A CB  1 
ATOM   153  C CG  . TYR A 1 26  ? 0.583   -5.333  1.862   1.00 25.47 ?  26  TYR A CG  1 
ATOM   154  C CD1 . TYR A 1 26  ? 0.985   -4.676  3.008   1.00 27.42 ?  26  TYR A CD1 1 
ATOM   155  C CD2 . TYR A 1 26  ? 0.660   -6.719  1.831   1.00 28.10 ?  26  TYR A CD2 1 
ATOM   156  C CE1 . TYR A 1 26  ? 1.482   -5.378  4.094   1.00 28.53 ?  26  TYR A CE1 1 
ATOM   157  C CE2 . TYR A 1 26  ? 1.146   -7.437  2.923   1.00 29.90 ?  26  TYR A CE2 1 
ATOM   158  C CZ  . TYR A 1 26  ? 1.558   -6.752  4.048   1.00 30.73 ?  26  TYR A CZ  1 
ATOM   159  O OH  . TYR A 1 26  ? 2.056   -7.436  5.153   1.00 35.93 ?  26  TYR A OH  1 
ATOM   160  N N   . PHE A 1 27  ? 0.665   -3.821  -2.557  1.00 24.32 ?  27  PHE A N   1 
ATOM   161  C CA  . PHE A 1 27  ? 0.228   -3.140  -3.770  1.00 20.83 ?  27  PHE A CA  1 
ATOM   162  C C   . PHE A 1 27  ? -1.089  -3.719  -4.248  1.00 24.49 ?  27  PHE A C   1 
ATOM   163  O O   . PHE A 1 27  ? -1.324  -4.924  -4.151  1.00 25.86 ?  27  PHE A O   1 
ATOM   164  C CB  . PHE A 1 27  ? 1.345   -3.241  -4.805  1.00 23.41 ?  27  PHE A CB  1 
ATOM   165  C CG  . PHE A 1 27  ? 2.597   -2.585  -4.330  1.00 22.44 ?  27  PHE A CG  1 
ATOM   166  C CD1 . PHE A 1 27  ? 2.720   -1.208  -4.384  1.00 23.74 ?  27  PHE A CD1 1 
ATOM   167  C CD2 . PHE A 1 27  ? 3.603   -3.329  -3.718  1.00 25.35 ?  27  PHE A CD2 1 
ATOM   168  C CE1 . PHE A 1 27  ? 3.864   -0.567  -3.916  1.00 25.13 ?  27  PHE A CE1 1 
ATOM   169  C CE2 . PHE A 1 27  ? 4.764   -2.707  -3.232  1.00 26.11 ?  27  PHE A CE2 1 
ATOM   170  C CZ  . PHE A 1 27  ? 4.898   -1.322  -3.320  1.00 25.55 ?  27  PHE A CZ  1 
ATOM   171  N N   . ILE A 1 28  ? -2.002  -2.832  -4.648  1.00 23.79 ?  28  ILE A N   1 
ATOM   172  C CA  . ILE A 1 28  ? -3.378  -3.187  -4.914  1.00 24.07 ?  28  ILE A CA  1 
ATOM   173  C C   . ILE A 1 28  ? -3.710  -3.044  -6.390  1.00 23.19 ?  28  ILE A C   1 
ATOM   174  O O   . ILE A 1 28  ? -4.431  -3.870  -6.951  1.00 27.12 ?  28  ILE A O   1 
ATOM   175  C CB  . ILE A 1 28  ? -4.311  -2.308  -4.050  1.00 24.29 ?  28  ILE A CB  1 
ATOM   176  C CG1 . ILE A 1 28  ? -4.067  -2.561  -2.552  1.00 25.98 ?  28  ILE A CG1 1 
ATOM   177  C CG2 . ILE A 1 28  ? -5.777  -2.527  -4.402  1.00 27.73 ?  28  ILE A CG2 1 
ATOM   178  C CD1 . ILE A 1 28  ? -4.689  -1.511  -1.665  1.00 27.74 ?  28  ILE A CD1 1 
ATOM   179  N N   . ASP A 1 29  ? -3.227  -1.985  -7.020  1.00 22.77 ?  29  ASP A N   1 
ATOM   180  C CA  . ASP A 1 29  ? -3.549  -1.784  -8.430  1.00 23.86 ?  29  ASP A CA  1 
ATOM   181  C C   . ASP A 1 29  ? -2.471  -0.989  -9.132  1.00 24.27 ?  29  ASP A C   1 
ATOM   182  O O   . ASP A 1 29  ? -1.784  -0.164  -8.525  1.00 23.04 ?  29  ASP A O   1 
ATOM   183  C CB  . ASP A 1 29  ? -4.909  -1.078  -8.550  1.00 23.60 ?  29  ASP A CB  1 
ATOM   184  C CG  . ASP A 1 29  ? -5.479  -1.092  -9.959  1.00 27.00 ?  29  ASP A CG  1 
ATOM   185  O OD1 . ASP A 1 29  ? -5.382  -2.111  -10.657 1.00 30.97 ?  29  ASP A OD1 1 
ATOM   186  O OD2 . ASP A 1 29  ? -6.099  -0.066  -10.339 1.00 32.17 -1 29  ASP A OD2 1 
ATOM   187  N N   . ILE A 1 30  ? -2.304  -1.282  -10.428 1.00 24.29 ?  30  ILE A N   1 
ATOM   188  C CA  . ILE A 1 30  ? -1.451  -0.517  -11.331 1.00 22.16 ?  30  ILE A CA  1 
ATOM   189  C C   . ILE A 1 30  ? -2.292  -0.181  -12.551 1.00 23.70 ?  30  ILE A C   1 
ATOM   190  O O   . ILE A 1 30  ? -2.972  -1.060  -13.089 1.00 27.16 ?  30  ILE A O   1 
ATOM   191  C CB  . ILE A 1 30  ? -0.200  -1.307  -11.752 1.00 23.39 ?  30  ILE A CB  1 
ATOM   192  C CG1 . ILE A 1 30  ? 0.658   -1.590  -10.531 1.00 22.42 ?  30  ILE A CG1 1 
ATOM   193  C CG2 . ILE A 1 30  ? 0.652   -0.517  -12.724 1.00 22.63 ?  30  ILE A CG2 1 
ATOM   194  C CD1 . ILE A 1 30  ? 1.752   -2.626  -10.770 1.00 21.87 ?  30  ILE A CD1 1 
ATOM   195  N N   . GLU A 1 31  ? -2.261  1.078   -12.952 1.00 23.36 ?  31  GLU A N   1 
ATOM   196  C CA  . GLU A 1 31  ? -2.985  1.573   -14.120 1.00 26.16 ?  31  GLU A CA  1 
ATOM   197  C C   . GLU A 1 31  ? -2.023  2.255   -15.068 1.00 25.91 ?  31  GLU A C   1 
ATOM   198  O O   . GLU A 1 31  ? -1.055  2.897   -14.653 1.00 26.03 ?  31  GLU A O   1 
ATOM   199  C CB  . GLU A 1 31  ? -4.049  2.604   -13.725 1.00 25.24 ?  31  GLU A CB  1 
ATOM   200  C CG  . GLU A 1 31  ? -5.205  2.068   -13.024 1.00 31.91 ?  31  GLU A CG  1 
ATOM   201  C CD  . GLU A 1 31  ? -6.183  3.165   -12.650 1.00 31.78 ?  31  GLU A CD  1 
ATOM   202  O OE1 . GLU A 1 31  ? -5.765  4.303   -12.296 1.00 30.66 ?  31  GLU A OE1 1 
ATOM   203  O OE2 . GLU A 1 31  ? -7.380  2.877   -12.738 1.00 33.26 -1 31  GLU A OE2 1 
ATOM   204  N N   . GLY A 1 32  ? -2.323  2.174   -16.356 1.00 22.22 ?  32  GLY A N   1 
ATOM   205  C CA  . GLY A 1 32  ? -1.605  2.983   -17.315 1.00 27.63 ?  32  GLY A CA  1 
ATOM   206  C C   . GLY A 1 32  ? -0.642  2.168   -18.162 1.00 26.16 ?  32  GLY A C   1 
ATOM   207  O O   . GLY A 1 32  ? -0.480  0.959   -18.010 1.00 25.54 ?  32  GLY A O   1 
ATOM   208  N N   . ASP A 1 33  ? -0.065  2.874   -19.116 1.00 27.96 ?  33  ASP A N   1 
ATOM   209  C CA  . ASP A 1 33  ? 0.717   2.303   -20.198 1.00 25.38 ?  33  ASP A CA  1 
ATOM   210  C C   . ASP A 1 33  ? 1.963   3.124   -20.481 1.00 29.38 ?  33  ASP A C   1 
ATOM   211  O O   . ASP A 1 33  ? 2.825   2.691   -21.260 1.00 33.75 ?  33  ASP A O   1 
ATOM   212  C CB  . ASP A 1 33  ? -0.248  2.228   -21.413 1.00 33.18 ?  33  ASP A CB  1 
ATOM   213  C CG  . ASP A 1 33  ? 0.415   2.249   -22.762 1.00 36.01 ?  33  ASP A CG  1 
ATOM   214  O OD1 . ASP A 1 33  ? 0.941   1.193   -23.172 1.00 41.80 ?  33  ASP A OD1 1 
ATOM   215  O OD2 . ASP A 1 33  ? 0.332   3.310   -23.450 1.00 28.81 -1 33  ASP A OD2 1 
ATOM   216  N N   . TYR A 1 34  ? 2.034   4.341   -19.949 1.00 29.26 ?  34  TYR A N   1 
ATOM   217  C CA  . TYR A 1 34  ? 3.135   5.278   -20.111 1.00 27.96 ?  34  TYR A CA  1 
ATOM   218  C C   . TYR A 1 34  ? 3.431   6.006   -18.807 1.00 28.91 ?  34  TYR A C   1 
ATOM   219  O O   . TYR A 1 34  ? 4.561   6.019   -18.302 1.00 27.00 ?  34  TYR A O   1 
ATOM   220  C CB  . TYR A 1 34  ? 2.732   6.266   -21.207 1.00 25.00 ?  34  TYR A CB  1 
ATOM   221  C CG  . TYR A 1 34  ? 3.709   7.359   -21.452 1.00 27.43 ?  34  TYR A CG  1 
ATOM   222  C CD1 . TYR A 1 34  ? 4.930   7.084   -22.054 1.00 27.72 ?  34  TYR A CD1 1 
ATOM   223  C CD2 . TYR A 1 34  ? 3.416   8.667   -21.112 1.00 26.48 ?  34  TYR A CD2 1 
ATOM   224  C CE1 . TYR A 1 34  ? 5.835   8.086   -22.311 1.00 27.34 ?  34  TYR A CE1 1 
ATOM   225  C CE2 . TYR A 1 34  ? 4.322   9.683   -21.362 1.00 30.57 ?  34  TYR A CE2 1 
ATOM   226  C CZ  . TYR A 1 34  ? 5.532   9.372   -21.975 1.00 27.99 ?  34  TYR A CZ  1 
ATOM   227  O OH  . TYR A 1 34  ? 6.452   10.370  -22.219 1.00 34.06 ?  34  TYR A OH  1 
ATOM   228  N N   . GLU A 1 35  ? 2.388   6.647   -18.284 1.00 25.28 ?  35  GLU A N   1 
ATOM   229  C CA  . GLU A 1 35  ? 2.361   7.167   -16.926 1.00 29.95 ?  35  GLU A CA  1 
ATOM   230  C C   . GLU A 1 35  ? 1.468   6.246   -16.116 1.00 29.40 ?  35  GLU A C   1 
ATOM   231  O O   . GLU A 1 35  ? 0.441   5.775   -16.605 1.00 30.02 ?  35  GLU A O   1 
ATOM   232  C CB  . GLU A 1 35  ? 1.857   8.616   -16.894 1.00 33.03 ?  35  GLU A CB  1 
ATOM   233  C CG  . GLU A 1 35  ? 2.747   9.516   -17.738 1.00 36.58 ?  35  GLU A CG  1 
ATOM   234  C CD  . GLU A 1 35  ? 2.781   10.953  -17.275 1.00 44.15 ?  35  GLU A CD  1 
ATOM   235  O OE1 . GLU A 1 35  ? 3.886   11.555  -17.286 1.00 46.96 ?  35  GLU A OE1 1 
ATOM   236  O OE2 . GLU A 1 35  ? 1.697   11.495  -16.965 1.00 45.40 -1 35  GLU A OE2 1 
ATOM   237  N N   . TYR A 1 36  ? 1.879   5.935   -14.900 1.00 24.02 ?  36  TYR A N   1 
ATOM   238  C CA  . TYR A 1 36  ? 1.193   4.899   -14.158 1.00 24.75 ?  36  TYR A CA  1 
ATOM   239  C C   . TYR A 1 36  ? 0.638   5.437   -12.852 1.00 22.81 ?  36  TYR A C   1 
ATOM   240  O O   . TYR A 1 36  ? 1.255   6.282   -12.199 1.00 27.49 ?  36  TYR A O   1 
ATOM   241  C CB  . TYR A 1 36  ? 2.124   3.723   -13.867 1.00 21.51 ?  36  TYR A CB  1 
ATOM   242  C CG  . TYR A 1 36  ? 2.614   3.043   -15.120 1.00 23.36 ?  36  TYR A CG  1 
ATOM   243  C CD1 . TYR A 1 36  ? 3.654   3.574   -15.858 1.00 23.35 ?  36  TYR A CD1 1 
ATOM   244  C CD2 . TYR A 1 36  ? 2.042   1.848   -15.539 1.00 22.53 ?  36  TYR A CD2 1 
ATOM   245  C CE1 . TYR A 1 36  ? 4.119   2.938   -17.018 1.00 22.14 ?  36  TYR A CE1 1 
ATOM   246  C CE2 . TYR A 1 36  ? 2.513   1.198   -16.660 1.00 20.79 ?  36  TYR A CE2 1 
ATOM   247  C CZ  . TYR A 1 36  ? 3.538   1.744   -17.392 1.00 23.51 ?  36  TYR A CZ  1 
ATOM   248  O OH  . TYR A 1 36  ? 3.964   1.067   -18.537 1.00 24.03 ?  36  TYR A OH  1 
ATOM   249  N N   . ASN A 1 37  ? -0.528  4.942   -12.493 1.00 22.85 ?  37  ASN A N   1 
ATOM   250  C CA  . ASN A 1 37  ? -1.063  5.149   -11.156 1.00 22.70 ?  37  ASN A CA  1 
ATOM   251  C C   . ASN A 1 37  ? -0.882  3.856   -10.378 1.00 25.93 ?  37  ASN A C   1 
ATOM   252  O O   . ASN A 1 37  ? -1.075  2.770   -10.916 1.00 24.56 ?  37  ASN A O   1 
ATOM   253  C CB  . ASN A 1 37  ? -2.538  5.537   -11.212 1.00 27.29 ?  37  ASN A CB  1 
ATOM   254  C CG  . ASN A 1 37  ? -2.807  6.723   -12.143 1.00 27.51 ?  37  ASN A CG  1 
ATOM   255  O OD1 . ASN A 1 37  ? -1.947  7.584   -12.356 1.00 27.52 ?  37  ASN A OD1 1 
ATOM   256  N ND2 . ASN A 1 37  ? -4.005  6.750   -12.715 1.00 29.02 ?  37  ASN A ND2 1 
ATOM   257  N N   . VAL A 1 38  ? -0.558  3.973   -9.088  1.00 23.45 ?  38  VAL A N   1 
ATOM   258  C CA  . VAL A 1 38  ? -0.256  2.821   -8.232  1.00 20.89 ?  38  VAL A CA  1 
ATOM   259  C C   . VAL A 1 38  ? -1.060  3.004   -6.948  1.00 22.65 ?  38  VAL A C   1 
ATOM   260  O O   . VAL A 1 38  ? -0.846  3.973   -6.212  1.00 24.00 ?  38  VAL A O   1 
ATOM   261  C CB  . VAL A 1 38  ? 1.246   2.697   -7.922  1.00 21.87 ?  38  VAL A CB  1 
ATOM   262  C CG1 . VAL A 1 38  ? 1.492   1.602   -6.874  1.00 22.76 ?  38  VAL A CG1 1 
ATOM   263  C CG2 . VAL A 1 38  ? 2.042   2.384   -9.199  1.00 19.89 ?  38  VAL A CG2 1 
ATOM   264  N N   . GLU A 1 39  ? -1.989  2.092   -6.694  1.00 20.32 ?  39  GLU A N   1 
ATOM   265  C CA  . GLU A 1 39  ? -2.769  2.097   -5.460  1.00 22.67 ?  39  GLU A CA  1 
ATOM   266  C C   . GLU A 1 39  ? -2.129  1.091   -4.519  1.00 24.47 ?  39  GLU A C   1 
ATOM   267  O O   . GLU A 1 39  ? -1.783  -0.017  -4.943  1.00 23.44 ?  39  GLU A O   1 
ATOM   268  C CB  . GLU A 1 39  ? -4.222  1.728   -5.753  1.00 26.66 ?  39  GLU A CB  1 
ATOM   269  C CG  . GLU A 1 39  ? -5.101  1.590   -4.520  1.00 26.12 ?  39  GLU A CG  1 
ATOM   270  C CD  . GLU A 1 39  ? -6.568  1.332   -4.873  1.00 32.95 ?  39  GLU A CD  1 
ATOM   271  O OE1 . GLU A 1 39  ? -7.430  1.497   -3.968  1.00 37.97 ?  39  GLU A OE1 1 
ATOM   272  O OE2 . GLU A 1 39  ? -6.863  0.997   -6.048  1.00 32.28 -1 39  GLU A OE2 1 
ATOM   273  N N   . PHE A 1 40  ? -1.975  1.467   -3.244  1.00 22.55 ?  40  PHE A N   1 
ATOM   274  C CA  . PHE A 1 40  ? -1.217  0.623   -2.322  1.00 23.98 ?  40  PHE A CA  1 
ATOM   275  C C   . PHE A 1 40  ? -1.709  0.851   -0.906  1.00 24.53 ?  40  PHE A C   1 
ATOM   276  O O   . PHE A 1 40  ? -2.476  1.776   -0.634  1.00 23.69 ?  40  PHE A O   1 
ATOM   277  C CB  . PHE A 1 40  ? 0.299   0.858   -2.416  1.00 23.17 ?  40  PHE A CB  1 
ATOM   278  C CG  . PHE A 1 40  ? 0.777   2.233   -1.994  1.00 23.80 ?  40  PHE A CG  1 
ATOM   279  C CD1 . PHE A 1 40  ? 0.682   3.320   -2.851  1.00 24.46 ?  40  PHE A CD1 1 
ATOM   280  C CD2 . PHE A 1 40  ? 1.373   2.425   -0.739  1.00 22.74 ?  40  PHE A CD2 1 
ATOM   281  C CE1 . PHE A 1 40  ? 1.167   4.561   -2.493  1.00 24.45 ?  40  PHE A CE1 1 
ATOM   282  C CE2 . PHE A 1 40  ? 1.863   3.674   -0.367  1.00 25.19 ?  40  PHE A CE2 1 
ATOM   283  C CZ  . PHE A 1 40  ? 1.746   4.745   -1.222  1.00 23.97 ?  40  PHE A CZ  1 
ATOM   284  N N   . ALA A 1 41  ? -1.279  -0.034  -0.007  1.00 22.14 ?  41  ALA A N   1 
ATOM   285  C CA  . ALA A 1 41  ? -1.638  0.029   1.406   1.00 25.05 ?  41  ALA A CA  1 
ATOM   286  C C   . ALA A 1 41  ? -0.372  -0.125  2.221   1.00 25.31 ?  41  ALA A C   1 
ATOM   287  O O   . ALA A 1 41  ? 0.560   -0.841  1.834   1.00 25.56 ?  41  ALA A O   1 
ATOM   288  C CB  . ALA A 1 41  ? -2.638  -1.059  1.793   1.00 25.52 ?  41  ALA A CB  1 
ATOM   289  N N   . THR A 1 42  ? -0.325  0.566   3.346   1.00 26.06 ?  42  THR A N   1 
ATOM   290  C CA  . THR A 1 42  ? 0.807   0.470   4.242   1.00 25.76 ?  42  THR A CA  1 
ATOM   291  C C   . THR A 1 42  ? 0.287   -0.082  5.552   1.00 25.63 ?  42  THR A C   1 
ATOM   292  O O   . THR A 1 42  ? -0.721  0.419   6.072   1.00 26.59 ?  42  THR A O   1 
ATOM   293  C CB  . THR A 1 42  ? 1.480   1.827   4.451   1.00 29.22 ?  42  THR A CB  1 
ATOM   294  O OG1 . THR A 1 42  ? 1.902   2.361   3.183   1.00 32.46 ?  42  THR A OG1 1 
ATOM   295  C CG2 . THR A 1 42  ? 2.710   1.658   5.346   1.00 33.53 ?  42  THR A CG2 1 
ATOM   296  N N   . LEU A 1 43  ? 0.951   -1.121  6.060   1.00 26.17 ?  43  LEU A N   1 
ATOM   297  C CA  . LEU A 1 43  ? 0.648   -1.704  7.363   1.00 25.70 ?  43  LEU A CA  1 
ATOM   298  C C   . LEU A 1 43  ? 1.663   -1.191  8.375   1.00 28.67 ?  43  LEU A C   1 
ATOM   299  O O   . LEU A 1 43  ? 2.886   -1.349  8.184   1.00 28.32 ?  43  LEU A O   1 
ATOM   300  C CB  . LEU A 1 43  ? 0.678   -3.235  7.320   1.00 27.47 ?  43  LEU A CB  1 
ATOM   301  C CG  . LEU A 1 43  ? 0.508   -3.928  8.684   1.00 25.74 ?  43  LEU A CG  1 
ATOM   302  C CD1 . LEU A 1 43  ? -0.927  -3.721  9.195   1.00 25.86 ?  43  LEU A CD1 1 
ATOM   303  C CD2 . LEU A 1 43  ? 0.870   -5.407  8.617   1.00 32.81 ?  43  LEU A CD2 1 
ATOM   304  N N   . SER A 1 44  ? 1.148   -0.593  9.459   1.00 28.26 ?  44  SER A N   1 
ATOM   305  C CA  . SER A 1 44  ? 1.982   -0.046  10.514  1.00 29.21 ?  44  SER A CA  1 
ATOM   306  C C   . SER A 1 44  ? 1.490   -0.531  11.869  1.00 28.98 ?  44  SER A C   1 
ATOM   307  O O   . SER A 1 44  ? 0.295   -0.744  12.077  1.00 25.90 ?  44  SER A O   1 
ATOM   308  C CB  . SER A 1 44  ? 1.972   1.485   10.496  1.00 31.22 ?  44  SER A CB  1 
ATOM   309  O OG  . SER A 1 44  ? 2.290   1.983   9.208   1.00 34.92 ?  44  SER A OG  1 
ATOM   310  N N   . GLU A 1 45  ? 2.421   -0.698  12.796  1.00 27.14 ?  45  GLU A N   1 
ATOM   311  C CA  . GLU A 1 45  ? 2.084   -0.857  14.203  1.00 28.03 ?  45  GLU A CA  1 
ATOM   312  C C   . GLU A 1 45  ? 2.227   0.503   14.871  1.00 33.08 ?  45  GLU A C   1 
ATOM   313  O O   . GLU A 1 45  ? 3.313   1.093   14.855  1.00 31.02 ?  45  GLU A O   1 
ATOM   314  C CB  . GLU A 1 45  ? 2.992   -1.885  14.866  1.00 32.07 ?  45  GLU A CB  1 
ATOM   315  C CG  . GLU A 1 45  ? 2.660   -2.019  16.330  1.00 33.97 ?  45  GLU A CG  1 
ATOM   316  C CD  . GLU A 1 45  ? 3.353   -3.186  16.968  1.00 40.67 ?  45  GLU A CD  1 
ATOM   317  O OE1 . GLU A 1 45  ? 3.447   -3.184  18.207  1.00 48.15 ?  45  GLU A OE1 1 
ATOM   318  O OE2 . GLU A 1 45  ? 3.815   -4.085  16.236  1.00 40.35 -1 45  GLU A OE2 1 
ATOM   319  N N   . VAL A 1 46  ? 1.133   1.007   15.443  1.00 27.54 ?  46  VAL A N   1 
ATOM   320  C CA  . VAL A 1 46  ? 1.087   2.320   16.066  1.00 31.11 ?  46  VAL A CA  1 
ATOM   321  C C   . VAL A 1 46  ? 1.037   2.107   17.570  1.00 32.23 ?  46  VAL A C   1 
ATOM   322  O O   . VAL A 1 46  ? 0.067   1.547   18.095  1.00 30.10 ?  46  VAL A O   1 
ATOM   323  C CB  . VAL A 1 46  ? -0.118  3.144   15.595  1.00 28.94 ?  46  VAL A CB  1 
ATOM   324  C CG1 . VAL A 1 46  ? -0.009  4.562   16.150  1.00 34.32 ?  46  VAL A CG1 1 
ATOM   325  C CG2 . VAL A 1 46  ? -0.183  3.188   14.081  1.00 31.40 ?  46  VAL A CG2 1 
ATOM   326  N N   . ASP A 1 47  ? 2.079   2.551   18.253  1.00 31.49 ?  47  ASP A N   1 
ATOM   327  C CA  . ASP A 1 47  ? 2.171   2.430   19.702  1.00 34.59 ?  47  ASP A CA  1 
ATOM   328  C C   . ASP A 1 47  ? 1.610   3.695   20.340  1.00 35.77 ?  47  ASP A C   1 
ATOM   329  O O   . ASP A 1 47  ? 2.083   4.796   20.053  1.00 36.37 ?  47  ASP A O   1 
ATOM   330  C CB  . ASP A 1 47  ? 3.632   2.198   20.092  1.00 35.93 ?  47  ASP A CB  1 
ATOM   331  C CG  . ASP A 1 47  ? 3.797   1.744   21.518  1.00 43.47 ?  47  ASP A CG  1 
ATOM   332  O OD1 . ASP A 1 47  ? 2.801   1.731   22.274  1.00 43.70 ?  47  ASP A OD1 1 
ATOM   333  O OD2 . ASP A 1 47  ? 4.934   1.359   21.868  1.00 48.17 -1 47  ASP A OD2 1 
ATOM   334  N N   . TYR A 1 48  ? 0.563   3.553   21.157  1.00 35.39 ?  48  TYR A N   1 
ATOM   335  C CA  . TYR A 1 48  ? 0.061   4.669   21.936  1.00 36.50 ?  48  TYR A CA  1 
ATOM   336  C C   . TYR A 1 48  ? 0.635   4.568   23.345  1.00 39.39 ?  48  TYR A C   1 
ATOM   337  O O   . TYR A 1 48  ? 1.460   3.705   23.648  1.00 37.83 ?  48  TYR A O   1 
ATOM   338  C CB  . TYR A 1 48  ? -1.471  4.709   21.930  1.00 34.89 ?  48  TYR A CB  1 
ATOM   339  C CG  . TYR A 1 48  ? -2.018  4.777   20.534  1.00 33.35 ?  48  TYR A CG  1 
ATOM   340  C CD1 . TYR A 1 48  ? -2.073  5.993   19.851  1.00 32.77 ?  48  TYR A CD1 1 
ATOM   341  C CD2 . TYR A 1 48  ? -2.458  3.633   19.880  1.00 31.08 ?  48  TYR A CD2 1 
ATOM   342  C CE1 . TYR A 1 48  ? -2.556  6.069   18.554  1.00 34.28 ?  48  TYR A CE1 1 
ATOM   343  C CE2 . TYR A 1 48  ? -2.937  3.697   18.582  1.00 29.59 ?  48  TYR A CE2 1 
ATOM   344  C CZ  . TYR A 1 48  ? -2.989  4.916   17.926  1.00 31.33 ?  48  TYR A CZ  1 
ATOM   345  O OH  . TYR A 1 48  ? -3.472  4.975   16.640  1.00 33.24 ?  48  TYR A OH  1 
ATOM   346  N N   . LYS A 1 49  ? 0.219   5.477   24.220  1.00 41.53 ?  49  LYS A N   1 
ATOM   347  C CA  . LYS A 1 49  ? 0.817   5.464   25.547  1.00 46.82 ?  49  LYS A CA  1 
ATOM   348  C C   . LYS A 1 49  ? 0.505   4.161   26.279  1.00 47.26 ?  49  LYS A C   1 
ATOM   349  O O   . LYS A 1 49  ? 1.339   3.663   27.045  1.00 50.09 ?  49  LYS A O   1 
ATOM   350  C CB  . LYS A 1 49  ? 0.343   6.681   26.346  1.00 52.69 ?  49  LYS A CB  1 
ATOM   351  C CG  . LYS A 1 49  ? 0.679   8.025   25.683  1.00 54.02 ?  49  LYS A CG  1 
ATOM   352  C CD  . LYS A 1 49  ? 0.526   9.208   26.645  1.00 58.52 ?  49  LYS A CD  1 
ATOM   353  C CE  . LYS A 1 49  ? 1.554   9.153   27.775  1.00 63.85 ?  49  LYS A CE  1 
ATOM   354  N NZ  . LYS A 1 49  ? 1.608   10.417  28.571  1.00 65.35 ?  49  LYS A NZ  1 
ATOM   355  N N   . VAL A 1 50  ? -0.656  3.563   26.002  1.00 43.53 ?  50  VAL A N   1 
ATOM   356  C CA  . VAL A 1 50  ? -1.218  2.511   26.844  1.00 42.45 ?  50  VAL A CA  1 
ATOM   357  C C   . VAL A 1 50  ? -1.575  1.254   26.053  1.00 40.98 ?  50  VAL A C   1 
ATOM   358  O O   . VAL A 1 50  ? -1.861  0.203   26.638  1.00 39.89 ?  50  VAL A O   1 
ATOM   359  C CB  . VAL A 1 50  ? -2.446  3.049   27.603  1.00 39.88 ?  50  VAL A CB  1 
ATOM   360  C CG1 . VAL A 1 50  ? -2.001  3.917   28.771  1.00 44.04 ?  50  VAL A CG1 1 
ATOM   361  C CG2 . VAL A 1 50  ? -3.344  3.859   26.665  1.00 40.66 ?  50  VAL A CG2 1 
ATOM   362  N N   . CYS A 1 51  ? -1.576  1.339   24.724  1.00 36.38 ?  51  CYS A N   1 
ATOM   363  C CA  . CYS A 1 51  ? -1.828  0.155   23.908  1.00 36.49 ?  51  CYS A CA  1 
ATOM   364  C C   . CYS A 1 51  ? -1.329  0.438   22.502  1.00 33.39 ?  51  CYS A C   1 
ATOM   365  O O   . CYS A 1 51  ? -0.899  1.551   22.191  1.00 32.75 ?  51  CYS A O   1 
ATOM   366  C CB  . CYS A 1 51  ? -3.313  -0.236  23.908  1.00 38.85 ?  51  CYS A CB  1 
ATOM   367  S SG  . CYS A 1 51  ? -4.355  0.661   22.737  1.00 35.27 ?  51  CYS A SG  1 
ATOM   368  N N   . ALA A 1 52  ? -1.348  -0.598  21.668  1.00 33.10 ?  52  ALA A N   1 
ATOM   369  C CA  . ALA A 1 52  ? -0.947  -0.476  20.275  1.00 30.75 ?  52  ALA A CA  1 
ATOM   370  C C   . ALA A 1 52  ? -2.071  -0.945  19.362  1.00 28.81 ?  52  ALA A C   1 
ATOM   371  O O   . ALA A 1 52  ? -2.812  -1.873  19.697  1.00 30.67 ?  52  ALA A O   1 
ATOM   372  C CB  . ALA A 1 52  ? 0.316   -1.282  20.000  1.00 33.12 ?  52  ALA A CB  1 
ATOM   373  N N   . LEU A 1 53  ? -2.184  -0.307  18.190  1.00 25.81 ?  53  LEU A N   1 
ATOM   374  C CA  . LEU A 1 53  ? -3.143  -0.728  17.177  1.00 28.09 ?  53  LEU A CA  1 
ATOM   375  C C   . LEU A 1 53  ? -2.401  -0.880  15.861  1.00 26.66 ?  53  LEU A C   1 
ATOM   376  O O   . LEU A 1 53  ? -1.364  -0.259  15.670  1.00 29.18 ?  53  LEU A O   1 
ATOM   377  C CB  . LEU A 1 53  ? -4.266  0.288   17.028  1.00 29.77 ?  53  LEU A CB  1 
ATOM   378  C CG  . LEU A 1 53  ? -5.161  0.372   18.273  1.00 27.30 ?  53  LEU A CG  1 
ATOM   379  C CD1 . LEU A 1 53  ? -6.127  1.513   18.075  1.00 30.15 ?  53  LEU A CD1 1 
ATOM   380  C CD2 . LEU A 1 53  ? -5.912  -0.931  18.497  1.00 26.80 ?  53  LEU A CD2 1 
ATOM   381  N N   . TYR A 1 54  ? -2.923  -1.688  14.946  1.00 24.66 ?  54  TYR A N   1 
ATOM   382  C CA  . TYR A 1 54  ? -2.339  -1.797  13.612  1.00 27.07 ?  54  TYR A CA  1 
ATOM   383  C C   . TYR A 1 54  ? -3.130  -0.939  12.633  1.00 29.63 ?  54  TYR A C   1 
ATOM   384  O O   . TYR A 1 54  ? -4.363  -1.005  12.597  1.00 28.66 ?  54  TYR A O   1 
ATOM   385  C CB  . TYR A 1 54  ? -2.293  -3.254  13.139  1.00 29.24 ?  54  TYR A CB  1 
ATOM   386  C CG  . TYR A 1 54  ? -1.448  -4.097  14.049  1.00 27.08 ?  54  TYR A CG  1 
ATOM   387  C CD1 . TYR A 1 54  ? -1.981  -4.667  15.200  1.00 28.05 ?  54  TYR A CD1 1 
ATOM   388  C CD2 . TYR A 1 54  ? -0.093  -4.244  13.816  1.00 31.11 ?  54  TYR A CD2 1 
ATOM   389  C CE1 . TYR A 1 54  ? -1.197  -5.420  16.054  1.00 33.54 ?  54  TYR A CE1 1 
ATOM   390  C CE2 . TYR A 1 54  ? 0.695   -4.980  14.664  1.00 33.04 ?  54  TYR A CE2 1 
ATOM   391  C CZ  . TYR A 1 54  ? 0.142   -5.565  15.780  1.00 34.54 ?  54  TYR A CZ  1 
ATOM   392  O OH  . TYR A 1 54  ? 0.936   -6.303  16.621  1.00 38.76 ?  54  TYR A OH  1 
ATOM   393  N N   . GLU A 1 55  ? -2.429  -0.121  11.859  1.00 26.90 ?  55  GLU A N   1 
ATOM   394  C CA  . GLU A 1 55  ? -3.059  0.755   10.885  1.00 25.69 ?  55  GLU A CA  1 
ATOM   395  C C   . GLU A 1 55  ? -2.857  0.201   9.489   1.00 25.42 ?  55  GLU A C   1 
ATOM   396  O O   . GLU A 1 55  ? -1.739  -0.187  9.126   1.00 26.07 ?  55  GLU A O   1 
ATOM   397  C CB  . GLU A 1 55  ? -2.498  2.172   10.978  1.00 26.85 ?  55  GLU A CB  1 
ATOM   398  C CG  . GLU A 1 55  ? -3.175  3.126   10.011  1.00 27.89 ?  55  GLU A CG  1 
ATOM   399  C CD  . GLU A 1 55  ? -2.730  4.558   10.187  1.00 32.33 ?  55  GLU A CD  1 
ATOM   400  O OE1 . GLU A 1 55  ? -1.825  4.813   11.016  1.00 32.28 ?  55  GLU A OE1 1 
ATOM   401  O OE2 . GLU A 1 55  ? -3.284  5.437   9.489   1.00 33.75 -1 55  GLU A OE2 1 
ATOM   402  N N   . VAL A 1 56  ? -3.940  0.145   8.717   1.00 24.25 ?  56  VAL A N   1 
ATOM   403  C CA  . VAL A 1 56  ? -3.881  -0.156  7.294   1.00 22.47 ?  56  VAL A CA  1 
ATOM   404  C C   . VAL A 1 56  ? -4.274  1.124   6.579   1.00 25.21 ?  56  VAL A C   1 
ATOM   405  O O   . VAL A 1 56  ? -5.455  1.523   6.603   1.00 23.75 ?  56  VAL A O   1 
ATOM   406  C CB  . VAL A 1 56  ? -4.806  -1.314  6.904   1.00 23.58 ?  56  VAL A CB  1 
ATOM   407  C CG1 . VAL A 1 56  ? -4.819  -1.463  5.369   1.00 29.01 ?  56  VAL A CG1 1 
ATOM   408  C CG2 . VAL A 1 56  ? -4.354  -2.607  7.577   1.00 27.81 ?  56  VAL A CG2 1 
ATOM   409  N N   . ALA A 1 57  ? -3.291  1.772   5.947   1.00 26.31 ?  57  ALA A N   1 
ATOM   410  C CA  . ALA A 1 57  ? -3.478  3.069   5.306   1.00 26.24 ?  57  ALA A CA  1 
ATOM   411  C C   . ALA A 1 57  ? -3.447  2.858   3.807   1.00 25.50 ?  57  ALA A C   1 
ATOM   412  O O   . ALA A 1 57  ? -2.454  2.353   3.288   1.00 24.81 ?  57  ALA A O   1 
ATOM   413  C CB  . ALA A 1 57  ? -2.380  4.046   5.727   1.00 24.55 ?  57  ALA A CB  1 
ATOM   414  N N   . THR A 1 58  ? -4.523  3.214   3.118   1.00 24.05 ?  58  THR A N   1 
ATOM   415  C CA  . THR A 1 58  ? -4.563  3.139   1.667   1.00 26.09 ?  58  THR A CA  1 
ATOM   416  C C   . THR A 1 58  ? -4.181  4.491   1.071   1.00 27.58 ?  58  THR A C   1 
ATOM   417  O O   . THR A 1 58  ? -4.629  5.544   1.554   1.00 28.53 ?  58  THR A O   1 
ATOM   418  C CB  . THR A 1 58  ? -5.947  2.714   1.188   1.00 27.53 ?  58  THR A CB  1 
ATOM   419  O OG1 . THR A 1 58  ? -6.263  1.419   1.704   1.00 29.05 ?  58  THR A OG1 1 
ATOM   420  C CG2 . THR A 1 58  ? -5.966  2.601   -0.319  1.00 30.02 ?  58  THR A CG2 1 
ATOM   421  N N   . SER A 1 59  ? -3.377  4.433   -0.006  1.00 28.28 ?  59  SER A N   1 
ATOM   422  C CA  . SER A 1 59  ? -2.883  5.586   -0.752  1.00 25.86 ?  59  SER A CA  1 
ATOM   423  C C   . SER A 1 59  ? -2.943  5.283   -2.241  1.00 26.86 ?  59  SER A C   1 
ATOM   424  O O   . SER A 1 59  ? -3.045  4.126   -2.661  1.00 26.02 ?  59  SER A O   1 
ATOM   425  C CB  . SER A 1 59  ? -1.431  5.939   -0.408  1.00 28.72 ?  59  SER A CB  1 
ATOM   426  O OG  . SER A 1 59  ? -1.235  6.119   0.988   1.00 28.23 ?  59  SER A OG  1 
ATOM   427  N N   . LYS A 1 60  ? -2.871  6.342   -3.044  1.00 24.67 ?  60  LYS A N   1 
ATOM   428  C CA  . LYS A 1 60  ? -2.760  6.157   -4.491  1.00 23.40 ?  60  LYS A CA  1 
ATOM   429  C C   . LYS A 1 60  ? -1.842  7.223   -5.068  1.00 27.34 ?  60  LYS A C   1 
ATOM   430  O O   . LYS A 1 60  ? -2.068  8.421   -4.870  1.00 29.73 ?  60  LYS A O   1 
ATOM   431  C CB  . LYS A 1 60  ? -4.123  6.192   -5.177  1.00 26.11 ?  60  LYS A CB  1 
ATOM   432  C CG  . LYS A 1 60  ? -4.037  5.796   -6.627  1.00 23.75 ?  60  LYS A CG  1 
ATOM   433  C CD  . LYS A 1 60  ? -5.414  5.435   -7.209  1.00 24.55 ?  60  LYS A CD  1 
ATOM   434  C CE  . LYS A 1 60  ? -5.262  5.167   -8.710  1.00 26.29 ?  60  LYS A CE  1 
ATOM   435  N NZ  . LYS A 1 60  ? -6.523  4.641   -9.303  1.00 32.98 ?  60  LYS A NZ  1 
ATOM   436  N N   . THR A 1 61  ? -0.830  6.774   -5.814  1.00 24.08 ?  61  THR A N   1 
ATOM   437  C CA  . THR A 1 61  ? 0.166   7.621   -6.452  1.00 23.78 ?  61  THR A CA  1 
ATOM   438  C C   . THR A 1 61  ? -0.243  7.768   -7.907  1.00 27.40 ?  61  THR A C   1 
ATOM   439  O O   . THR A 1 61  ? -0.595  6.775   -8.548  1.00 26.36 ?  61  THR A O   1 
ATOM   440  C CB  . THR A 1 61  ? 1.577   7.012   -6.385  1.00 21.86 ?  61  THR A CB  1 
ATOM   441  O OG1 . THR A 1 61  ? 1.880   6.522   -5.052  1.00 24.36 ?  61  THR A OG1 1 
ATOM   442  C CG2 . THR A 1 61  ? 2.616   8.049   -6.794  1.00 25.58 ?  61  THR A CG2 1 
ATOM   443  N N   . TYR A 1 62  ? -0.216  8.993   -8.418  1.00 24.84 ?  62  TYR A N   1 
ATOM   444  C CA  . TYR A 1 62  ? -0.659  9.248   -9.786  1.00 26.40 ?  62  TYR A CA  1 
ATOM   445  C C   . TYR A 1 62  ? 0.494   9.694   -10.667 1.00 27.32 ?  62  TYR A C   1 
ATOM   446  O O   . TYR A 1 62  ? 1.413   10.385  -10.222 1.00 31.82 ?  62  TYR A O   1 
ATOM   447  C CB  . TYR A 1 62  ? -1.749  10.323  -9.823  1.00 28.06 ?  62  TYR A CB  1 
ATOM   448  C CG  . TYR A 1 62  ? -3.080  9.861   -9.310  1.00 29.86 ?  62  TYR A CG  1 
ATOM   449  C CD1 . TYR A 1 62  ? -3.394  9.979   -7.959  1.00 29.75 ?  62  TYR A CD1 1 
ATOM   450  C CD2 . TYR A 1 62  ? -4.035  9.336   -10.167 1.00 31.30 ?  62  TYR A CD2 1 
ATOM   451  C CE1 . TYR A 1 62  ? -4.623  9.570   -7.478  1.00 31.30 ?  62  TYR A CE1 1 
ATOM   452  C CE2 . TYR A 1 62  ? -5.281  8.923   -9.695  1.00 32.08 ?  62  TYR A CE2 1 
ATOM   453  C CZ  . TYR A 1 62  ? -5.560  9.040   -8.337  1.00 32.33 ?  62  TYR A CZ  1 
ATOM   454  O OH  . TYR A 1 62  ? -6.783  8.643   -7.838  1.00 36.62 ?  62  TYR A OH  1 
ATOM   455  N N   . GLU A 1 63  ? 0.423   9.305   -11.939 1.00 29.38 ?  63  GLU A N   1 
ATOM   456  C CA  . GLU A 1 63  ? 1.316   9.830   -12.970 1.00 30.32 ?  63  GLU A CA  1 
ATOM   457  C C   . GLU A 1 63  ? 2.784   9.595   -12.645 1.00 28.41 ?  63  GLU A C   1 
ATOM   458  O O   . GLU A 1 63  ? 3.633   10.481  -12.756 1.00 29.29 ?  63  GLU A O   1 
ATOM   459  C CB  . GLU A 1 63  ? 1.022   11.304  -13.232 1.00 37.14 ?  63  GLU A CB  1 
ATOM   460  C CG  . GLU A 1 63  ? -0.387  11.470  -13.754 1.00 36.14 ?  63  GLU A CG  1 
ATOM   461  C CD  . GLU A 1 63  ? -0.977  12.827  -13.474 1.00 45.75 ?  63  GLU A CD  1 
ATOM   462  O OE1 . GLU A 1 63  ? -0.219  13.828  -13.427 1.00 48.63 ?  63  GLU A OE1 1 
ATOM   463  O OE2 . GLU A 1 63  ? -2.217  12.889  -13.346 1.00 47.54 -1 63  GLU A OE2 1 
ATOM   464  N N   . VAL A 1 64  ? 3.082   8.356   -12.285 1.00 27.08 ?  64  VAL A N   1 
ATOM   465  C CA  . VAL A 1 64  ? 4.464   7.926   -12.147 1.00 25.89 ?  64  VAL A CA  1 
ATOM   466  C C   . VAL A 1 64  ? 5.072   7.983   -13.543 1.00 26.97 ?  64  VAL A C   1 
ATOM   467  O O   . VAL A 1 64  ? 4.595   7.284   -14.456 1.00 26.91 ?  64  VAL A O   1 
ATOM   468  C CB  . VAL A 1 64  ? 4.535   6.517   -11.553 1.00 24.50 ?  64  VAL A CB  1 
ATOM   469  C CG1 . VAL A 1 64  ? 5.954   6.042   -11.544 1.00 23.19 ?  64  VAL A CG1 1 
ATOM   470  C CG2 . VAL A 1 64  ? 3.903   6.493   -10.148 1.00 23.75 ?  64  VAL A CG2 1 
ATOM   471  N N   . PRO A 1 65  ? 6.115   8.781   -13.761 1.00 28.12 ?  65  PRO A N   1 
ATOM   472  C CA  . PRO A 1 65  ? 6.599   9.012   -15.133 1.00 32.51 ?  65  PRO A CA  1 
ATOM   473  C C   . PRO A 1 65  ? 7.571   7.926   -15.580 1.00 26.01 ?  65  PRO A C   1 
ATOM   474  O O   . PRO A 1 65  ? 8.715   8.194   -15.923 1.00 30.89 ?  65  PRO A O   1 
ATOM   475  C CB  . PRO A 1 65  ? 7.259   10.391  -15.010 1.00 33.92 ?  65  PRO A CB  1 
ATOM   476  C CG  . PRO A 1 65  ? 7.838   10.381  -13.610 1.00 33.34 ?  65  PRO A CG  1 
ATOM   477  C CD  . PRO A 1 65  ? 6.863   9.586   -12.769 1.00 33.12 ?  65  PRO A CD  1 
ATOM   478  N N   . TYR A 1 66  ? 7.116   6.667   -15.537 1.00 25.40 ?  66  TYR A N   1 
ATOM   479  C CA  . TYR A 1 66  ? 8.015   5.567   -15.872 1.00 25.38 ?  66  TYR A CA  1 
ATOM   480  C C   . TYR A 1 66  ? 8.309   5.551   -17.360 1.00 28.84 ?  66  TYR A C   1 
ATOM   481  O O   . TYR A 1 66  ? 9.438   5.241   -17.762 1.00 29.43 ?  66  TYR A O   1 
ATOM   482  C CB  . TYR A 1 66  ? 7.423   4.229   -15.409 1.00 27.43 ?  66  TYR A CB  1 
ATOM   483  C CG  . TYR A 1 66  ? 8.335   3.080   -15.693 1.00 25.31 ?  66  TYR A CG  1 
ATOM   484  C CD1 . TYR A 1 66  ? 9.557   2.968   -15.053 1.00 26.16 ?  66  TYR A CD1 1 
ATOM   485  C CD2 . TYR A 1 66  ? 8.007   2.135   -16.660 1.00 24.44 ?  66  TYR A CD2 1 
ATOM   486  C CE1 . TYR A 1 66  ? 10.407  1.931   -15.350 1.00 26.98 ?  66  TYR A CE1 1 
ATOM   487  C CE2 . TYR A 1 66  ? 8.860   1.076   -16.956 1.00 28.08 ?  66  TYR A CE2 1 
ATOM   488  C CZ  . TYR A 1 66  ? 10.056  0.988   -16.293 1.00 27.45 ?  66  TYR A CZ  1 
ATOM   489  O OH  . TYR A 1 66  ? 10.909  -0.055  -16.600 1.00 26.11 ?  66  TYR A OH  1 
ATOM   490  N N   . HIS A 1 67  ? 7.308   5.909   -18.171 1.00 27.49 ?  67  HIS A N   1 
ATOM   491  C CA  . HIS A 1 67  ? 7.484   6.245   -19.590 1.00 30.79 ?  67  HIS A CA  1 
ATOM   492  C C   . HIS A 1 67  ? 8.119   5.099   -20.360 1.00 30.57 ?  67  HIS A C   1 
ATOM   493  O O   . HIS A 1 67  ? 8.965   5.309   -21.234 1.00 34.76 ?  67  HIS A O   1 
ATOM   494  C CB  . HIS A 1 67  ? 8.283   7.545   -19.754 1.00 28.75 ?  67  HIS A CB  1 
ATOM   495  C CG  . HIS A 1 67  ? 7.592   8.746   -19.181 1.00 30.51 ?  67  HIS A CG  1 
ATOM   496  N ND1 . HIS A 1 67  ? 8.230   9.953   -18.993 1.00 36.52 ?  67  HIS A ND1 1 
ATOM   497  C CD2 . HIS A 1 67  ? 6.320   8.923   -18.761 1.00 33.25 ?  67  HIS A CD2 1 
ATOM   498  C CE1 . HIS A 1 67  ? 7.375   10.826  -18.485 1.00 36.51 ?  67  HIS A CE1 1 
ATOM   499  N NE2 . HIS A 1 67  ? 6.207   10.227  -18.341 1.00 35.63 ?  67  HIS A NE2 1 
ATOM   500  N N   . ASP A 1 68  ? 7.695   3.878   -20.032 1.00 29.83 ?  68  ASP A N   1 
ATOM   501  C CA  . ASP A 1 68  ? 8.167   2.671   -20.694 1.00 28.71 ?  68  ASP A CA  1 
ATOM   502  C C   . ASP A 1 68  ? 7.157   1.568   -20.426 1.00 28.79 ?  68  ASP A C   1 
ATOM   503  O O   . ASP A 1 68  ? 6.392   1.635   -19.461 1.00 30.26 ?  68  ASP A O   1 
ATOM   504  C CB  . ASP A 1 68  ? 9.554   2.262   -20.199 1.00 33.68 ?  68  ASP A CB  1 
ATOM   505  C CG  . ASP A 1 68  ? 10.521  2.021   -21.325 1.00 42.82 ?  68  ASP A CG  1 
ATOM   506  O OD1 . ASP A 1 68  ? 11.738  2.242   -21.114 1.00 49.03 ?  68  ASP A OD1 1 
ATOM   507  O OD2 . ASP A 1 68  ? 10.058  1.624   -22.421 1.00 44.22 -1 68  ASP A OD2 1 
ATOM   508  N N   . LYS A 1 69  ? 7.136   0.572   -21.312 1.00 28.01 ?  69  LYS A N   1 
ATOM   509  C CA  . LYS A 1 69  ? 6.305   -0.609  -21.108 1.00 26.06 ?  69  LYS A CA  1 
ATOM   510  C C   . LYS A 1 69  ? 6.819   -1.407  -19.911 1.00 27.25 ?  69  LYS A C   1 
ATOM   511  O O   . LYS A 1 69  ? 8.035   -1.573  -19.743 1.00 31.87 ?  69  LYS A O   1 
ATOM   512  C CB  . LYS A 1 69  ? 6.313   -1.479  -22.367 1.00 27.95 ?  69  LYS A CB  1 
ATOM   513  C CG  . LYS A 1 69  ? 5.462   -2.760  -22.308 1.00 27.57 ?  69  LYS A CG  1 
ATOM   514  C CD  . LYS A 1 69  ? 5.450   -3.479  -23.677 1.00 30.80 ?  69  LYS A CD  1 
ATOM   515  C CE  . LYS A 1 69  ? 4.564   -4.726  -23.690 1.00 30.89 ?  69  LYS A CE  1 
ATOM   516  N NZ  . LYS A 1 69  ? 5.086   -5.796  -22.788 1.00 38.10 ?  69  LYS A NZ  1 
ATOM   517  N N   . LEU A 1 70  ? 5.900   -1.939  -19.105 1.00 26.35 ?  70  LEU A N   1 
ATOM   518  C CA  . LEU A 1 70  ? 6.309   -2.692  -17.912 1.00 26.84 ?  70  LEU A CA  1 
ATOM   519  C C   . LEU A 1 70  ? 6.850   -4.067  -18.306 1.00 25.34 ?  70  LEU A C   1 
ATOM   520  O O   . LEU A 1 70  ? 6.179   -4.830  -19.003 1.00 26.84 ?  70  LEU A O   1 
ATOM   521  C CB  . LEU A 1 70  ? 5.139   -2.879  -16.947 1.00 28.36 ?  70  LEU A CB  1 
ATOM   522  C CG  . LEU A 1 70  ? 4.611   -1.668  -16.187 1.00 29.83 ?  70  LEU A CG  1 
ATOM   523  C CD1 . LEU A 1 70  ? 3.890   -2.128  -14.940 1.00 29.57 ?  70  LEU A CD1 1 
ATOM   524  C CD2 . LEU A 1 70  ? 5.720   -0.666  -15.872 1.00 27.05 ?  70  LEU A CD2 1 
ATOM   525  N N   . GLU A 1 71  ? 8.060   -4.411  -17.838 1.00 26.64 ?  71  GLU A N   1 
ATOM   526  C CA  . GLU A 1 71  ? 8.596   -5.750  -18.043 1.00 27.73 ?  71  GLU A CA  1 
ATOM   527  C C   . GLU A 1 71  ? 9.115   -6.268  -16.711 1.00 26.44 ?  71  GLU A C   1 
ATOM   528  O O   . GLU A 1 71  ? 9.646   -5.494  -15.917 1.00 28.16 ?  71  GLU A O   1 
ATOM   529  C CB  . GLU A 1 71  ? 9.718   -5.752  -19.091 1.00 27.15 ?  71  GLU A CB  1 
ATOM   530  C CG  . GLU A 1 71  ? 9.253   -5.133  -20.406 1.00 27.67 ?  71  GLU A CG  1 
ATOM   531  C CD  . GLU A 1 71  ? 8.421   -6.072  -21.250 1.00 34.93 ?  71  GLU A CD  1 
ATOM   532  O OE1 . GLU A 1 71  ? 8.073   -7.175  -20.785 1.00 32.37 ?  71  GLU A OE1 1 
ATOM   533  O OE2 . GLU A 1 71  ? 8.018   -5.654  -22.363 1.00 37.79 -1 71  GLU A OE2 1 
ATOM   534  N N   . LYS A 1 72  ? 8.960   -7.574  -16.473 1.00 28.76 ?  72  LYS A N   1 
ATOM   535  C CA  . LYS A 1 72  ? 9.252   -8.128  -15.151 1.00 30.27 ?  72  LYS A CA  1 
ATOM   536  C C   . LYS A 1 72  ? 10.702  -7.848  -14.729 1.00 30.90 ?  72  LYS A C   1 
ATOM   537  O O   . LYS A 1 72  ? 10.970  -7.461  -13.581 1.00 26.20 ?  72  LYS A O   1 
ATOM   538  C CB  . LYS A 1 72  ? 8.923   -9.628  -15.162 1.00 32.71 ?  72  LYS A CB  1 
ATOM   539  C CG  . LYS A 1 72  ? 9.512   -10.484 -14.054 1.00 38.54 ?  72  LYS A CG  1 
ATOM   540  C CD  . LYS A 1 72  ? 9.477   -11.964 -14.455 1.00 42.13 ?  72  LYS A CD  1 
ATOM   541  C CE  . LYS A 1 72  ? 10.879  -12.528 -14.752 1.00 41.81 ?  72  LYS A CE  1 
ATOM   542  N NZ  . LYS A 1 72  ? 11.907  -12.082 -13.749 1.00 46.09 ?  72  LYS A NZ  1 
ATOM   543  N N   . GLU A 1 73  ? 11.646  -7.979  -15.665 1.00 29.40 ?  73  GLU A N   1 
ATOM   544  C CA  . GLU A 1 73  ? 13.055  -7.766  -15.345 1.00 28.97 ?  73  GLU A CA  1 
ATOM   545  C C   . GLU A 1 73  ? 13.360  -6.319  -14.983 1.00 26.97 ?  73  GLU A C   1 
ATOM   546  O O   . GLU A 1 73  ? 14.411  -6.044  -14.396 1.00 26.16 ?  73  GLU A O   1 
ATOM   547  C CB  . GLU A 1 73  ? 13.890  -8.190  -16.545 1.00 27.86 ?  73  GLU A CB  1 
ATOM   548  C CG  . GLU A 1 73  ? 13.756  -7.217  -17.680 1.00 31.74 ?  73  GLU A CG  1 
ATOM   549  C CD  . GLU A 1 73  ? 12.957  -7.780  -18.823 1.00 36.40 ?  73  GLU A CD  1 
ATOM   550  O OE1 . GLU A 1 73  ? 12.065  -8.625  -18.554 1.00 37.42 ?  73  GLU A OE1 1 
ATOM   551  O OE2 . GLU A 1 73  ? 13.196  -7.356  -19.972 1.00 38.51 -1 73  GLU A OE2 1 
ATOM   552  N N   . ASP A 1 74  ? 12.455  -5.382  -15.287 1.00 22.42 ?  74  ASP A N   1 
ATOM   553  C CA  . ASP A 1 74  ? 12.668  -3.977  -15.000 1.00 22.95 ?  74  ASP A CA  1 
ATOM   554  C C   . ASP A 1 74  ? 11.931  -3.514  -13.745 1.00 23.54 ?  74  ASP A C   1 
ATOM   555  O O   . ASP A 1 74  ? 11.921  -2.312  -13.475 1.00 24.16 ?  74  ASP A O   1 
ATOM   556  C CB  . ASP A 1 74  ? 12.204  -3.093  -16.167 1.00 25.93 ?  74  ASP A CB  1 
ATOM   557  C CG  . ASP A 1 74  ? 12.949  -3.354  -17.442 1.00 29.40 ?  74  ASP A CG  1 
ATOM   558  O OD1 . ASP A 1 74  ? 14.147  -3.716  -17.375 1.00 27.15 ?  74  ASP A OD1 1 
ATOM   559  O OD2 . ASP A 1 74  ? 12.321  -3.183  -18.524 1.00 27.17 -1 74  ASP A OD2 1 
ATOM   560  N N   . MET A 1 75  ? 11.311  -4.418  -12.973 1.00 22.92 ?  75  MET A N   1 
ATOM   561  C CA  . MET A 1 75  ? 10.371  -3.891  -11.966 1.00 22.69 ?  75  MET A CA  1 
ATOM   562  C C   . MET A 1 75  ? 11.035  -3.135  -10.809 1.00 24.06 ?  75  MET A C   1 
ATOM   563  O O   . MET A 1 75  ? 10.382  -2.283  -10.199 1.00 24.21 ?  75  MET A O   1 
ATOM   564  C CB  . MET A 1 75  ? 9.463   -5.010  -11.459 1.00 24.16 ?  75  MET A CB  1 
ATOM   565  C CG  . MET A 1 75  ? 8.494   -5.447  -12.551 1.00 24.70 ?  75  MET A CG  1 
ATOM   566  S SD  . MET A 1 75  ? 7.280   -4.152  -13.037 1.00 25.74 ?  75  MET A SD  1 
ATOM   567  C CE  . MET A 1 75  ? 6.437   -3.761  -11.515 1.00 27.02 ?  75  MET A CE  1 
ATOM   568  N N   . LYS A 1 76  ? 12.312  -3.372  -10.515 1.00 25.52 ?  76  LYS A N   1 
ATOM   569  C CA  . LYS A 1 76  ? 12.978  -2.515  -9.539  1.00 25.33 ?  76  LYS A CA  1 
ATOM   570  C C   . LYS A 1 76  ? 13.044  -1.076  -10.039 1.00 24.72 ?  76  LYS A C   1 
ATOM   571  O O   . LYS A 1 76  ? 12.806  -0.134  -9.269  1.00 25.76 ?  76  LYS A O   1 
ATOM   572  C CB  . LYS A 1 76  ? 14.379  -3.048  -9.221  1.00 26.79 ?  76  LYS A CB  1 
ATOM   573  C CG  . LYS A 1 76  ? 15.248  -2.073  -8.433  1.00 29.75 ?  76  LYS A CG  1 
ATOM   574  C CD  . LYS A 1 76  ? 14.695  -1.785  -7.031  1.00 25.68 ?  76  LYS A CD  1 
ATOM   575  C CE  . LYS A 1 76  ? 15.698  -0.910  -6.273  1.00 27.44 ?  76  LYS A CE  1 
ATOM   576  N NZ  . LYS A 1 76  ? 15.134  -0.324  -5.038  1.00 25.40 ?  76  LYS A NZ  1 
ATOM   577  N N   . LEU A 1 77  ? 13.300  -0.899  -11.347 1.00 26.91 ?  77  LEU A N   1 
ATOM   578  C CA  . LEU A 1 77  ? 13.268  0.431   -11.947 1.00 24.89 ?  77  LEU A CA  1 
ATOM   579  C C   . LEU A 1 77  ? 11.899  1.065   -11.745 1.00 25.13 ?  77  LEU A C   1 
ATOM   580  O O   . LEU A 1 77  ? 11.794  2.236   -11.346 1.00 25.31 ?  77  LEU A O   1 
ATOM   581  C CB  . LEU A 1 77  ? 13.595  0.336   -13.446 1.00 25.65 ?  77  LEU A CB  1 
ATOM   582  C CG  . LEU A 1 77  ? 14.913  -0.359  -13.801 1.00 31.55 ?  77  LEU A CG  1 
ATOM   583  C CD1 . LEU A 1 77  ? 15.031  -0.549  -15.313 1.00 32.49 ?  77  LEU A CD1 1 
ATOM   584  C CD2 . LEU A 1 77  ? 16.079  0.439   -13.253 1.00 35.85 ?  77  LEU A CD2 1 
ATOM   585  N N   . PHE A 1 78  ? 10.838  0.279   -11.962 1.00 22.07 ?  78  PHE A N   1 
ATOM   586  C CA  . PHE A 1 78  ? 9.495   0.831   -11.822 1.00 22.63 ?  78  PHE A CA  1 
ATOM   587  C C   . PHE A 1 78  ? 9.235   1.175   -10.372 1.00 21.86 ?  78  PHE A C   1 
ATOM   588  O O   . PHE A 1 78  ? 8.716   2.262   -10.061 1.00 23.00 ?  78  PHE A O   1 
ATOM   589  C CB  . PHE A 1 78  ? 8.458   -0.168  -12.350 1.00 22.16 ?  78  PHE A CB  1 
ATOM   590  C CG  . PHE A 1 78  ? 7.053   0.334   -12.260 1.00 23.77 ?  78  PHE A CG  1 
ATOM   591  C CD1 . PHE A 1 78  ? 6.616   1.358   -13.074 1.00 24.60 ?  78  PHE A CD1 1 
ATOM   592  C CD2 . PHE A 1 78  ? 6.176   -0.201  -11.339 1.00 21.76 ?  78  PHE A CD2 1 
ATOM   593  C CE1 . PHE A 1 78  ? 5.328   1.830   -12.959 1.00 24.03 ?  78  PHE A CE1 1 
ATOM   594  C CE2 . PHE A 1 78  ? 4.880   0.272   -11.224 1.00 26.29 ?  78  PHE A CE2 1 
ATOM   595  C CZ  . PHE A 1 78  ? 4.464   1.283   -12.063 1.00 27.77 ?  78  PHE A CZ  1 
ATOM   596  N N   . TYR A 1 79  ? 9.679   0.291   -9.466  1.00 23.02 ?  79  TYR A N   1 
ATOM   597  C CA  . TYR A 1 79  ? 9.479   0.541   -8.047  1.00 22.63 ?  79  TYR A CA  1 
ATOM   598  C C   . TYR A 1 79  ? 10.134  1.858   -7.666  1.00 23.24 ?  79  TYR A C   1 
ATOM   599  O O   . TYR A 1 79  ? 9.531   2.684   -6.962  1.00 22.45 ?  79  TYR A O   1 
ATOM   600  C CB  . TYR A 1 79  ? 10.076  -0.611  -7.228  1.00 22.61 ?  79  TYR A CB  1 
ATOM   601  C CG  . TYR A 1 79  ? 10.026  -0.375  -5.726  1.00 24.57 ?  79  TYR A CG  1 
ATOM   602  C CD1 . TYR A 1 79  ? 11.038  0.325   -5.072  1.00 25.64 ?  79  TYR A CD1 1 
ATOM   603  C CD2 . TYR A 1 79  ? 8.982   -0.876  -4.973  1.00 27.24 ?  79  TYR A CD2 1 
ATOM   604  C CE1 . TYR A 1 79  ? 10.987  0.541   -3.684  1.00 25.61 ?  79  TYR A CE1 1 
ATOM   605  C CE2 . TYR A 1 79  ? 8.916   -0.668  -3.591  1.00 26.27 ?  79  TYR A CE2 1 
ATOM   606  C CZ  . TYR A 1 79  ? 9.927   0.044   -2.960  1.00 28.14 ?  79  TYR A CZ  1 
ATOM   607  O OH  . TYR A 1 79  ? 9.869   0.237   -1.585  1.00 27.81 ?  79  TYR A OH  1 
ATOM   608  N N   . ASP A 1 80  ? 11.355  2.082   -8.159  1.00 24.78 ?  80  ASP A N   1 
ATOM   609  C CA  . ASP A 1 80  ? 12.080  3.275   -7.759  1.00 24.83 ?  80  ASP A CA  1 
ATOM   610  C C   . ASP A 1 80  ? 11.364  4.509   -8.275  1.00 25.65 ?  80  ASP A C   1 
ATOM   611  O O   . ASP A 1 80  ? 11.151  5.465   -7.518  1.00 28.42 ?  80  ASP A O   1 
ATOM   612  C CB  . ASP A 1 80  ? 13.529  3.205   -8.232  1.00 26.47 ?  80  ASP A CB  1 
ATOM   613  C CG  . ASP A 1 80  ? 14.390  2.302   -7.351  1.00 29.82 ?  80  ASP A CG  1 
ATOM   614  O OD1 . ASP A 1 80  ? 13.903  1.840   -6.299  1.00 27.21 ?  80  ASP A OD1 1 
ATOM   615  O OD2 . ASP A 1 80  ? 15.545  2.037   -7.743  1.00 30.76 -1 80  ASP A OD2 1 
ATOM   616  N N   . LYS A 1 81  ? 10.886  4.452   -9.531  1.00 24.02 ?  81  LYS A N   1 
ATOM   617  C CA  . LYS A 1 81  ? 10.174  5.601   -10.088 1.00 28.47 ?  81  LYS A CA  1 
ATOM   618  C C   . LYS A 1 81  ? 8.901   5.870   -9.307  1.00 23.97 ?  81  LYS A C   1 
ATOM   619  O O   . LYS A 1 81  ? 8.587   7.028   -8.982  1.00 26.60 ?  81  LYS A O   1 
ATOM   620  C CB  . LYS A 1 81  ? 9.858   5.374   -11.568 1.00 26.60 ?  81  LYS A CB  1 
ATOM   621  C CG  . LYS A 1 81  ? 11.029  5.624   -12.486 1.00 35.83 ?  81  LYS A CG  1 
ATOM   622  C CD  . LYS A 1 81  ? 11.159  7.128   -12.766 1.00 38.68 ?  81  LYS A CD  1 
ATOM   623  C CE  . LYS A 1 81  ? 11.994  7.376   -14.020 1.00 41.37 ?  81  LYS A CE  1 
ATOM   624  N NZ  . LYS A 1 81  ? 13.123  8.322   -13.798 1.00 46.86 ?  81  LYS A NZ  1 
ATOM   625  N N   . TRP A 1 82  ? 8.193   4.796   -8.926  1.00 25.24 ?  82  TRP A N   1 
ATOM   626  C CA  . TRP A 1 82  ? 6.981   4.973   -8.140  1.00 22.18 ?  82  TRP A CA  1 
ATOM   627  C C   . TRP A 1 82  ? 7.308   5.649   -6.818  1.00 25.66 ?  82  TRP A C   1 
ATOM   628  O O   . TRP A 1 82  ? 6.670   6.641   -6.435  1.00 27.34 ?  82  TRP A O   1 
ATOM   629  C CB  . TRP A 1 82  ? 6.289   3.625   -7.899  1.00 24.14 ?  82  TRP A CB  1 
ATOM   630  C CG  . TRP A 1 82  ? 5.388   3.704   -6.713  1.00 22.02 ?  82  TRP A CG  1 
ATOM   631  C CD1 . TRP A 1 82  ? 4.224   4.378   -6.654  1.00 21.08 ?  82  TRP A CD1 1 
ATOM   632  C CD2 . TRP A 1 82  ? 5.599   3.151   -5.398  1.00 21.86 ?  82  TRP A CD2 1 
ATOM   633  N NE1 . TRP A 1 82  ? 3.669   4.275   -5.398  1.00 24.32 ?  82  TRP A NE1 1 
ATOM   634  C CE2 . TRP A 1 82  ? 4.497   3.521   -4.614  1.00 25.16 ?  82  TRP A CE2 1 
ATOM   635  C CE3 . TRP A 1 82  ? 6.611   2.365   -4.812  1.00 24.62 ?  82  TRP A CE3 1 
ATOM   636  C CZ2 . TRP A 1 82  ? 4.371   3.155   -3.277  1.00 24.51 ?  82  TRP A CZ2 1 
ATOM   637  C CZ3 . TRP A 1 82  ? 6.483   2.008   -3.487  1.00 26.35 ?  82  TRP A CZ3 1 
ATOM   638  C CH2 . TRP A 1 82  ? 5.362   2.393   -2.736  1.00 25.67 ?  82  TRP A CH2 1 
ATOM   639  N N   . LEU A 1 83  ? 8.342   5.156   -6.129  1.00 25.14 ?  83  LEU A N   1 
ATOM   640  C CA  . LEU A 1 83  ? 8.642   5.721   -4.822  1.00 27.86 ?  83  LEU A CA  1 
ATOM   641  C C   . LEU A 1 83  ? 9.039   7.169   -4.975  1.00 31.03 ?  83  LEU A C   1 
ATOM   642  O O   . LEU A 1 83  ? 8.623   8.022   -4.184  1.00 34.90 ?  83  LEU A O   1 
ATOM   643  C CB  . LEU A 1 83  ? 9.759   4.934   -4.143  1.00 27.33 ?  83  LEU A CB  1 
ATOM   644  C CG  . LEU A 1 83  ? 9.793   5.083   -2.617  1.00 33.95 ?  83  LEU A CG  1 
ATOM   645  C CD1 . LEU A 1 83  ? 8.457   4.693   -2.011  1.00 35.24 ?  83  LEU A CD1 1 
ATOM   646  C CD2 . LEU A 1 83  ? 10.896  4.213   -2.071  1.00 36.88 ?  83  LEU A CD2 1 
ATOM   647  N N   . GLU A 1 84  ? 9.801   7.466   -6.032  1.00 29.60 ?  84  GLU A N   1 
ATOM   648  C CA  . GLU A 1 84  ? 10.267  8.829   -6.232  1.00 30.75 ?  84  GLU A CA  1 
ATOM   649  C C   . GLU A 1 84  ? 9.089   9.763   -6.425  1.00 33.32 ?  84  GLU A C   1 
ATOM   650  O O   . GLU A 1 84  ? 9.077   10.884  -5.899  1.00 33.58 ?  84  GLU A O   1 
ATOM   651  C CB  . GLU A 1 84  ? 11.196  8.876   -7.433  1.00 34.51 ?  84  GLU A CB  1 
ATOM   652  C CG  . GLU A 1 84  ? 11.709  10.244  -7.760  1.00 38.16 ?  84  GLU A CG  1 
ATOM   653  C CD  . GLU A 1 84  ? 12.758  10.168  -8.843  1.00 43.15 ?  84  GLU A CD  1 
ATOM   654  O OE1 . GLU A 1 84  ? 12.514  9.471   -9.859  1.00 43.79 ?  84  GLU A OE1 1 
ATOM   655  O OE2 . GLU A 1 84  ? 13.847  10.747  -8.648  1.00 46.14 -1 84  GLU A OE2 1 
ATOM   656  N N   . LYS A 1 85  ? 8.070   9.301   -7.152  1.00 28.88 ?  85  LYS A N   1 
ATOM   657  C CA  . LYS A 1 85  ? 6.895   10.135  -7.337  1.00 32.07 ?  85  LYS A CA  1 
ATOM   658  C C   . LYS A 1 85  ? 6.099   10.210  -6.056  1.00 33.41 ?  85  LYS A C   1 
ATOM   659  O O   . LYS A 1 85  ? 5.549   11.266  -5.724  1.00 34.47 ?  85  LYS A O   1 
ATOM   660  C CB  . LYS A 1 85  ? 6.034   9.595   -8.481  1.00 31.34 ?  85  LYS A CB  1 
ATOM   661  C CG  . LYS A 1 85  ? 4.735   10.390  -8.720  1.00 31.06 ?  85  LYS A CG  1 
ATOM   662  C CD  . LYS A 1 85  ? 5.025   11.794  -9.210  1.00 33.85 ?  85  LYS A CD  1 
ATOM   663  C CE  . LYS A 1 85  ? 3.766   12.454  -9.742  1.00 38.10 ?  85  LYS A CE  1 
ATOM   664  N NZ  . LYS A 1 85  ? 4.061   13.802  -10.275 1.00 44.97 ?  85  LYS A NZ  1 
ATOM   665  N N   . ASP A 1 86  ? 6.035   9.103   -5.313  1.00 29.46 ?  86  ASP A N   1 
ATOM   666  C CA  . ASP A 1 86  ? 5.135   9.084   -4.169  1.00 31.73 ?  86  ASP A CA  1 
ATOM   667  C C   . ASP A 1 86  ? 5.617   10.044  -3.102  1.00 35.86 ?  86  ASP A C   1 
ATOM   668  O O   . ASP A 1 86  ? 4.808   10.701  -2.437  1.00 37.66 ?  86  ASP A O   1 
ATOM   669  C CB  . ASP A 1 86  ? 5.002   7.672   -3.607  1.00 30.17 ?  86  ASP A CB  1 
ATOM   670  C CG  . ASP A 1 86  ? 3.921   7.590   -2.536  1.00 28.84 ?  86  ASP A CG  1 
ATOM   671  O OD1 . ASP A 1 86  ? 2.716   7.642   -2.856  1.00 28.15 ?  86  ASP A OD1 1 
ATOM   672  O OD2 . ASP A 1 86  ? 4.297   7.503   -1.351  1.00 35.81 -1 86  ASP A OD2 1 
ATOM   673  N N   . GLN A 1 87  ? 6.933   10.156  -2.953  1.00 36.49 ?  87  GLN A N   1 
ATOM   674  C CA  . GLN A 1 87  ? 7.528   11.026  -1.951  1.00 37.98 ?  87  GLN A CA  1 
ATOM   675  C C   . GLN A 1 87  ? 7.318   12.499  -2.266  1.00 40.19 ?  87  GLN A C   1 
ATOM   676  O O   . GLN A 1 87  ? 7.427   13.331  -1.361  1.00 45.39 ?  87  GLN A O   1 
ATOM   677  C CB  . GLN A 1 87  ? 9.019   10.695  -1.843  1.00 39.91 ?  87  GLN A CB  1 
ATOM   678  C CG  . GLN A 1 87  ? 9.299   9.418   -1.053  1.00 42.54 ?  87  GLN A CG  1 
ATOM   679  C CD  . GLN A 1 87  ? 10.727  8.909   -1.220  1.00 48.34 ?  87  GLN A CD  1 
ATOM   680  O OE1 . GLN A 1 87  ? 11.484  9.395   -2.065  1.00 50.41 ?  87  GLN A OE1 1 
ATOM   681  N NE2 . GLN A 1 87  ? 11.097  7.915   -0.413  1.00 50.49 ?  87  GLN A NE2 1 
ATOM   682  N N   . GLN A 1 88  ? 7.019   12.844  -3.522  1.00 40.63 ?  88  GLN A N   1 
ATOM   683  C CA  . GLN A 1 88  ? 6.846   14.246  -3.896  1.00 42.46 ?  88  GLN A CA  1 
ATOM   684  C C   . GLN A 1 88  ? 5.484   14.807  -3.494  1.00 44.60 ?  88  GLN A C   1 
ATOM   685  O O   . GLN A 1 88  ? 5.387   15.992  -3.161  1.00 47.18 ?  88  GLN A O   1 
ATOM   686  C CB  . GLN A 1 88  ? 7.075   14.432  -5.403  1.00 43.03 ?  88  GLN A CB  1 
ATOM   687  C CG  . GLN A 1 88  ? 8.467   13.978  -5.851  1.00 42.58 ?  88  GLN A CG  1 
ATOM   688  C CD  . GLN A 1 88  ? 8.644   13.939  -7.358  1.00 41.90 ?  88  GLN A CD  1 
ATOM   689  O OE1 . GLN A 1 88  ? 7.989   14.678  -8.103  1.00 44.40 ?  88  GLN A OE1 1 
ATOM   690  N NE2 . GLN A 1 88  ? 9.544   13.075  -7.817  1.00 42.38 ?  88  GLN A NE2 1 
ATOM   691  N N   . GLU A 1 89  ? 4.419   14.004  -3.528  1.00 46.24 ?  89  GLU A N   1 
ATOM   692  C CA  . GLU A 1 89  ? 3.072   14.526  -3.313  1.00 48.60 ?  89  GLU A CA  1 
ATOM   693  C C   . GLU A 1 89  ? 2.301   13.712  -2.279  1.00 45.79 ?  89  GLU A C   1 
ATOM   694  O O   . GLU A 1 89  ? 2.648   12.577  -1.951  1.00 45.37 ?  89  GLU A O   1 
ATOM   695  C CB  . GLU A 1 89  ? 2.266   14.590  -4.622  1.00 49.32 ?  89  GLU A CB  1 
ATOM   696  C CG  . GLU A 1 89  ? 2.726   15.688  -5.586  1.00 54.60 ?  89  GLU A CG  1 
ATOM   697  C CD  . GLU A 1 89  ? 2.871   15.205  -7.024  1.00 54.74 ?  89  GLU A CD  1 
ATOM   698  O OE1 . GLU A 1 89  ? 2.859   13.973  -7.235  1.00 55.41 ?  89  GLU A OE1 1 
ATOM   699  O OE2 . GLU A 1 89  ? 3.003   16.054  -7.938  1.00 57.00 -1 89  GLU A OE2 1 
ATOM   700  N N   . GLU A 1 90  ? 1.236   14.324  -1.763  1.00 43.45 ?  90  GLU A N   1 
ATOM   701  C CA  . GLU A 1 90  ? 0.390   13.687  -0.758  1.00 43.43 ?  90  GLU A CA  1 
ATOM   702  C C   . GLU A 1 90  ? -0.535  12.685  -1.434  1.00 38.64 ?  90  GLU A C   1 
ATOM   703  O O   . GLU A 1 90  ? -1.443  13.066  -2.177  1.00 42.17 ?  90  GLU A O   1 
ATOM   704  C CB  . GLU A 1 90  ? -0.421  14.727  0.012   1.00 44.39 ?  90  GLU A CB  1 
ATOM   705  C CG  . GLU A 1 90  ? -1.242  14.121  1.142   1.00 48.54 ?  90  GLU A CG  1 
ATOM   706  C CD  . GLU A 1 90  ? -0.379  13.377  2.160   1.00 51.91 ?  90  GLU A CD  1 
ATOM   707  O OE1 . GLU A 1 90  ? 0.524   14.008  2.753   1.00 52.60 ?  90  GLU A OE1 1 
ATOM   708  O OE2 . GLU A 1 90  ? -0.609  12.166  2.372   1.00 49.43 -1 90  GLU A OE2 1 
ATOM   709  N N   . THR A 1 91  ? -0.334  11.404  -1.137  1.00 36.55 ?  91  THR A N   1 
ATOM   710  C CA  . THR A 1 91  ? -1.087  10.330  -1.760  1.00 35.03 ?  91  THR A CA  1 
ATOM   711  C C   . THR A 1 91  ? -1.991  9.573   -0.795  1.00 31.90 ?  91  THR A C   1 
ATOM   712  O O   . THR A 1 91  ? -2.754  8.719   -1.240  1.00 28.44 ?  91  THR A O   1 
ATOM   713  C CB  . THR A 1 91  ? -0.111  9.345   -2.417  1.00 32.64 ?  91  THR A CB  1 
ATOM   714  O OG1 . THR A 1 91  ? 0.761   8.833   -1.406  1.00 33.08 ?  91  THR A OG1 1 
ATOM   715  C CG2 . THR A 1 91  ? 0.739   10.061  -3.483  1.00 32.36 ?  91  THR A CG2 1 
ATOM   716  N N   . TYR A 1 92  ? -1.935  9.862   0.505   1.00 33.80 ?  92  TYR A N   1 
ATOM   717  C CA  . TYR A 1 92  ? -2.790  9.172   1.467   1.00 31.34 ?  92  TYR A CA  1 
ATOM   718  C C   . TYR A 1 92  ? -4.276  9.375   1.167   1.00 31.38 ?  92  TYR A C   1 
ATOM   719  O O   . TYR A 1 92  ? -4.711  10.473  0.817   1.00 32.44 ?  92  TYR A O   1 
ATOM   720  C CB  . TYR A 1 92  ? -2.463  9.666   2.872   1.00 34.72 ?  92  TYR A CB  1 
ATOM   721  C CG  . TYR A 1 92  ? -3.413  9.181   3.940   1.00 34.55 ?  92  TYR A CG  1 
ATOM   722  C CD1 . TYR A 1 92  ? -3.220  7.951   4.554   1.00 33.89 ?  92  TYR A CD1 1 
ATOM   723  C CD2 . TYR A 1 92  ? -4.475  9.970   4.364   1.00 38.19 ?  92  TYR A CD2 1 
ATOM   724  C CE1 . TYR A 1 92  ? -4.067  7.504   5.557   1.00 33.68 ?  92  TYR A CE1 1 
ATOM   725  C CE2 . TYR A 1 92  ? -5.340  9.534   5.375   1.00 39.21 ?  92  TYR A CE2 1 
ATOM   726  C CZ  . TYR A 1 92  ? -5.130  8.299   5.963   1.00 36.91 ?  92  TYR A CZ  1 
ATOM   727  O OH  . TYR A 1 92  ? -5.974  7.859   6.957   1.00 34.74 ?  92  TYR A OH  1 
ATOM   728  N N   . ILE A 1 93  ? -5.059  8.299   1.322   1.00 29.47 ?  93  ILE A N   1 
ATOM   729  C CA  . ILE A 1 93  ? -6.508  8.332   1.147   1.00 32.05 ?  93  ILE A CA  1 
ATOM   730  C C   . ILE A 1 93  ? -7.232  8.105   2.469   1.00 35.10 ?  93  ILE A C   1 
ATOM   731  O O   . ILE A 1 93  ? -8.024  8.954   2.903   1.00 31.91 ?  93  ILE A O   1 
ATOM   732  C CB  . ILE A 1 93  ? -6.974  7.294   0.103   1.00 33.41 ?  93  ILE A CB  1 
ATOM   733  C CG1 . ILE A 1 93  ? -6.350  7.542   -1.266  1.00 31.72 ?  93  ILE A CG1 1 
ATOM   734  C CG2 . ILE A 1 93  ? -8.504  7.336   0.003   1.00 32.74 ?  93  ILE A CG2 1 
ATOM   735  C CD1 . ILE A 1 93  ? -6.634  6.393   -2.213  1.00 38.35 ?  93  ILE A CD1 1 
ATOM   736  N N   . GLU A 1 94  ? -7.030  6.943   3.099   1.00 28.75 ?  94  GLU A N   1 
ATOM   737  C CA  . GLU A 1 94  ? -7.851  6.616   4.270   1.00 32.50 ?  94  GLU A CA  1 
ATOM   738  C C   . GLU A 1 94  ? -7.213  5.486   5.057   1.00 29.64 ?  94  GLU A C   1 
ATOM   739  O O   . GLU A 1 94  ? -6.298  4.822   4.575   1.00 26.73 ?  94  GLU A O   1 
ATOM   740  C CB  . GLU A 1 94  ? -9.282  6.214   3.887   1.00 34.41 ?  94  GLU A CB  1 
ATOM   741  C CG  . GLU A 1 94  ? -9.344  4.996   3.003   1.00 36.67 ?  94  GLU A CG  1 
ATOM   742  C CD  . GLU A 1 94  ? -10.677 4.873   2.302   1.00 40.90 ?  94  GLU A CD  1 
ATOM   743  O OE1 . GLU A 1 94  ? -11.613 5.607   2.679   1.00 42.46 ?  94  GLU A OE1 1 
ATOM   744  O OE2 . GLU A 1 94  ? -10.770 4.062   1.353   1.00 45.78 -1 94  GLU A OE2 1 
ATOM   745  N N   . SER A 1 95  ? -7.714  5.264   6.278   1.00 28.73 ?  95  SER A N   1 
ATOM   746  C CA  . SER A 1 95  ? -7.175  4.249   7.180   1.00 29.96 ?  95  SER A CA  1 
ATOM   747  C C   . SER A 1 95  ? -8.274  3.419   7.831   1.00 29.02 ?  95  SER A C   1 
ATOM   748  O O   . SER A 1 95  ? -9.382  3.905   8.103   1.00 28.75 ?  95  SER A O   1 
ATOM   749  C CB  . SER A 1 95  ? -6.337  4.869   8.308   1.00 31.24 ?  95  SER A CB  1 
ATOM   750  O OG  . SER A 1 95  ? -5.123  5.391   7.819   1.00 33.17 ?  95  SER A OG  1 
ATOM   751  N N   . VAL A 1 96  ? -7.950  2.160   8.093   1.00 25.92 ?  96  VAL A N   1 
ATOM   752  C CA  . VAL A 1 96  ? -8.724  1.324   9.002   1.00 27.05 ?  96  VAL A CA  1 
ATOM   753  C C   . VAL A 1 96  ? -7.761  0.767   10.041  1.00 25.46 ?  96  VAL A C   1 
ATOM   754  O O   . VAL A 1 96  ? -6.651  0.346   9.708   1.00 25.71 ?  96  VAL A O   1 
ATOM   755  C CB  . VAL A 1 96  ? -9.472  0.200   8.259   1.00 29.78 ?  96  VAL A CB  1 
ATOM   756  C CG1 . VAL A 1 96  ? -10.247 -0.669  9.233   1.00 28.20 ?  96  VAL A CG1 1 
ATOM   757  C CG2 . VAL A 1 96  ? -10.412 0.780   7.200   1.00 29.29 ?  96  VAL A CG2 1 
ATOM   758  N N   . PHE A 1 97  ? -8.164  0.780   11.307  1.00 26.16 ?  97  PHE A N   1 
ATOM   759  C CA  . PHE A 1 97  ? -7.326  0.303   12.399  1.00 26.29 ?  97  PHE A CA  1 
ATOM   760  C C   . PHE A 1 97  ? -7.819  -1.055  12.884  1.00 24.70 ?  97  PHE A C   1 
ATOM   761  O O   . PHE A 1 97  ? -8.994  -1.407  12.716  1.00 26.49 ?  97  PHE A O   1 
ATOM   762  C CB  . PHE A 1 97  ? -7.322  1.313   13.551  1.00 27.16 ?  97  PHE A CB  1 
ATOM   763  C CG  . PHE A 1 97  ? -6.644  2.605   13.209  1.00 26.38 ?  97  PHE A CG  1 
ATOM   764  C CD1 . PHE A 1 97  ? -7.325  3.587   12.499  1.00 28.79 ?  97  PHE A CD1 1 
ATOM   765  C CD2 . PHE A 1 97  ? -5.313  2.821   13.539  1.00 28.47 ?  97  PHE A CD2 1 
ATOM   766  C CE1 . PHE A 1 97  ? -6.711  4.778   12.169  1.00 31.30 ?  97  PHE A CE1 1 
ATOM   767  C CE2 . PHE A 1 97  ? -4.686  4.014   13.188  1.00 29.29 ?  97  PHE A CE2 1 
ATOM   768  C CZ  . PHE A 1 97  ? -5.386  4.991   12.522  1.00 29.20 ?  97  PHE A CZ  1 
ATOM   769  N N   . PHE A 1 98  ? -6.896  -1.828  13.456  1.00 24.10 ?  98  PHE A N   1 
ATOM   770  C CA  . PHE A 1 98  ? -7.113  -3.211  13.849  1.00 25.71 ?  98  PHE A CA  1 
ATOM   771  C C   . PHE A 1 98  ? -6.522  -3.450  15.224  1.00 27.32 ?  98  PHE A C   1 
ATOM   772  O O   . PHE A 1 98  ? -5.427  -2.971  15.524  1.00 29.55 ?  98  PHE A O   1 
ATOM   773  C CB  . PHE A 1 98  ? -6.469  -4.170  12.825  1.00 25.64 ?  98  PHE A CB  1 
ATOM   774  C CG  . PHE A 1 98  ? -7.149  -4.132  11.501  1.00 23.90 ?  98  PHE A CG  1 
ATOM   775  C CD1 . PHE A 1 98  ? -6.875  -3.120  10.600  1.00 24.33 ?  98  PHE A CD1 1 
ATOM   776  C CD2 . PHE A 1 98  ? -8.130  -5.049  11.188  1.00 26.42 ?  98  PHE A CD2 1 
ATOM   777  C CE1 . PHE A 1 98  ? -7.527  -3.047  9.391   1.00 27.96 ?  98  PHE A CE1 1 
ATOM   778  C CE2 . PHE A 1 98  ? -8.791  -4.984  9.958   1.00 27.52 ?  98  PHE A CE2 1 
ATOM   779  C CZ  . PHE A 1 98  ? -8.502  -3.973  9.083   1.00 27.67 ?  98  PHE A CZ  1 
ATOM   780  N N   . VAL A 1 99  ? -7.251  -4.209  16.048  1.00 28.16 ?  99  VAL A N   1 
ATOM   781  C CA  . VAL A 1 99  ? -6.708  -4.638  17.329  1.00 30.37 ?  99  VAL A CA  1 
ATOM   782  C C   . VAL A 1 99  ? -5.602  -5.667  17.135  1.00 31.02 ?  99  VAL A C   1 
ATOM   783  O O   . VAL A 1 99  ? -4.590  -5.650  17.847  1.00 29.99 ?  99  VAL A O   1 
ATOM   784  C CB  . VAL A 1 99  ? -7.842  -5.162  18.226  1.00 30.18 ?  99  VAL A CB  1 
ATOM   785  C CG1 . VAL A 1 99  ? -7.289  -6.023  19.359  1.00 31.33 ?  99  VAL A CG1 1 
ATOM   786  C CG2 . VAL A 1 99  ? -8.565  -3.991  18.811  1.00 28.67 ?  99  VAL A CG2 1 
ATOM   787  N N   . ASN A 1 100 ? -5.750  -6.580  16.188  1.00 30.23 ?  100 ASN A N   1 
ATOM   788  C CA  . ASN A 1 100 ? -4.671  -7.541  16.027  1.00 32.31 ?  100 ASN A CA  1 
ATOM   789  C C   . ASN A 1 100 ? -4.203  -7.641  14.585  1.00 32.36 ?  100 ASN A C   1 
ATOM   790  O O   . ASN A 1 100 ? -4.945  -7.400  13.623  1.00 31.58 ?  100 ASN A O   1 
ATOM   791  C CB  . ASN A 1 100 ? -5.038  -8.925  16.580  1.00 40.74 ?  100 ASN A CB  1 
ATOM   792  C CG  . ASN A 1 100 ? -6.318  -9.448  16.026  1.00 37.48 ?  100 ASN A CG  1 
ATOM   793  O OD1 . ASN A 1 100 ? -6.435  -9.654  14.828  1.00 41.04 ?  100 ASN A OD1 1 
ATOM   794  N ND2 . ASN A 1 100 ? -7.300  -9.682  16.900  1.00 38.04 ?  100 ASN A ND2 1 
ATOM   795  N N   . ARG A 1 101 ? -2.938  -8.035  14.471  1.00 33.08 ?  101 ARG A N   1 
ATOM   796  C CA  . ARG A 1 101 ? -2.226  -7.929  13.206  1.00 31.03 ?  101 ARG A CA  1 
ATOM   797  C C   . ARG A 1 101 ? -2.765  -8.911  12.176  1.00 30.16 ?  101 ARG A C   1 
ATOM   798  O O   . ARG A 1 101 ? -2.858  -8.576  10.987  1.00 29.83 ?  101 ARG A O   1 
ATOM   799  C CB  . ARG A 1 101 ? -0.737  -8.138  13.463  1.00 32.59 ?  101 ARG A CB  1 
ATOM   800  C CG  . ARG A 1 101 ? 0.078   -8.337  12.205  1.00 34.17 ?  101 ARG A CG  1 
ATOM   801  C CD  . ARG A 1 101 ? 1.538   -8.131  12.519  1.00 37.57 ?  101 ARG A CD  1 
ATOM   802  N NE  . ARG A 1 101 ? 2.371   -8.291  11.337  1.00 39.86 ?  101 ARG A NE  1 
ATOM   803  C CZ  . ARG A 1 101 ? 3.695   -8.276  11.361  1.00 40.60 ?  101 ARG A CZ  1 
ATOM   804  N NH1 . ARG A 1 101 ? 4.358   -8.080  12.489  1.00 38.42 ?  101 ARG A NH1 1 
ATOM   805  N NH2 . ARG A 1 101 ? 4.366   -8.442  10.224  1.00 43.30 ?  101 ARG A NH2 1 
ATOM   806  N N   . GLU A 1 102 ? -3.156  -10.110 12.612  1.00 30.40 ?  102 GLU A N   1 
ATOM   807  C CA  . GLU A 1 102 ? -3.698  -11.093 11.680  1.00 34.78 ?  102 GLU A CA  1 
ATOM   808  C C   . GLU A 1 102 ? -4.959  -10.573 10.993  1.00 34.61 ?  102 GLU A C   1 
ATOM   809  O O   . GLU A 1 102 ? -5.158  -10.816 9.796   1.00 32.91 ?  102 GLU A O   1 
ATOM   810  C CB  . GLU A 1 102 ? -3.985  -12.422 12.387  1.00 37.93 ?  102 GLU A CB  1 
ATOM   811  C CG  . GLU A 1 102 ? -4.959  -12.311 13.567  1.00 42.23 ?  102 GLU A CG  1 
ATOM   812  C CD  . GLU A 1 102 ? -4.259  -12.162 14.926  1.00 44.34 ?  102 GLU A CD  1 
ATOM   813  O OE1 . GLU A 1 102 ? -3.205  -11.476 15.022  1.00 41.49 ?  102 GLU A OE1 1 
ATOM   814  O OE2 . GLU A 1 102 ? -4.803  -12.710 15.917  1.00 50.30 -1 102 GLU A OE2 1 
ATOM   815  N N   . ASP A 1 103 ? -5.817  -9.848  11.727  1.00 31.15 ?  103 ASP A N   1 
ATOM   816  C CA  . ASP A 1 103 ? -7.002  -9.262  11.108  1.00 29.67 ?  103 ASP A CA  1 
ATOM   817  C C   . ASP A 1 103 ? -6.620  -8.196  10.086  1.00 29.98 ?  103 ASP A C   1 
ATOM   818  O O   . ASP A 1 103 ? -7.255  -8.082  9.033   1.00 30.04 ?  103 ASP A O   1 
ATOM   819  C CB  . ASP A 1 103 ? -7.927  -8.665  12.179  1.00 30.91 ?  103 ASP A CB  1 
ATOM   820  C CG  . ASP A 1 103 ? -8.620  -9.734  13.016  1.00 39.08 ?  103 ASP A CG  1 
ATOM   821  O OD1 . ASP A 1 103 ? -8.596  -10.911 12.589  1.00 33.86 ?  103 ASP A OD1 1 
ATOM   822  O OD2 . ASP A 1 103 ? -9.154  -9.406  14.121  1.00 35.05 -1 103 ASP A OD2 1 
ATOM   823  N N   . ALA A 1 104 ? -5.586  -7.404  10.383  1.00 30.01 ?  104 ALA A N   1 
ATOM   824  C CA  . ALA A 1 104 ? -5.163  -6.361  9.454   1.00 27.34 ?  104 ALA A CA  1 
ATOM   825  C C   . ALA A 1 104 ? -4.588  -6.983  8.182   1.00 27.29 ?  104 ALA A C   1 
ATOM   826  O O   . ALA A 1 104 ? -4.847  -6.509  7.063   1.00 28.59 ?  104 ALA A O   1 
ATOM   827  C CB  . ALA A 1 104 ? -4.134  -5.453  10.133  1.00 28.31 ?  104 ALA A CB  1 
ATOM   828  N N   . GLU A 1 105 ? -3.831  -8.066  8.334   1.00 29.03 ?  105 GLU A N   1 
ATOM   829  C CA  . GLU A 1 105 ? -3.247  -8.710  7.160   1.00 30.44 ?  105 GLU A CA  1 
ATOM   830  C C   . GLU A 1 105 ? -4.314  -9.426  6.341   1.00 33.15 ?  105 GLU A C   1 
ATOM   831  O O   . GLU A 1 105 ? -4.242  -9.443  5.105   1.00 31.08 ?  105 GLU A O   1 
ATOM   832  C CB  . GLU A 1 105 ? -2.137  -9.668  7.582   1.00 33.83 ?  105 GLU A CB  1 
ATOM   833  C CG  . GLU A 1 105 ? -0.924  -8.957  8.157   1.00 34.49 ?  105 GLU A CG  1 
ATOM   834  C CD  . GLU A 1 105 ? 0.063   -9.892  8.824   1.00 39.10 ?  105 GLU A CD  1 
ATOM   835  O OE1 . GLU A 1 105 ? -0.312  -11.040 9.131   1.00 44.21 ?  105 GLU A OE1 1 
ATOM   836  O OE2 . GLU A 1 105 ? 1.199   -9.461  9.084   1.00 36.99 -1 105 GLU A OE2 1 
ATOM   837  N N   . SER A 1 106 ? -5.313  -10.017 7.007   1.00 32.79 ?  106 SER A N   1 
ATOM   838  C CA  . SER A 1 106 ? -6.435  -10.630 6.302   1.00 33.28 ?  106 SER A CA  1 
ATOM   839  C C   . SER A 1 106 ? -7.241  -9.582  5.543   1.00 33.01 ?  106 SER A C   1 
ATOM   840  O O   . SER A 1 106 ? -7.672  -9.819  4.403   1.00 32.41 ?  106 SER A O   1 
ATOM   841  C CB  . SER A 1 106 ? -7.322  -11.387 7.296   1.00 35.72 ?  106 SER A CB  1 
ATOM   842  O OG  . SER A 1 106 ? -8.584  -11.681 6.712   1.00 41.37 ?  106 SER A OG  1 
ATOM   843  N N   . TYR A 1 107 ? -7.436  -8.410  6.151   1.00 30.72 ?  107 TYR A N   1 
ATOM   844  C CA  . TYR A 1 107 ? -8.104  -7.309  5.469   1.00 30.59 ?  107 TYR A CA  1 
ATOM   845  C C   . TYR A 1 107 ? -7.341  -6.902  4.217   1.00 27.06 ?  107 TYR A C   1 
ATOM   846  O O   . TYR A 1 107 ? -7.933  -6.725  3.149   1.00 27.26 ?  107 TYR A O   1 
ATOM   847  C CB  . TYR A 1 107 ? -8.232  -6.110  6.411   1.00 28.88 ?  107 TYR A CB  1 
ATOM   848  C CG  . TYR A 1 107 ? -8.877  -4.886  5.802   1.00 29.47 ?  107 TYR A CG  1 
ATOM   849  C CD1 . TYR A 1 107 ? -10.239 -4.850  5.559   1.00 33.70 ?  107 TYR A CD1 1 
ATOM   850  C CD2 . TYR A 1 107 ? -8.121  -3.770  5.457   1.00 29.66 ?  107 TYR A CD2 1 
ATOM   851  C CE1 . TYR A 1 107 ? -10.831 -3.733  5.013   1.00 33.61 ?  107 TYR A CE1 1 
ATOM   852  C CE2 . TYR A 1 107 ? -8.703  -2.656  4.888   1.00 28.66 ?  107 TYR A CE2 1 
ATOM   853  C CZ  . TYR A 1 107 ? -10.060 -2.639  4.682   1.00 31.28 ?  107 TYR A CZ  1 
ATOM   854  O OH  . TYR A 1 107 ? -10.658 -1.535  4.131   1.00 36.13 ?  107 TYR A OH  1 
ATOM   855  N N   . ILE A 1 108 ? -6.018  -6.738  4.334   1.00 28.60 ?  108 ILE A N   1 
ATOM   856  C CA  . ILE A 1 108 ? -5.214  -6.382  3.161   1.00 28.58 ?  108 ILE A CA  1 
ATOM   857  C C   . ILE A 1 108 ? -5.320  -7.461  2.092   1.00 28.52 ?  108 ILE A C   1 
ATOM   858  O O   . ILE A 1 108 ? -5.497  -7.166  0.899   1.00 28.68 ?  108 ILE A O   1 
ATOM   859  C CB  . ILE A 1 108 ? -3.746  -6.134  3.571   1.00 28.32 ?  108 ILE A CB  1 
ATOM   860  C CG1 . ILE A 1 108 ? -3.649  -4.872  4.420   1.00 27.73 ?  108 ILE A CG1 1 
ATOM   861  C CG2 . ILE A 1 108 ? -2.835  -5.985  2.326   1.00 29.09 ?  108 ILE A CG2 1 
ATOM   862  C CD1 . ILE A 1 108 ? -2.264  -4.632  4.994   1.00 31.14 ?  108 ILE A CD1 1 
ATOM   863  N N   . LYS A 1 109 ? -5.235  -8.730  2.499   1.00 29.62 ?  109 LYS A N   1 
ATOM   864  C CA  . LYS A 1 109 ? -5.061  -9.784  1.504   1.00 30.94 ?  109 LYS A CA  1 
ATOM   865  C C   . LYS A 1 109 ? -6.386  -10.074 0.796   1.00 32.04 ?  109 LYS A C   1 
ATOM   866  O O   . LYS A 1 109 ? -6.432  -10.159 -0.436  1.00 33.64 ?  109 LYS A O   1 
ATOM   867  C CB  . LYS A 1 109 ? -4.504  -11.041 2.185   1.00 35.54 ?  109 LYS A CB  1 
ATOM   868  C CG  . LYS A 1 109 ? -4.292  -12.282 1.287   1.00 42.06 ?  109 LYS A CG  1 
ATOM   869  C CD  . LYS A 1 109 ? -3.941  -11.897 -0.152  1.00 44.88 ?  109 LYS A CD  1 
ATOM   870  C CE  . LYS A 1 109 ? -3.736  -13.114 -1.068  1.00 48.87 ?  109 LYS A CE  1 
ATOM   871  N NZ  . LYS A 1 109 ? -2.703  -12.853 -2.117  1.00 39.29 ?  109 LYS A NZ  1 
ATOM   872  N N   . ASP A 1 110 ? -7.483  -10.204 1.548   1.00 31.44 ?  110 ASP A N   1 
ATOM   873  C CA  . ASP A 1 110 ? -8.747  -10.670 0.989   1.00 30.42 ?  110 ASP A CA  1 
ATOM   874  C C   . ASP A 1 110 ? -9.822  -9.611  0.808   1.00 32.86 ?  110 ASP A C   1 
ATOM   875  O O   . ASP A 1 110 ? -10.822 -9.886  0.130   1.00 34.20 ?  110 ASP A O   1 
ATOM   876  C CB  . ASP A 1 110 ? -9.319  -11.813 1.837   1.00 33.90 ?  110 ASP A CB  1 
ATOM   877  C CG  . ASP A 1 110 ? -8.533  -13.087 1.676   1.00 36.30 ?  110 ASP A CG  1 
ATOM   878  O OD1 . ASP A 1 110 ? -7.924  -13.248 0.593   1.00 44.88 ?  110 ASP A OD1 1 
ATOM   879  O OD2 . ASP A 1 110 ? -8.535  -13.938 2.586   1.00 40.57 -1 110 ASP A OD2 1 
ATOM   880  N N   . VAL A 1 111 ? -9.670  -8.424  1.379   1.00 31.30 ?  111 VAL A N   1 
ATOM   881  C CA  . VAL A 1 111 ? -10.592 -7.327  1.103   1.00 35.14 ?  111 VAL A CA  1 
ATOM   882  C C   . VAL A 1 111 ? -9.969  -6.331  0.139   1.00 33.27 ?  111 VAL A C   1 
ATOM   883  O O   . VAL A 1 111 ? -10.514 -6.061  -0.934  1.00 35.42 ?  111 VAL A O   1 
ATOM   884  C CB  . VAL A 1 111 ? -11.041 -6.634  2.410   1.00 30.06 ?  111 VAL A CB  1 
ATOM   885  C CG1 . VAL A 1 111 ? -12.006 -5.498  2.083   1.00 34.34 ?  111 VAL A CG1 1 
ATOM   886  C CG2 . VAL A 1 111 ? -11.677 -7.644  3.377   1.00 33.32 ?  111 VAL A CG2 1 
ATOM   887  N N   . LEU A 1 112 ? -8.791  -5.808  0.482   1.00 29.24 ?  112 LEU A N   1 
ATOM   888  C CA  . LEU A 1 112 ? -8.117  -4.905  -0.438  1.00 29.67 ?  112 LEU A CA  1 
ATOM   889  C C   . LEU A 1 112 ? -7.495  -5.644  -1.621  1.00 31.77 ?  112 LEU A C   1 
ATOM   890  O O   . LEU A 1 112 ? -7.278  -5.025  -2.669  1.00 30.49 ?  112 LEU A O   1 
ATOM   891  C CB  . LEU A 1 112 ? -7.060  -4.094  0.313   1.00 30.39 ?  112 LEU A CB  1 
ATOM   892  C CG  . LEU A 1 112 ? -7.639  -3.263  1.472   1.00 27.47 ?  112 LEU A CG  1 
ATOM   893  C CD1 . LEU A 1 112 ? -6.565  -2.317  2.031   1.00 30.31 ?  112 LEU A CD1 1 
ATOM   894  C CD2 . LEU A 1 112 ? -8.878  -2.505  1.063   1.00 31.76 ?  112 LEU A CD2 1 
ATOM   895  N N   . LYS A 1 113 ? -7.250  -6.955  -1.492  1.00 33.12 ?  113 LYS A N   1 
ATOM   896  C CA  . LYS A 1 113 ? -6.528  -7.739  -2.502  1.00 30.63 ?  113 LYS A CA  1 
ATOM   897  C C   . LYS A 1 113 ? -5.117  -7.200  -2.725  1.00 30.76 ?  113 LYS A C   1 
ATOM   898  O O   . LYS A 1 113 ? -4.600  -7.185  -3.849  1.00 32.14 ?  113 LYS A O   1 
ATOM   899  C CB  . LYS A 1 113 ? -7.297  -7.820  -3.828  1.00 32.66 ?  113 LYS A CB  1 
ATOM   900  C CG  . LYS A 1 113 ? -8.807  -7.931  -3.679  1.00 35.56 ?  113 LYS A CG  1 
ATOM   901  C CD  . LYS A 1 113 ? -9.221  -9.308  -3.208  1.00 38.93 ?  113 LYS A CD  1 
ATOM   902  C CE  . LYS A 1 113 ? -10.724 -9.438  -3.321  1.00 42.28 ?  113 LYS A CE  1 
ATOM   903  N NZ  . LYS A 1 113 ? -11.171 -8.631  -4.501  1.00 49.90 ?  113 LYS A NZ  1 
ATOM   904  N N   . GLY A 1 114 ? -4.473  -6.783  -1.641  1.00 28.85 ?  114 GLY A N   1 
ATOM   905  C CA  . GLY A 1 114 ? -3.105  -6.309  -1.737  1.00 28.59 ?  114 GLY A CA  1 
ATOM   906  C C   . GLY A 1 114 ? -2.121  -7.461  -1.865  1.00 30.03 ?  114 GLY A C   1 
ATOM   907  O O   . GLY A 1 114 ? -2.282  -8.522  -1.257  1.00 29.75 ?  114 GLY A O   1 
ATOM   908  N N   . LYS A 1 115 ? -1.091  -7.235  -2.676  1.00 27.77 ?  115 LYS A N   1 
ATOM   909  C CA  . LYS A 1 115 ? -0.003  -8.178  -2.889  1.00 25.64 ?  115 LYS A CA  1 
ATOM   910  C C   . LYS A 1 115 ? 1.276   -7.596  -2.316  1.00 26.48 ?  115 LYS A C   1 
ATOM   911  O O   . LYS A 1 115 ? 1.411   -6.381  -2.161  1.00 26.49 ?  115 LYS A O   1 
ATOM   912  C CB  . LYS A 1 115 ? 0.190   -8.454  -4.384  1.00 25.61 ?  115 LYS A CB  1 
ATOM   913  C CG  . LYS A 1 115 ? -1.022  -9.068  -5.072  1.00 29.81 ?  115 LYS A CG  1 
ATOM   914  C CD  . LYS A 1 115 ? -1.280  -10.467 -4.585  1.00 36.20 ?  115 LYS A CD  1 
ATOM   915  C CE  . LYS A 1 115 ? -2.460  -11.086 -5.325  1.00 42.52 ?  115 LYS A CE  1 
ATOM   916  N NZ  . LYS A 1 115 ? -2.518  -12.566 -5.127  1.00 51.64 ?  115 LYS A NZ  1 
ATOM   917  N N   . GLU A 1 116 ? 2.261   -8.462  -2.076  1.00 26.97 ?  116 GLU A N   1 
ATOM   918  C CA  . GLU A 1 116 ? 3.466   -7.991  -1.414  1.00 29.26 ?  116 GLU A CA  1 
ATOM   919  C C   . GLU A 1 116 ? 4.468   -7.314  -2.347  1.00 29.29 ?  116 GLU A C   1 
ATOM   920  O O   . GLU A 1 116 ? 5.462   -6.754  -1.868  1.00 30.78 ?  116 GLU A O   1 
ATOM   921  C CB  . GLU A 1 116 ? 4.117   -9.174  -0.676  1.00 33.17 ?  116 GLU A CB  1 
ATOM   922  C CG  . GLU A 1 116 ? 3.617   -9.273  0.756   1.00 36.29 ?  116 GLU A CG  1 
ATOM   923  C CD  . GLU A 1 116 ? 4.026   -10.560 1.460   1.00 44.00 ?  116 GLU A CD  1 
ATOM   924  O OE1 . GLU A 1 116 ? 3.672   -10.704 2.650   1.00 45.91 ?  116 GLU A OE1 1 
ATOM   925  O OE2 . GLU A 1 116 ? 4.702   -11.417 0.836   1.00 45.94 -1 116 GLU A OE2 1 
ATOM   926  N N   . SER A 1 117 ? 4.246   -7.338  -3.662  1.00 23.56 ?  117 SER A N   1 
ATOM   927  C CA  . SER A 1 117 ? 5.164   -6.721  -4.606  1.00 26.45 ?  117 SER A CA  1 
ATOM   928  C C   . SER A 1 117 ? 4.373   -6.143  -5.771  1.00 21.72 ?  117 SER A C   1 
ATOM   929  O O   . SER A 1 117 ? 3.273   -6.604  -6.077  1.00 24.02 ?  117 SER A O   1 
ATOM   930  C CB  . SER A 1 117 ? 6.189   -7.724  -5.151  1.00 25.81 ?  117 SER A CB  1 
ATOM   931  O OG  . SER A 1 117 ? 5.570   -8.649  -6.030  1.00 23.26 ?  117 SER A OG  1 
ATOM   932  N N   . LEU A 1 118 ? 4.972   -5.134  -6.417  1.00 23.95 ?  118 LEU A N   1 
ATOM   933  C CA  . LEU A 1 118 ? 4.416   -4.599  -7.659  1.00 21.01 ?  118 LEU A CA  1 
ATOM   934  C C   . LEU A 1 118 ? 4.406   -5.656  -8.750  1.00 23.70 ?  118 LEU A C   1 
ATOM   935  O O   . LEU A 1 118 ? 3.490   -5.694  -9.573  1.00 21.89 ?  118 LEU A O   1 
ATOM   936  C CB  . LEU A 1 118 ? 5.217   -3.371  -8.099  1.00 21.55 ?  118 LEU A CB  1 
ATOM   937  C CG  . LEU A 1 118 ? 4.898   -2.095  -7.317  1.00 19.98 ?  118 LEU A CG  1 
ATOM   938  C CD1 . LEU A 1 118 ? 5.979   -1.058  -7.478  1.00 21.86 ?  118 LEU A CD1 1 
ATOM   939  C CD2 . LEU A 1 118 ? 3.555   -1.517  -7.748  1.00 20.16 ?  118 LEU A CD2 1 
ATOM   940  N N   . THR A 1 119 ? 5.417   -6.531  -8.781  1.00 23.62 ?  119 THR A N   1 
ATOM   941  C CA  . THR A 1 119 ? 5.423   -7.565  -9.814  1.00 23.42 ?  119 THR A CA  1 
ATOM   942  C C   . THR A 1 119 ? 4.199   -8.463  -9.706  1.00 25.80 ?  119 THR A C   1 
ATOM   943  O O   . THR A 1 119 ? 3.569   -8.775  -10.719 1.00 24.49 ?  119 THR A O   1 
ATOM   944  C CB  . THR A 1 119 ? 6.716   -8.387  -9.741  1.00 24.58 ?  119 THR A CB  1 
ATOM   945  O OG1 . THR A 1 119 ? 7.840   -7.535  -9.969  1.00 24.88 ?  119 THR A OG1 1 
ATOM   946  C CG2 . THR A 1 119 ? 6.715   -9.496  -10.754 1.00 26.97 ?  119 THR A CG2 1 
ATOM   947  N N   . GLU A 1 120 ? 3.812   -8.849  -8.489  1.00 23.55 ?  120 GLU A N   1 
ATOM   948  C CA  . GLU A 1 120 ? 2.648   -9.718  -8.348  1.00 22.45 ?  120 GLU A CA  1 
ATOM   949  C C   . GLU A 1 120 ? 1.378   -9.046  -8.880  1.00 24.24 ?  120 GLU A C   1 
ATOM   950  O O   . GLU A 1 120 ? 0.575   -9.684  -9.579  1.00 24.98 ?  120 GLU A O   1 
ATOM   951  C CB  . GLU A 1 120 ? 2.465   -10.097 -6.883  1.00 24.94 ?  120 GLU A CB  1 
ATOM   952  C CG  . GLU A 1 120 ? 3.454   -11.154 -6.458  1.00 25.42 ?  120 GLU A CG  1 
ATOM   953  C CD  . GLU A 1 120 ? 3.549   -11.246 -4.967  1.00 26.53 ?  120 GLU A CD  1 
ATOM   954  O OE1 . GLU A 1 120 ? 4.193   -10.369 -4.361  1.00 27.05 ?  120 GLU A OE1 1 
ATOM   955  O OE2 . GLU A 1 120 ? 2.969   -12.193 -4.413  1.00 31.22 -1 120 GLU A OE2 1 
ATOM   956  N N   . VAL A 1 121 ? 1.181   -7.763  -8.551  1.00 23.67 ?  121 VAL A N   1 
ATOM   957  C CA  . VAL A 1 121 ? 0.007   -7.030  -9.039  1.00 24.28 ?  121 VAL A CA  1 
ATOM   958  C C   . VAL A 1 121 ? 0.050   -6.889  -10.550 1.00 27.78 ?  121 VAL A C   1 
ATOM   959  O O   . VAL A 1 121 ? -0.961  -7.097  -11.243 1.00 26.39 ?  121 VAL A O   1 
ATOM   960  C CB  . VAL A 1 121 ? -0.077  -5.647  -8.389  1.00 23.80 ?  121 VAL A CB  1 
ATOM   961  C CG1 . VAL A 1 121 ? -1.216  -4.864  -9.036  1.00 25.66 ?  121 VAL A CG1 1 
ATOM   962  C CG2 . VAL A 1 121 ? -0.310  -5.814  -6.924  1.00 26.41 ?  121 VAL A CG2 1 
ATOM   963  N N   . ALA A 1 122 ? 1.202   -6.464  -11.073 1.00 24.76 ?  122 ALA A N   1 
ATOM   964  C CA  . ALA A 1 122 ? 1.328   -6.264  -12.513 1.00 23.45 ?  122 ALA A CA  1 
ATOM   965  C C   . ALA A 1 122 ? 1.048   -7.557  -13.253 1.00 29.27 ?  122 ALA A C   1 
ATOM   966  O O   . ALA A 1 122 ? 0.458   -7.533  -14.348 1.00 28.51 ?  122 ALA A O   1 
ATOM   967  C CB  . ALA A 1 122 ? 2.720   -5.729  -12.857 1.00 25.30 ?  122 ALA A CB  1 
ATOM   968  N N   . ALA A 1 123 ? 1.447   -8.691  -12.668 1.00 25.54 ?  123 ALA A N   1 
ATOM   969  C CA  . ALA A 1 123 ? 1.210   -9.980  -13.301 1.00 27.94 ?  123 ALA A CA  1 
ATOM   970  C C   . ALA A 1 123 ? -0.267  -10.309 -13.303 1.00 29.84 ?  123 ALA A C   1 
ATOM   971  O O   . ALA A 1 123 ? -0.815  -10.703 -14.339 1.00 33.51 ?  123 ALA A O   1 
ATOM   972  C CB  . ALA A 1 123 ? 2.018   -11.082 -12.604 1.00 28.55 ?  123 ALA A CB  1 
ATOM   973  N N   . GLU A 1 124 ? -0.951  -10.103 -12.175 1.00 31.23 ?  124 GLU A N   1 
ATOM   974  C CA  . GLU A 1 124 ? -2.358  -10.473 -12.166 1.00 32.68 ?  124 GLU A CA  1 
ATOM   975  C C   . GLU A 1 124 ? -3.179  -9.553  -13.071 1.00 34.30 ?  124 GLU A C   1 
ATOM   976  O O   . GLU A 1 124 ? -4.152  -10.006 -13.688 1.00 37.27 ?  124 GLU A O   1 
ATOM   977  C CB  . GLU A 1 124 ? -2.895  -10.498 -10.739 1.00 35.37 ?  124 GLU A CB  1 
ATOM   978  C CG  . GLU A 1 124 ? -4.397  -10.382 -10.633 1.00 40.37 ?  124 GLU A CG  1 
ATOM   979  C CD  . GLU A 1 124 ? -4.818  -10.049 -9.226  1.00 52.11 ?  124 GLU A CD  1 
ATOM   980  O OE1 . GLU A 1 124 ? -4.161  -10.565 -8.292  1.00 51.15 ?  124 GLU A OE1 1 
ATOM   981  O OE2 . GLU A 1 124 ? -5.779  -9.262  -9.055  1.00 57.52 -1 124 GLU A OE2 1 
ATOM   982  N N   . ILE A 1 125 ? -2.786  -8.282  -13.207 1.00 30.50 ?  125 ILE A N   1 
ATOM   983  C CA  . ILE A 1 125 ? -3.492  -7.393  -14.135 1.00 30.75 ?  125 ILE A CA  1 
ATOM   984  C C   . ILE A 1 125 ? -3.261  -7.822  -15.576 1.00 33.47 ?  125 ILE A C   1 
ATOM   985  O O   . ILE A 1 125 ? -4.158  -7.718  -16.423 1.00 37.50 ?  125 ILE A O   1 
ATOM   986  C CB  . ILE A 1 125 ? -3.082  -5.927  -13.909 1.00 30.05 ?  125 ILE A CB  1 
ATOM   987  C CG1 . ILE A 1 125 ? -3.507  -5.465  -12.512 1.00 29.51 ?  125 ILE A CG1 1 
ATOM   988  C CG2 . ILE A 1 125 ? -3.656  -5.010  -14.991 1.00 33.33 ?  125 ILE A CG2 1 
ATOM   989  C CD1 . ILE A 1 125 ? -2.881  -4.170  -12.145 1.00 32.78 ?  125 ILE A CD1 1 
ATOM   990  N N   . GLY A 1 126 ? -2.064  -8.296  -15.884 1.00 28.67 ?  126 GLY A N   1 
ATOM   991  C CA  . GLY A 1 126 ? -1.751  -8.709  -17.242 1.00 28.42 ?  126 GLY A CA  1 
ATOM   992  C C   . GLY A 1 126 ? -0.617  -7.984  -17.939 1.00 34.03 ?  126 GLY A C   1 
ATOM   993  O O   . GLY A 1 126 ? -0.493  -8.078  -19.169 1.00 30.29 ?  126 GLY A O   1 
ATOM   994  N N   . TYR A 1 127 ? 0.240   -7.269  -17.198 1.00 29.14 ?  127 TYR A N   1 
ATOM   995  C CA  . TYR A 1 127 ? 1.398   -6.669  -17.858 1.00 28.66 ?  127 TYR A CA  1 
ATOM   996  C C   . TYR A 1 127 ? 2.374   -7.732  -18.348 1.00 29.06 ?  127 TYR A C   1 
ATOM   997  O O   . TYR A 1 127 ? 3.101   -7.506  -19.321 1.00 33.48 ?  127 TYR A O   1 
ATOM   998  C CB  . TYR A 1 127 ? 2.093   -5.679  -16.913 1.00 25.54 ?  127 TYR A CB  1 
ATOM   999  C CG  . TYR A 1 127 ? 1.296   -4.394  -16.726 1.00 25.88 ?  127 TYR A CG  1 
ATOM   1000 C CD1 . TYR A 1 127 ? 1.407   -3.347  -17.644 1.00 26.72 ?  127 TYR A CD1 1 
ATOM   1001 C CD2 . TYR A 1 127 ? 0.457   -4.231  -15.646 1.00 26.43 ?  127 TYR A CD2 1 
ATOM   1002 C CE1 . TYR A 1 127 ? 0.696   -2.174  -17.473 1.00 26.48 ?  127 TYR A CE1 1 
ATOM   1003 C CE2 . TYR A 1 127 ? -0.277  -3.062  -15.471 1.00 25.48 ?  127 TYR A CE2 1 
ATOM   1004 C CZ  . TYR A 1 127 ? -0.132  -2.034  -16.368 1.00 23.83 ?  127 TYR A CZ  1 
ATOM   1005 O OH  . TYR A 1 127 ? -0.870  -0.887  -16.182 1.00 24.01 ?  127 TYR A OH  1 
ATOM   1006 N N   . PHE A 1 128 ? 2.401   -8.890  -17.695 1.00 30.90 ?  128 PHE A N   1 
ATOM   1007 C CA  . PHE A 1 128 ? 3.304   -9.981  -18.046 1.00 31.06 ?  128 PHE A CA  1 
ATOM   1008 C C   . PHE A 1 128 ? 2.880   -11.208 -17.252 1.00 31.89 ?  128 PHE A C   1 
ATOM   1009 O O   . PHE A 1 128 ? 2.011   -11.136 -16.380 1.00 31.73 ?  128 PHE A O   1 
ATOM   1010 C CB  . PHE A 1 128 ? 4.774   -9.634  -17.788 1.00 32.19 ?  128 PHE A CB  1 
ATOM   1011 C CG  . PHE A 1 128 ? 5.021   -8.874  -16.505 1.00 29.91 ?  128 PHE A CG  1 
ATOM   1012 C CD1 . PHE A 1 128 ? 4.872   -9.491  -15.278 1.00 30.26 ?  128 PHE A CD1 1 
ATOM   1013 C CD2 . PHE A 1 128 ? 5.452   -7.553  -16.550 1.00 29.68 ?  128 PHE A CD2 1 
ATOM   1014 C CE1 . PHE A 1 128 ? 5.111   -8.791  -14.106 1.00 27.65 ?  128 PHE A CE1 1 
ATOM   1015 C CE2 . PHE A 1 128 ? 5.712   -6.851  -15.374 1.00 24.82 ?  128 PHE A CE2 1 
ATOM   1016 C CZ  . PHE A 1 128 ? 5.544   -7.477  -14.163 1.00 25.62 ?  128 PHE A CZ  1 
ATOM   1017 N N   . GLU A 1 129 ? 3.480   -12.346 -17.572 1.00 39.14 ?  129 GLU A N   1 
ATOM   1018 C CA  . GLU A 1 129 ? 3.127   -13.547 -16.836 1.00 41.14 ?  129 GLU A CA  1 
ATOM   1019 C C   . GLU A 1 129 ? 4.177   -13.850 -15.773 1.00 37.76 ?  129 GLU A C   1 
ATOM   1020 O O   . GLU A 1 129 ? 5.308   -13.363 -15.818 1.00 39.29 ?  129 GLU A O   1 
ATOM   1021 C CB  . GLU A 1 129 ? 2.951   -14.743 -17.777 1.00 45.76 ?  129 GLU A CB  1 
ATOM   1022 C CG  . GLU A 1 129 ? 1.622   -14.729 -18.521 1.00 47.98 ?  129 GLU A CG  1 
ATOM   1023 C CD  . GLU A 1 129 ? 0.443   -15.202 -17.669 1.00 48.23 ?  129 GLU A CD  1 
ATOM   1024 O OE1 . GLU A 1 129 ? 0.652   -15.603 -16.502 1.00 48.12 ?  129 GLU A OE1 1 
ATOM   1025 O OE2 . GLU A 1 129 ? -0.703  -15.159 -18.171 1.00 51.43 -1 129 GLU A OE2 1 
ATOM   1026 N N   . LEU A 1 130 ? 3.774   -14.652 -14.797 1.00 42.11 ?  130 LEU A N   1 
ATOM   1027 C CA  . LEU A 1 130 ? 4.630   -14.967 -13.667 1.00 41.32 ?  130 LEU A CA  1 
ATOM   1028 C C   . LEU A 1 130 ? 4.811   -16.473 -13.548 1.00 45.81 ?  130 LEU A C   1 
ATOM   1029 O O   . LEU A 1 130 ? 5.441   -17.090 -14.416 1.00 51.56 ?  130 LEU A O   1 
ATOM   1030 C CB  . LEU A 1 130 ? 4.046   -14.375 -12.383 1.00 43.70 ?  130 LEU A CB  1 
ATOM   1031 C CG  . LEU A 1 130 ? 5.069   -13.806 -11.406 1.00 39.04 ?  130 LEU A CG  1 
ATOM   1032 C CD1 . LEU A 1 130 ? 6.286   -13.263 -12.145 1.00 42.30 ?  130 LEU A CD1 1 
ATOM   1033 C CD2 . LEU A 1 130 ? 4.437   -12.707 -10.592 1.00 37.76 ?  130 LEU A CD2 1 
HETATM 1034 O O   . HOH B 2 .   ? -9.207  3.534   0.220   1.00 48.83 ?  201 HOH A O   1 
HETATM 1035 O O   . HOH B 2 .   ? 1.075   -0.376  -21.541 1.00 42.58 ?  202 HOH A O   1 
HETATM 1036 O O   . HOH B 2 .   ? 3.402   -7.737  6.962   1.00 43.91 ?  203 HOH A O   1 
HETATM 1037 O O   . HOH B 2 .   ? -20.296 -0.074  12.771  1.00 46.02 ?  204 HOH A O   1 
HETATM 1038 O O   . HOH B 2 .   ? 3.606   8.528   0.571   1.00 43.80 ?  205 HOH A O   1 
HETATM 1039 O O   . HOH B 2 .   ? 3.015   10.668  -0.544  1.00 39.32 ?  206 HOH A O   1 
HETATM 1040 O O   . HOH B 2 .   ? 6.038   -5.107  0.231   1.00 32.84 ?  207 HOH A O   1 
HETATM 1041 O O   . HOH B 2 .   ? -9.311  3.972   -11.710 1.00 43.75 ?  208 HOH A O   1 
HETATM 1042 O O   . HOH B 2 .   ? 1.307   1.253   -25.595 1.00 31.19 ?  209 HOH A O   1 
HETATM 1043 O O   . HOH B 2 .   ? -15.119 -4.750  14.870  1.00 38.72 ?  210 HOH A O   1 
HETATM 1044 O O   . HOH B 2 .   ? 7.006   9.440   24.152  1.00 50.56 ?  211 HOH A O   1 
HETATM 1045 O O   . HOH B 2 .   ? 10.055  -2.098  -18.127 1.00 27.57 ?  212 HOH A O   1 
HETATM 1046 O O   . HOH B 2 .   ? -11.237 -5.012  -3.136  1.00 55.86 ?  213 HOH A O   1 
HETATM 1047 O O   . HOH B 2 .   ? 4.254   1.356   -22.892 1.00 29.97 ?  214 HOH A O   1 
HETATM 1048 O O   . HOH B 2 .   ? -2.763  -4.495  19.234  1.00 37.24 ?  215 HOH A O   1 
HETATM 1049 O O   . HOH B 2 .   ? -7.017  2.037   -8.405  1.00 35.60 ?  216 HOH A O   1 
HETATM 1050 O O   . HOH B 2 .   ? -18.882 2.164   16.966  1.00 33.74 ?  217 HOH A O   1 
HETATM 1051 O O   . HOH B 2 .   ? -0.302  4.248   2.539   1.00 31.50 ?  218 HOH A O   1 
HETATM 1052 O O   . HOH B 2 .   ? -5.405  -1.663  -13.798 1.00 33.63 ?  219 HOH A O   1 
HETATM 1053 O O   . HOH B 2 .   ? 10.113  -8.578  -10.725 1.00 33.94 ?  220 HOH A O   1 
HETATM 1054 O O   . HOH B 2 .   ? 13.926  -2.106  -3.543  1.00 33.48 ?  221 HOH A O   1 
HETATM 1055 O O   . HOH B 2 .   ? -8.604  3.584   -2.901  1.00 50.80 ?  222 HOH A O   1 
HETATM 1056 O O   . HOH B 2 .   ? -0.062  2.467   8.137   1.00 30.72 ?  223 HOH A O   1 
HETATM 1057 O O   . HOH B 2 .   ? 1.518   1.083   26.558  1.00 46.92 ?  224 HOH A O   1 
HETATM 1058 O O   . HOH B 2 .   ? -9.553  0.803   3.632   1.00 35.30 ?  225 HOH A O   1 
HETATM 1059 O O   . HOH B 2 .   ? 9.448   -3.719  -23.437 1.00 36.94 ?  226 HOH A O   1 
HETATM 1060 O O   . HOH B 2 .   ? 0.660   7.910   1.393   1.00 35.53 ?  227 HOH A O   1 
HETATM 1061 O O   . HOH B 2 .   ? 14.565  -4.562  -12.210 1.00 23.39 ?  228 HOH A O   1 
HETATM 1062 O O   . HOH B 2 .   ? 13.067  8.001   -3.676  1.00 40.03 ?  229 HOH A O   1 
HETATM 1063 O O   . HOH B 2 .   ? -5.442  -6.287  -6.212  1.00 36.25 ?  230 HOH A O   1 
HETATM 1064 O O   . HOH B 2 .   ? 1.787   -11.261 -2.210  1.00 34.81 ?  231 HOH A O   1 
HETATM 1065 O O   . HOH B 2 .   ? -11.789 4.200   6.970   1.00 36.66 ?  232 HOH A O   1 
HETATM 1066 O O   . HOH B 2 .   ? -9.109  -3.177  -3.409  1.00 41.25 ?  233 HOH A O   1 
HETATM 1067 O O   . HOH B 2 .   ? 3.793   -5.018  -20.272 1.00 30.40 ?  234 HOH A O   1 
HETATM 1068 O O   . HOH B 2 .   ? 9.167   10.374  -22.334 1.00 46.10 ?  235 HOH A O   1 
HETATM 1069 O O   . HOH B 2 .   ? 7.771   -0.807  -0.200  1.00 34.68 ?  236 HOH A O   1 
HETATM 1070 O O   . HOH B 2 .   ? 14.010  3.795   -11.739 1.00 34.90 ?  237 HOH A O   1 
HETATM 1071 O O   . HOH B 2 .   ? -4.182  9.873   -3.912  1.00 34.51 ?  238 HOH A O   1 
HETATM 1072 O O   . HOH B 2 .   ? 8.332   -9.089  -18.832 1.00 32.57 ?  239 HOH A O   1 
HETATM 1073 O O   . HOH B 2 .   ? -8.186  1.727   -15.101 1.00 32.45 ?  240 HOH A O   1 
HETATM 1074 O O   . HOH B 2 .   ? 7.771   -8.246  -1.678  1.00 32.06 ?  241 HOH A O   1 
HETATM 1075 O O   . HOH B 2 .   ? -7.206  1.190   4.453   1.00 32.78 ?  242 HOH A O   1 
HETATM 1076 O O   . HOH B 2 .   ? 12.953  1.035   -18.165 1.00 37.91 ?  243 HOH A O   1 
HETATM 1077 O O   . HOH B 2 .   ? -4.193  10.571  17.546  1.00 44.22 ?  244 HOH A O   1 
HETATM 1078 O O   . HOH B 2 .   ? -7.577  -16.290 1.339   1.00 36.66 ?  245 HOH A O   1 
HETATM 1079 O O   . HOH B 2 .   ? 11.287  8.109   -17.118 1.00 43.63 ?  246 HOH A O   1 
HETATM 1080 O O   . HOH B 2 .   ? -8.576  -6.710  14.792  1.00 28.53 ?  247 HOH A O   1 
HETATM 1081 O O   . HOH B 2 .   ? -1.669  -8.820  16.903  1.00 35.13 ?  248 HOH A O   1 
HETATM 1082 O O   . HOH B 2 .   ? -4.071  -13.121 8.508   1.00 38.39 ?  249 HOH A O   1 
HETATM 1083 O O   . HOH B 2 .   ? 6.314   -10.743 -2.480  1.00 31.01 ?  250 HOH A O   1 
HETATM 1084 O O   . HOH B 2 .   ? 2.430   -0.450  24.091  1.00 52.05 ?  251 HOH A O   1 
HETATM 1085 O O   . HOH B 2 .   ? 3.175   -1.404  -19.807 1.00 26.39 ?  252 HOH A O   1 
HETATM 1086 O O   . HOH B 2 .   ? 13.183  5.913   -5.546  1.00 34.07 ?  253 HOH A O   1 
HETATM 1087 O O   . HOH B 2 .   ? 7.556   6.687   14.019  1.00 38.39 ?  254 HOH A O   1 
HETATM 1088 O O   . HOH B 2 .   ? -16.929 2.972   12.115  1.00 46.89 ?  255 HOH A O   1 
HETATM 1089 O O   . HOH B 2 .   ? -7.581  -15.748 -0.777  1.00 53.76 ?  256 HOH A O   1 
HETATM 1090 O O   . HOH B 2 .   ? 0.352   11.333  -6.854  1.00 35.02 ?  257 HOH A O   1 
HETATM 1091 O O   . HOH B 2 .   ? -1.603  -9.643  3.958   1.00 38.21 ?  258 HOH A O   1 
HETATM 1092 O O   . HOH B 2 .   ? -2.621  7.163   14.955  1.00 40.00 ?  259 HOH A O   1 
HETATM 1093 O O   . HOH B 2 .   ? -1.932  -13.427 8.819   1.00 46.34 ?  260 HOH A O   1 
HETATM 1094 O O   . HOH B 2 .   ? 4.243   -8.741  -21.707 1.00 46.72 ?  261 HOH A O   1 
HETATM 1095 O O   . HOH B 2 .   ? -2.035  12.226  -4.913  1.00 43.89 ?  262 HOH A O   1 
HETATM 1096 O O   . HOH B 2 .   ? 12.308  1.457   -0.523  1.00 43.21 ?  263 HOH A O   1 
HETATM 1097 O O   . HOH B 2 .   ? -7.261  -9.953  19.821  1.00 34.75 ?  264 HOH A O   1 
HETATM 1098 O O   . HOH B 2 .   ? 9.524   9.375   -10.497 1.00 35.87 ?  265 HOH A O   1 
HETATM 1099 O O   . HOH B 2 .   ? -0.717  -12.616 -16.591 1.00 41.77 ?  266 HOH A O   1 
HETATM 1100 O O   . HOH B 2 .   ? 3.379   -8.107  15.301  1.00 40.03 ?  267 HOH A O   1 
HETATM 1101 O O   . HOH B 2 .   ? 4.715   12.855  -14.194 1.00 44.85 ?  268 HOH A O   1 
HETATM 1102 O O   . HOH B 2 .   ? 13.241  6.019   0.477   1.00 63.66 ?  269 HOH A O   1 
HETATM 1103 O O   . HOH B 2 .   ? -4.558  11.518  -1.988  1.00 40.97 ?  270 HOH A O   1 
HETATM 1104 O O   . HOH B 2 .   ? 12.033  5.186   -16.240 1.00 46.25 ?  271 HOH A O   1 
HETATM 1105 O O   . HOH B 2 .   ? 2.581   15.006  -13.821 1.00 53.41 ?  272 HOH A O   1 
HETATM 1106 O O   . HOH B 2 .   ? 3.990   -19.514 -15.615 1.00 48.75 ?  273 HOH A O   1 
HETATM 1107 O O   . HOH B 2 .   ? -8.009  -12.758 14.976  1.00 46.29 ?  274 HOH A O   1 
HETATM 1108 O O   . HOH B 2 .   ? -9.401  9.952   5.481   1.00 45.06 ?  275 HOH A O   1 
HETATM 1109 O O   . HOH B 2 .   ? -1.952  7.542   12.495  1.00 47.78 ?  276 HOH A O   1 
HETATM 1110 O O   . HOH B 2 .   ? -6.526  -5.814  -17.083 1.00 46.69 ?  277 HOH A O   1 
HETATM 1111 O O   . HOH B 2 .   ? 3.275   -0.220  -24.666 1.00 37.66 ?  278 HOH A O   1 
HETATM 1112 O O   . HOH B 2 .   ? -18.709 6.296   11.394  1.00 49.65 ?  279 HOH A O   1 
HETATM 1113 O O   . HOH B 2 .   ? -9.313  0.989   0.931   1.00 39.12 ?  280 HOH A O   1 
HETATM 1114 O O   . HOH B 2 .   ? 4.666   12.207  0.661   1.00 52.21 ?  281 HOH A O   1 
HETATM 1115 O O   . HOH B 2 .   ? -0.676  -5.519  19.582  1.00 39.11 ?  282 HOH A O   1 
HETATM 1116 O O   . HOH B 2 .   ? 1.914   -2.205  -22.828 1.00 33.90 ?  283 HOH A O   1 
HETATM 1117 O O   . HOH B 2 .   ? -12.359 6.963   5.990   1.00 48.57 ?  284 HOH A O   1 
HETATM 1118 O O   . HOH B 2 .   ? 1.046   4.811   6.992   1.00 45.95 ?  285 HOH A O   1 
HETATM 1119 O O   . HOH B 2 .   ? 1.559   16.786  -15.083 1.00 57.41 ?  286 HOH A O   1 
HETATM 1120 O O   . HOH B 2 .   ? 16.583  -2.937  -13.038 1.00 41.32 ?  287 HOH A O   1 
HETATM 1121 O O   . HOH B 2 .   ? -0.543  17.745  -12.536 1.00 58.38 ?  288 HOH A O   1 
HETATM 1122 O O   . HOH B 2 .   ? -2.554  17.020  -14.303 1.00 60.10 ?  289 HOH A O   1 
HETATM 1123 O O   . HOH B 2 .   ? -14.603 9.889   4.579   1.00 57.33 ?  290 HOH A O   1 
HETATM 1124 O O   . HOH B 2 .   ? -14.022 8.910   6.515   1.00 52.21 ?  291 HOH A O   1 
# 
